data_3FL6
# 
_entry.id   3FL6 
# 
_audit_conform.dict_name       mmcif_pdbx.dic 
_audit_conform.dict_version    5.387 
_audit_conform.dict_location   http://mmcif.pdb.org/dictionaries/ascii/mmcif_pdbx.dic 
# 
loop_
_database_2.database_id 
_database_2.database_code 
_database_2.pdbx_database_accession 
_database_2.pdbx_DOI 
PDB   3FL6         pdb_00003fl6 10.2210/pdb3fl6/pdb 
NDB   BD0108       ?            ?                   
RCSB  RCSB050725   ?            ?                   
WWPDB D_1000050725 ?            ?                   
# 
loop_
_pdbx_audit_revision_history.ordinal 
_pdbx_audit_revision_history.data_content_type 
_pdbx_audit_revision_history.major_revision 
_pdbx_audit_revision_history.minor_revision 
_pdbx_audit_revision_history.revision_date 
1 'Structure model' 1 0 2009-12-29 
2 'Structure model' 1 1 2011-07-13 
3 'Structure model' 1 2 2013-06-19 
4 'Structure model' 1 3 2018-06-06 
5 'Structure model' 1 4 2024-02-21 
# 
_pdbx_audit_revision_details.ordinal             1 
_pdbx_audit_revision_details.revision_ordinal    1 
_pdbx_audit_revision_details.data_content_type   'Structure model' 
_pdbx_audit_revision_details.provider            repository 
_pdbx_audit_revision_details.type                'Initial release' 
_pdbx_audit_revision_details.description         ? 
_pdbx_audit_revision_details.details             ? 
# 
loop_
_pdbx_audit_revision_group.ordinal 
_pdbx_audit_revision_group.revision_ordinal 
_pdbx_audit_revision_group.data_content_type 
_pdbx_audit_revision_group.group 
1 2 'Structure model' 'Version format compliance' 
2 3 'Structure model' 'Database references'       
3 4 'Structure model' 'Data collection'           
4 4 'Structure model' 'Refinement description'    
5 5 'Structure model' 'Data collection'           
6 5 'Structure model' 'Database references'       
7 5 'Structure model' 'Derived calculations'      
# 
loop_
_pdbx_audit_revision_category.ordinal 
_pdbx_audit_revision_category.revision_ordinal 
_pdbx_audit_revision_category.data_content_type 
_pdbx_audit_revision_category.category 
1 4 'Structure model' software       
2 5 'Structure model' chem_comp_atom 
3 5 'Structure model' chem_comp_bond 
4 5 'Structure model' database_2     
5 5 'Structure model' struct_conn    
6 5 'Structure model' struct_site    
# 
loop_
_pdbx_audit_revision_item.ordinal 
_pdbx_audit_revision_item.revision_ordinal 
_pdbx_audit_revision_item.data_content_type 
_pdbx_audit_revision_item.item 
1 4 'Structure model' '_software.classification'            
2 5 'Structure model' '_database_2.pdbx_DOI'                
3 5 'Structure model' '_database_2.pdbx_database_accession' 
4 5 'Structure model' '_struct_conn.pdbx_leaving_atom_flag' 
5 5 'Structure model' '_struct_site.pdbx_auth_asym_id'      
6 5 'Structure model' '_struct_site.pdbx_auth_comp_id'      
7 5 'Structure model' '_struct_site.pdbx_auth_seq_id'       
# 
_pdbx_database_status.entry_id                        3FL6 
_pdbx_database_status.deposit_site                    RCSB 
_pdbx_database_status.process_site                    RCSB 
_pdbx_database_status.recvd_initial_deposition_date   2008-12-18 
_pdbx_database_status.status_code                     REL 
_pdbx_database_status.status_code_sf                  REL 
_pdbx_database_status.status_code_mr                  ? 
_pdbx_database_status.SG_entry                        ? 
_pdbx_database_status.status_code_cs                  ? 
_pdbx_database_status.methods_development_category    ? 
_pdbx_database_status.pdb_format_compatible           Y 
_pdbx_database_status.status_code_nmr_data            ? 
# 
loop_
_pdbx_database_related.db_name 
_pdbx_database_related.db_id 
_pdbx_database_related.details 
_pdbx_database_related.content_type 
PDB 2h0n 'Contains the same type of synthetic nucleosides' unspecified 
PDB 2p8d 'Contains the same type of synthetic nucleosides' unspecified 
# 
loop_
_audit_author.name 
_audit_author.pdbx_ordinal 
'Robeyns, K.'      1 
'Herdewijn, P.'    2 
'Van Meervelt, L.' 3 
# 
loop_
_citation.id 
_citation.title 
_citation.journal_abbrev 
_citation.journal_volume 
_citation.page_first 
_citation.page_last 
_citation.year 
_citation.journal_id_ASTM 
_citation.country 
_citation.journal_id_ISSN 
_citation.journal_id_CSD 
_citation.book_publisher 
_citation.pdbx_database_id_PubMed 
_citation.pdbx_database_id_DOI 
primary 'Direct observation of two cyclohexenyl (CeNA) ring conformations in duplex DNA.'                                 
'Artif DNA PNA XNA'  1   2    8    2010 ?      US 1949-0968 ?    ? 21687521 10.4161/adna.1.1.10952 
1       'Influence of the incorporation of a cyclohexenyl nucleic acid (CeNA) residue onto the sequence d(CGCGAATTCGCG).' 
'Nucleic Acids Res.' 36  1407 1714 2008 NARHAD UK 0305-1048 0389 ? ?        ?                      
2       'Structure of the fully modified left-handed cyclohexene nucleic acid sequence GTGTACAC.'                         
J.Am.Chem.Soc.       130 1979 1984 2008 JACSAT US 0002-7863 0004 ? ?        ?                      
# 
loop_
_citation_author.citation_id 
_citation_author.name 
_citation_author.ordinal 
_citation_author.identifier_ORCID 
primary 'Robeyns, K.'      1 ? 
primary 'Herdewijn, P.'    2 ? 
primary 'Van Meervelt, L.' 3 ? 
1       'Robeyns, K.'      4 ? 
1       'Herdewijn, P.'    5 ? 
1       'Van Meervelt, L.' 6 ? 
2       'Robeyns, K.'      7 ? 
2       'Herdewijn, P.'    8 ? 
2       'Van Meervelt, L.' 9 ? 
# 
loop_
_entity.id 
_entity.type 
_entity.src_method 
_entity.pdbx_description 
_entity.formula_weight 
_entity.pdbx_number_of_molecules 
_entity.pdbx_ec 
_entity.pdbx_mutation 
_entity.pdbx_fragment 
_entity.details 
1 polymer     syn "5'-D(*GP*CP*GP*(XTR)P*GP*CP*G)-3'" 2164.460 2   ? ? ? ? 
2 polymer     syn "5'-D(*CP*GP*CP*AP*CP*GP*C)-3'"     2083.388 2   ? ? ? ? 
3 non-polymer syn 'COBALT HEXAMMINE(III)'             161.116  7   ? ? ? ? 
4 water       nat water                               18.015   130 ? ? ? ? 
# 
loop_
_entity_poly.entity_id 
_entity_poly.type 
_entity_poly.nstd_linkage 
_entity_poly.nstd_monomer 
_entity_poly.pdbx_seq_one_letter_code 
_entity_poly.pdbx_seq_one_letter_code_can 
_entity_poly.pdbx_strand_id 
_entity_poly.pdbx_target_identifier 
1 polydeoxyribonucleotide no yes '(DG)(DC)(DG)(XTR)(DG)(DC)(DG)' GCGTGCG A,C ? 
2 polydeoxyribonucleotide no no  '(DC)(DG)(DC)(DA)(DC)(DG)(DC)'  CGCACGC B,D ? 
# 
loop_
_pdbx_entity_nonpoly.entity_id 
_pdbx_entity_nonpoly.name 
_pdbx_entity_nonpoly.comp_id 
3 'COBALT HEXAMMINE(III)' NCO 
4 water                   HOH 
# 
loop_
_entity_poly_seq.entity_id 
_entity_poly_seq.num 
_entity_poly_seq.mon_id 
_entity_poly_seq.hetero 
1 1 DG  n 
1 2 DC  n 
1 3 DG  n 
1 4 XTR n 
1 5 DG  n 
1 6 DC  n 
1 7 DG  n 
2 1 DC  n 
2 2 DG  n 
2 3 DC  n 
2 4 DA  n 
2 5 DC  n 
2 6 DG  n 
2 7 DC  n 
# 
loop_
_chem_comp.id 
_chem_comp.type 
_chem_comp.mon_nstd_flag 
_chem_comp.name 
_chem_comp.pdbx_synonyms 
_chem_comp.formula 
_chem_comp.formula_weight 
DA  'DNA linking' y "2'-DEOXYADENOSINE-5'-MONOPHOSPHATE" ? 'C10 H14 N5 O6 P' 331.222 
DC  'DNA linking' y "2'-DEOXYCYTIDINE-5'-MONOPHOSPHATE" ? 'C9 H14 N3 O7 P'  307.197 
DG  'DNA linking' y "2'-DEOXYGUANOSINE-5'-MONOPHOSPHATE" ? 'C10 H14 N5 O7 P' 347.221 
HOH non-polymer   . WATER ? 'H2 O'            18.015  
NCO non-polymer   . 'COBALT HEXAMMINE(III)' ? 'Co H18 N6 3'     161.116 
XTR 'DNA linking' n 
'[(1R,4S,6S)-6-hydroxy-4-(5-methyl-2,4-dioxo-3,4-dihydropyrimidin-1(2H)-yl)cyclohex-2-en-1-yl]methyl dihydrogen phosphate' ? 
'C12 H17 N2 O7 P' 332.246 
# 
loop_
_pdbx_poly_seq_scheme.asym_id 
_pdbx_poly_seq_scheme.entity_id 
_pdbx_poly_seq_scheme.seq_id 
_pdbx_poly_seq_scheme.mon_id 
_pdbx_poly_seq_scheme.ndb_seq_num 
_pdbx_poly_seq_scheme.pdb_seq_num 
_pdbx_poly_seq_scheme.auth_seq_num 
_pdbx_poly_seq_scheme.pdb_mon_id 
_pdbx_poly_seq_scheme.auth_mon_id 
_pdbx_poly_seq_scheme.pdb_strand_id 
_pdbx_poly_seq_scheme.pdb_ins_code 
_pdbx_poly_seq_scheme.hetero 
A 1 1 DG  1 1 1 DG  G   A . n 
A 1 2 DC  2 2 2 DC  C   A . n 
A 1 3 DG  3 3 3 DG  G   A . n 
A 1 4 XTR 4 4 4 XTR XTR A . n 
A 1 5 DG  5 5 5 DG  G   A . n 
A 1 6 DC  6 6 6 DC  C   A . n 
A 1 7 DG  7 7 7 DG  G   A . n 
B 2 1 DC  1 1 1 DC  C   B . n 
B 2 2 DG  2 2 2 DG  G   B . n 
B 2 3 DC  3 3 3 DC  C   B . n 
B 2 4 DA  4 4 4 DA  A   B . n 
B 2 5 DC  5 5 5 DC  C   B . n 
B 2 6 DG  6 6 6 DG  G   B . n 
B 2 7 DC  7 7 7 DC  C   B . n 
C 1 1 DG  1 1 1 DG  G   C . n 
C 1 2 DC  2 2 2 DC  C   C . n 
C 1 3 DG  3 3 3 DG  G   C . n 
C 1 4 XTR 4 4 4 XTR XTR C . n 
C 1 5 DG  5 5 5 DG  G   C . n 
C 1 6 DC  6 6 6 DC  C   C . n 
C 1 7 DG  7 7 7 DG  G   C . n 
D 2 1 DC  1 1 1 DC  C   D . n 
D 2 2 DG  2 2 2 DG  G   D . n 
D 2 3 DC  3 3 3 DC  C   D . n 
D 2 4 DA  4 4 4 DA  A   D . n 
D 2 5 DC  5 5 5 DC  C   D . n 
D 2 6 DG  6 6 6 DG  G   D . n 
D 2 7 DC  7 7 7 DC  C   D . n 
# 
loop_
_pdbx_nonpoly_scheme.asym_id 
_pdbx_nonpoly_scheme.entity_id 
_pdbx_nonpoly_scheme.mon_id 
_pdbx_nonpoly_scheme.ndb_seq_num 
_pdbx_nonpoly_scheme.pdb_seq_num 
_pdbx_nonpoly_scheme.auth_seq_num 
_pdbx_nonpoly_scheme.pdb_mon_id 
_pdbx_nonpoly_scheme.auth_mon_id 
_pdbx_nonpoly_scheme.pdb_strand_id 
_pdbx_nonpoly_scheme.pdb_ins_code 
E 3 NCO 1  63  63  NCO NCO A . 
F 3 NCO 1  61  61  NCO NCO B . 
G 3 NCO 1  65  65  NCO NCO B . 
H 3 NCO 1  64  64  NCO NCO C . 
I 3 NCO 1  66  66  NCO NCO C . 
J 3 NCO 1  67  67  NCO NCO C . 
K 3 NCO 1  62  62  NCO NCO D . 
L 4 HOH 1  101 101 HOH HOH A . 
L 4 HOH 2  117 117 HOH HOH A . 
L 4 HOH 3  118 118 HOH HOH A . 
L 4 HOH 4  127 127 HOH HOH A . 
L 4 HOH 5  135 135 HOH HOH A . 
L 4 HOH 6  137 137 HOH HOH A . 
L 4 HOH 7  140 140 HOH HOH A . 
L 4 HOH 8  151 151 HOH HOH A . 
L 4 HOH 9  153 153 HOH HOH A . 
L 4 HOH 10 155 155 HOH HOH A . 
L 4 HOH 11 164 164 HOH HOH A . 
L 4 HOH 12 165 165 HOH HOH A . 
L 4 HOH 13 167 167 HOH HOH A . 
L 4 HOH 14 169 169 HOH HOH A . 
L 4 HOH 15 174 174 HOH HOH A . 
L 4 HOH 16 175 175 HOH HOH A . 
L 4 HOH 17 177 177 HOH HOH A . 
L 4 HOH 18 185 185 HOH HOH A . 
L 4 HOH 19 204 204 HOH HOH A . 
L 4 HOH 20 206 206 HOH HOH A . 
L 4 HOH 21 210 210 HOH HOH A . 
L 4 HOH 22 211 211 HOH HOH A . 
L 4 HOH 23 216 216 HOH HOH A . 
L 4 HOH 24 221 221 HOH HOH A . 
L 4 HOH 25 222 222 HOH HOH A . 
L 4 HOH 26 223 223 HOH HOH A . 
L 4 HOH 27 226 226 HOH HOH A . 
L 4 HOH 28 227 227 HOH HOH A . 
L 4 HOH 29 232 232 HOH HOH A . 
L 4 HOH 30 234 234 HOH HOH A . 
L 4 HOH 31 236 236 HOH HOH A . 
L 4 HOH 32 237 237 HOH HOH A . 
L 4 HOH 33 240 240 HOH HOH A . 
L 4 HOH 34 242 242 HOH HOH A . 
M 4 HOH 1  105 105 HOH HOH B . 
M 4 HOH 2  106 106 HOH HOH B . 
M 4 HOH 3  108 108 HOH HOH B . 
M 4 HOH 4  110 110 HOH HOH B . 
M 4 HOH 5  114 114 HOH HOH B . 
M 4 HOH 6  119 119 HOH HOH B . 
M 4 HOH 7  122 122 HOH HOH B . 
M 4 HOH 8  125 125 HOH HOH B . 
M 4 HOH 9  128 128 HOH HOH B . 
M 4 HOH 10 131 131 HOH HOH B . 
M 4 HOH 11 133 133 HOH HOH B . 
M 4 HOH 12 144 144 HOH HOH B . 
M 4 HOH 13 146 146 HOH HOH B . 
M 4 HOH 14 147 147 HOH HOH B . 
M 4 HOH 15 149 149 HOH HOH B . 
M 4 HOH 16 154 154 HOH HOH B . 
M 4 HOH 17 157 157 HOH HOH B . 
M 4 HOH 18 161 161 HOH HOH B . 
M 4 HOH 19 163 163 HOH HOH B . 
M 4 HOH 20 170 170 HOH HOH B . 
M 4 HOH 21 176 176 HOH HOH B . 
M 4 HOH 22 187 187 HOH HOH B . 
M 4 HOH 23 202 202 HOH HOH B . 
M 4 HOH 24 209 209 HOH HOH B . 
M 4 HOH 25 217 217 HOH HOH B . 
M 4 HOH 26 218 218 HOH HOH B . 
M 4 HOH 27 219 219 HOH HOH B . 
M 4 HOH 28 229 229 HOH HOH B . 
M 4 HOH 29 230 230 HOH HOH B . 
N 4 HOH 1  111 111 HOH HOH C . 
N 4 HOH 2  116 116 HOH HOH C . 
N 4 HOH 3  121 121 HOH HOH C . 
N 4 HOH 4  124 124 HOH HOH C . 
N 4 HOH 5  139 139 HOH HOH C . 
N 4 HOH 6  141 141 HOH HOH C . 
N 4 HOH 7  143 143 HOH HOH C . 
N 4 HOH 8  150 150 HOH HOH C . 
N 4 HOH 9  152 152 HOH HOH C . 
N 4 HOH 10 156 156 HOH HOH C . 
N 4 HOH 11 160 160 HOH HOH C . 
N 4 HOH 12 162 162 HOH HOH C . 
N 4 HOH 13 166 166 HOH HOH C . 
N 4 HOH 14 171 171 HOH HOH C . 
N 4 HOH 15 179 179 HOH HOH C . 
N 4 HOH 16 182 182 HOH HOH C . 
N 4 HOH 17 183 183 HOH HOH C . 
N 4 HOH 18 186 186 HOH HOH C . 
N 4 HOH 19 188 188 HOH HOH C . 
N 4 HOH 20 189 189 HOH HOH C . 
N 4 HOH 21 201 201 HOH HOH C . 
N 4 HOH 22 205 205 HOH HOH C . 
N 4 HOH 23 207 207 HOH HOH C . 
N 4 HOH 24 208 208 HOH HOH C . 
N 4 HOH 25 212 212 HOH HOH C . 
N 4 HOH 26 214 214 HOH HOH C . 
N 4 HOH 27 215 215 HOH HOH C . 
N 4 HOH 28 220 220 HOH HOH C . 
N 4 HOH 29 224 224 HOH HOH C . 
N 4 HOH 30 225 225 HOH HOH C . 
N 4 HOH 31 228 228 HOH HOH C . 
N 4 HOH 32 231 231 HOH HOH C . 
N 4 HOH 33 233 233 HOH HOH C . 
N 4 HOH 34 235 235 HOH HOH C . 
O 4 HOH 1  102 102 HOH HOH D . 
O 4 HOH 2  103 103 HOH HOH D . 
O 4 HOH 3  104 104 HOH HOH D . 
O 4 HOH 4  107 107 HOH HOH D . 
O 4 HOH 5  109 109 HOH HOH D . 
O 4 HOH 6  112 112 HOH HOH D . 
O 4 HOH 7  113 113 HOH HOH D . 
O 4 HOH 8  115 115 HOH HOH D . 
O 4 HOH 9  120 120 HOH HOH D . 
O 4 HOH 10 123 123 HOH HOH D . 
O 4 HOH 11 126 126 HOH HOH D . 
O 4 HOH 12 129 129 HOH HOH D . 
O 4 HOH 13 130 130 HOH HOH D . 
O 4 HOH 14 132 132 HOH HOH D . 
O 4 HOH 15 134 134 HOH HOH D . 
O 4 HOH 16 136 136 HOH HOH D . 
O 4 HOH 17 138 138 HOH HOH D . 
O 4 HOH 18 142 142 HOH HOH D . 
O 4 HOH 19 145 145 HOH HOH D . 
O 4 HOH 20 158 158 HOH HOH D . 
O 4 HOH 21 159 159 HOH HOH D . 
O 4 HOH 22 168 168 HOH HOH D . 
O 4 HOH 23 172 172 HOH HOH D . 
O 4 HOH 24 173 173 HOH HOH D . 
O 4 HOH 25 178 178 HOH HOH D . 
O 4 HOH 26 180 180 HOH HOH D . 
O 4 HOH 27 181 181 HOH HOH D . 
O 4 HOH 28 184 184 HOH HOH D . 
O 4 HOH 29 203 203 HOH HOH D . 
O 4 HOH 30 213 213 HOH HOH D . 
O 4 HOH 31 238 238 HOH HOH D . 
O 4 HOH 32 239 239 HOH HOH D . 
O 4 HOH 33 241 241 HOH HOH D . 
# 
loop_
_pdbx_unobs_or_zero_occ_atoms.id 
_pdbx_unobs_or_zero_occ_atoms.PDB_model_num 
_pdbx_unobs_or_zero_occ_atoms.polymer_flag 
_pdbx_unobs_or_zero_occ_atoms.occupancy_flag 
_pdbx_unobs_or_zero_occ_atoms.auth_asym_id 
_pdbx_unobs_or_zero_occ_atoms.auth_comp_id 
_pdbx_unobs_or_zero_occ_atoms.auth_seq_id 
_pdbx_unobs_or_zero_occ_atoms.PDB_ins_code 
_pdbx_unobs_or_zero_occ_atoms.auth_atom_id 
_pdbx_unobs_or_zero_occ_atoms.label_alt_id 
_pdbx_unobs_or_zero_occ_atoms.label_asym_id 
_pdbx_unobs_or_zero_occ_atoms.label_comp_id 
_pdbx_unobs_or_zero_occ_atoms.label_seq_id 
_pdbx_unobs_or_zero_occ_atoms.label_atom_id 
1 1 N 1 C NCO 67 ? N3 ? J NCO 1 N3 
2 1 N 1 C NCO 67 ? N4 ? J NCO 1 N4 
3 1 N 1 C NCO 67 ? N5 ? J NCO 1 N5 
4 1 N 1 C NCO 67 ? N6 ? J NCO 1 N6 
# 
loop_
_software.name 
_software.version 
_software.date 
_software.type 
_software.contact_author 
_software.contact_author_email 
_software.classification 
_software.location 
_software.language 
_software.citation_id 
_software.pdbx_ordinal 
MOSFLM      .      ?               package 'Andrew G.W. Leslie'  andrew@mrc-lmb.cam.ac.uk     'data reduction'  
http://www.mrc-lmb.cam.ac.uk/harry/mosflm/ ?          ? 1 
SCALA       3.2.19 22/12/2005      other   'Phil R. Evans'       pre@mrc-lmb.cam.ac.uk        'data scaling'    
http://www.ccp4.ac.uk/dist/html/scala.html Fortran_77 ? 2 
SHELX       .      ?               package 'George M. Sheldrick' gsheldr@shelx.uni-ac.gwdg.de phasing           
http://shelx.uni-ac.gwdg.de/SHELX/         Fortran_77 ? 3 
SHELX       .      ?               package 'George M. Sheldrick' gsheldr@shelx.uni-ac.gwdg.de 'model building'  
http://shelx.uni-ac.gwdg.de/SHELX/         Fortran_77 ? 4 
SHELX       .      ?               package 'George M. Sheldrick' gsheldr@shelx.uni-ac.gwdg.de refinement        
http://shelx.uni-ac.gwdg.de/SHELX/         Fortran_77 ? 5 
PDB_EXTRACT 3.006  'June 11, 2008' package PDB                   help@deposit.rcsb.org        'data extraction' 
http://sw-tools.pdb.org/apps/PDB_EXTRACT/  C++        ? 6 
SHELXD      .      ?               ?       ?                     ?                            phasing           ? ?          ? 7 
SHELXL-97   .      ?               ?       ?                     ?                            refinement        ? ?          ? 8 
# 
_cell.length_a           25.720 
_cell.length_b           33.570 
_cell.length_c           81.200 
_cell.angle_alpha        90.000 
_cell.angle_beta         90.000 
_cell.angle_gamma        90.000 
_cell.entry_id           3FL6 
_cell.pdbx_unique_axis   ? 
_cell.Z_PDB              8 
_cell.length_a_esd       ? 
_cell.length_b_esd       ? 
_cell.length_c_esd       ? 
_cell.angle_alpha_esd    ? 
_cell.angle_beta_esd     ? 
_cell.angle_gamma_esd    ? 
# 
_symmetry.space_group_name_H-M             'P 21 21 21' 
_symmetry.entry_id                         3FL6 
_symmetry.Int_Tables_number                19 
_symmetry.pdbx_full_space_group_name_H-M   ? 
_symmetry.cell_setting                     ? 
_symmetry.space_group_name_Hall            ? 
# 
_exptl.entry_id          3FL6 
_exptl.method            'X-RAY DIFFRACTION' 
_exptl.crystals_number   1 
# 
_exptl_crystal.id                    1 
_exptl_crystal.density_meas          ? 
_exptl_crystal.density_Matthews      2.06 
_exptl_crystal.density_percent_sol   40.38 
_exptl_crystal.description           ? 
_exptl_crystal.F_000                 ? 
_exptl_crystal.preparation           ? 
# 
_exptl_crystal_grow.crystal_id      1 
_exptl_crystal_grow.method          ? 
_exptl_crystal_grow.temp            289 
_exptl_crystal_grow.temp_details    ? 
_exptl_crystal_grow.pH              5.5 
_exptl_crystal_grow.pdbx_pH_range   ? 
_exptl_crystal_grow.pdbx_details    
;10%(v/v) 2-methyl-2,4-pentanediol (MPD), 20mM cobalt hexamine, 40mM potassium cacodylate buffered at pH=5.5, and 80/12mM KCl/NaCl, vapor diffusion, hanging drop, temperature 289K
;
# 
loop_
_exptl_crystal_grow_comp.crystal_id 
_exptl_crystal_grow_comp.id 
_exptl_crystal_grow_comp.sol_id 
_exptl_crystal_grow_comp.name 
_exptl_crystal_grow_comp.conc 
_exptl_crystal_grow_comp.volume 
_exptl_crystal_grow_comp.details 
1 1 1 MPD                    ? ? ? 
1 2 1 'cobalt hexamine'      ? ? ? 
1 3 1 'potassium cacodylate' ? ? ? 
1 4 1 KCl/NaCl               ? ? ? 
1 5 2 MPD                    ? ? ? 
1 6 2 'cobalt hexamine'      ? ? ? 
1 7 2 'potassium cacodylate' ? ? ? 
1 8 2 KCl/NaCl               ? ? ? 
# 
_diffrn.id                     1 
_diffrn.ambient_temp           100 
_diffrn.ambient_temp_details   ? 
_diffrn.crystal_id             1 
# 
_diffrn_detector.diffrn_id              1 
_diffrn_detector.detector               PIXEL 
_diffrn_detector.type                   'PSI PILATUS 6M' 
_diffrn_detector.pdbx_collection_date   2008-04-25 
_diffrn_detector.details                ? 
# 
_diffrn_radiation.diffrn_id                        1 
_diffrn_radiation.wavelength_id                    1 
_diffrn_radiation.pdbx_monochromatic_or_laue_m_l   M 
_diffrn_radiation.monochromator                    UNDULATOR 
_diffrn_radiation.pdbx_diffrn_protocol             'SINGLE WAVELENGTH' 
_diffrn_radiation.pdbx_scattering_type             x-ray 
# 
_diffrn_radiation_wavelength.id           1 
_diffrn_radiation_wavelength.wavelength   0.7749 
_diffrn_radiation_wavelength.wt           1.0 
# 
_diffrn_source.diffrn_id                   1 
_diffrn_source.source                      SYNCHROTRON 
_diffrn_source.type                        'SLS BEAMLINE X06SA' 
_diffrn_source.pdbx_synchrotron_site       SLS 
_diffrn_source.pdbx_synchrotron_beamline   X06SA 
_diffrn_source.pdbx_wavelength             0.7749 
_diffrn_source.pdbx_wavelength_list        ? 
# 
_reflns.entry_id                     3FL6 
_reflns.observed_criterion_sigma_I   0.000 
_reflns.observed_criterion_sigma_F   ? 
_reflns.d_resolution_low             19.86 
_reflns.d_resolution_high            1.170 
_reflns.number_obs                   24411 
_reflns.number_all                   ? 
_reflns.percent_possible_obs         99.6 
_reflns.pdbx_Rmerge_I_obs            0.09400 
_reflns.pdbx_Rsym_value              0.09400 
_reflns.pdbx_netI_over_sigmaI        3.7350 
_reflns.B_iso_Wilson_estimate        6.3 
_reflns.pdbx_redundancy              5.500 
_reflns.R_free_details               ? 
_reflns.pdbx_chi_squared             ? 
_reflns.pdbx_scaling_rejects         ? 
_reflns.pdbx_ordinal                 1 
_reflns.pdbx_diffrn_id               1 
# 
_reflns_shell.d_res_high             1.17 
_reflns_shell.d_res_low              1.23 
_reflns_shell.percent_possible_all   98.8 
_reflns_shell.Rmerge_I_obs           0.52000 
_reflns_shell.pdbx_Rsym_value        0.52000 
_reflns_shell.meanI_over_sigI_obs    1.300 
_reflns_shell.pdbx_redundancy        5.90 
_reflns_shell.percent_possible_obs   ? 
_reflns_shell.number_unique_all      ? 
_reflns_shell.number_measured_all    ? 
_reflns_shell.number_measured_obs    ? 
_reflns_shell.number_unique_obs      ? 
_reflns_shell.pdbx_chi_squared       ? 
_reflns_shell.pdbx_ordinal           1 
_reflns_shell.pdbx_diffrn_id         1 
# 
_refine.pdbx_refine_id                           'X-RAY DIFFRACTION' 
_refine.entry_id                                 3FL6 
_refine.ls_number_reflns_obs                     20137 
_refine.ls_number_reflns_all                     24372 
_refine.pdbx_ls_sigma_I                          ? 
_refine.pdbx_ls_sigma_F                          4.000 
_refine.pdbx_data_cutoff_high_absF               ? 
_refine.pdbx_data_cutoff_low_absF                ? 
_refine.pdbx_data_cutoff_high_rms_absF           ? 
_refine.ls_d_res_low                             19.86 
_refine.ls_d_res_high                            1.17 
_refine.ls_percent_reflns_obs                    99.5 
_refine.ls_R_factor_obs                          0.145 
_refine.ls_R_factor_all                          0.159 
_refine.ls_R_factor_R_work                       ? 
_refine.ls_R_factor_R_free                       ? 
_refine.ls_R_factor_R_free_error                 ? 
_refine.ls_R_factor_R_free_error_details         ? 
_refine.ls_percent_reflns_R_free                 ? 
_refine.ls_number_reflns_R_free                  1221 
_refine.ls_number_parameters                     6402 
_refine.ls_number_restraints                     9922 
_refine.occupancy_min                            0.22 
_refine.occupancy_max                            1.00 
_refine.correlation_coeff_Fo_to_Fc               ? 
_refine.correlation_coeff_Fo_to_Fc_free          ? 
_refine.B_iso_mean                               10.739 
_refine.aniso_B[1][1]                            ? 
_refine.aniso_B[2][2]                            ? 
_refine.aniso_B[3][3]                            ? 
_refine.aniso_B[1][2]                            ? 
_refine.aniso_B[1][3]                            ? 
_refine.aniso_B[2][3]                            ? 
_refine.solvent_model_details                    'MOEWS & KRETSINGER, J.MOL.BIOL.91(1973)201-228' 
_refine.solvent_model_param_ksol                 ? 
_refine.solvent_model_param_bsol                 ? 
_refine.pdbx_solvent_vdw_probe_radii             ? 
_refine.pdbx_solvent_ion_probe_radii             ? 
_refine.pdbx_solvent_shrinkage_radii             ? 
_refine.pdbx_ls_cross_valid_method               'FREE R' 
_refine.details                                  'ANISOTROPIC REFINEMENT REDUCED FREE R (NO CUTOFF) BY 4%' 
_refine.pdbx_starting_model                      ? 
_refine.pdbx_method_to_determine_struct          SAD 
_refine.pdbx_isotropic_thermal_model             ? 
_refine.pdbx_stereochemistry_target_values       'ENGH AND HUBER' 
_refine.pdbx_stereochem_target_val_spec_case     ? 
_refine.pdbx_R_Free_selection_details            RANDOM 
_refine.pdbx_overall_ESU_R                       ? 
_refine.pdbx_overall_ESU_R_Free                  ? 
_refine.overall_SU_ML                            ? 
_refine.pdbx_overall_phase_error                 ? 
_refine.overall_SU_B                             ? 
_refine.ls_redundancy_reflns_obs                 ? 
_refine.overall_SU_R_Cruickshank_DPI             ? 
_refine.overall_SU_R_free                        ? 
_refine.ls_wR_factor_R_free                      ? 
_refine.ls_wR_factor_R_work                      ? 
_refine.overall_FOM_free_R_set                   ? 
_refine.overall_FOM_work_R_set                   ? 
_refine.pdbx_diffrn_id                           1 
_refine.pdbx_TLS_residual_ADP_flag               ? 
_refine.pdbx_overall_SU_R_free_Cruickshank_DPI   ? 
_refine.pdbx_overall_SU_R_Blow_DPI               ? 
_refine.pdbx_overall_SU_R_free_Blow_DPI          ? 
# 
_refine_hist.pdbx_refine_id                   'X-RAY DIFFRACTION' 
_refine_hist.cycle_id                         LAST 
_refine_hist.pdbx_number_atoms_protein        0 
_refine_hist.pdbx_number_atoms_nucleic_acid   564 
_refine_hist.pdbx_number_atoms_ligand         45 
_refine_hist.number_atoms_solvent             130 
_refine_hist.number_atoms_total               739 
_refine_hist.d_res_high                       1.17 
_refine_hist.d_res_low                        19.86 
# 
loop_
_refine_ls_restr.type 
_refine_ls_restr.dev_ideal 
_refine_ls_restr.dev_ideal_target 
_refine_ls_restr.weight 
_refine_ls_restr.number 
_refine_ls_restr.pdbx_refine_id 
_refine_ls_restr.pdbx_restraint_function 
s_bond_d               0.009  ? ? ? 'X-RAY DIFFRACTION' ? 
s_angle_d              0.036  ? ? ? 'X-RAY DIFFRACTION' ? 
s_similar_dist         0.002  ? ? ? 'X-RAY DIFFRACTION' ? 
s_from_restr_planes    0.003  ? ? ? 'X-RAY DIFFRACTION' ? 
s_zero_chiral_vol      0.000  ? ? ? 'X-RAY DIFFRACTION' ? 
s_non_zero_chiral_vol  0.000  ? ? ? 'X-RAY DIFFRACTION' ? 
s_anti_bump_dis_restr  21.000 ? ? ? 'X-RAY DIFFRACTION' ? 
s_rigid_bond_adp_cmpnt ?      ? ? ? 'X-RAY DIFFRACTION' ? 
s_similar_adp_cmpnt    ?      ? ? ? 'X-RAY DIFFRACTION' ? 
s_approx_iso_adps      0.030  ? ? ? 'X-RAY DIFFRACTION' ? 
# 
_refine_ls_shell.pdbx_refine_id                   'X-RAY DIFFRACTION' 
_refine_ls_shell.pdbx_total_number_of_bins_used   ? 
_refine_ls_shell.d_res_high                       1.17 
_refine_ls_shell.d_res_low                        1.22 
_refine_ls_shell.number_reflns_R_work             ? 
_refine_ls_shell.R_factor_R_work                  0.194 
_refine_ls_shell.percent_reflns_obs               98.71 
_refine_ls_shell.R_factor_R_free                  ? 
_refine_ls_shell.R_factor_R_free_error            ? 
_refine_ls_shell.percent_reflns_R_free            ? 
_refine_ls_shell.number_reflns_R_free             ? 
_refine_ls_shell.number_reflns_all                ? 
_refine_ls_shell.R_factor_all                     ? 
_refine_ls_shell.redundancy_reflns_obs            ? 
_refine_ls_shell.number_reflns_obs                ? 
# 
_pdbx_refine.pdbx_refine_id                              'X-RAY DIFFRACTION' 
_pdbx_refine.entry_id                                    3FL6 
_pdbx_refine.R_factor_all_no_cutoff                      0.159 
_pdbx_refine.R_factor_obs_no_cutoff                      0.145 
_pdbx_refine.free_R_factor_no_cutoff                     ? 
_pdbx_refine.free_R_error_no_cutoff                      ? 
_pdbx_refine.free_R_val_test_set_size_perc_no_cutoff     ? 
_pdbx_refine.free_R_val_test_set_ct_no_cutoff            1221 
_pdbx_refine.R_factor_all_4sig_cutoff                    0.145 
_pdbx_refine.R_factor_obs_4sig_cutoff                    0.145 
_pdbx_refine.free_R_factor_4sig_cutoff                   ? 
_pdbx_refine.free_R_val_test_set_size_perc_4sig_cutoff   ? 
_pdbx_refine.free_R_val_test_set_ct_4sig_cutoff          ? 
_pdbx_refine.number_reflns_obs_4sig_cutoff               20136 
# 
_struct.entry_id                  3FL6 
_struct.title                     
'Influence of the incorporation of a cyclohexenyl nucleic acid (CeNA) residue onto the sequence d(GCGTGCG)/d(CGCACGC)' 
_struct.pdbx_model_details        ? 
_struct.pdbx_CASP_flag            ? 
_struct.pdbx_model_type_details   ? 
# 
_struct_keywords.entry_id        3FL6 
_struct_keywords.text            'double helix, CeNA, sugar modification, right-handed, DNA' 
_struct_keywords.pdbx_keywords   DNA 
# 
loop_
_struct_asym.id 
_struct_asym.pdbx_blank_PDB_chainid_flag 
_struct_asym.pdbx_modified 
_struct_asym.entity_id 
_struct_asym.details 
A N N 1 ? 
B N N 2 ? 
C N N 1 ? 
D N N 2 ? 
E N N 3 ? 
F N N 3 ? 
G N N 3 ? 
H N N 3 ? 
I N N 3 ? 
J N N 3 ? 
K N N 3 ? 
L N N 4 ? 
M N N 4 ? 
N N N 4 ? 
O N N 4 ? 
# 
loop_
_struct_ref.id 
_struct_ref.db_name 
_struct_ref.db_code 
_struct_ref.pdbx_db_accession 
_struct_ref.entity_id 
_struct_ref.pdbx_align_begin 
_struct_ref.pdbx_seq_one_letter_code 
_struct_ref.pdbx_db_isoform 
1 PDB 3FL6 3FL6 1 ? GCGTGCG ? 
2 PDB 3FL6 3FL6 2 ? CGCACGC ? 
# 
loop_
_struct_ref_seq.align_id 
_struct_ref_seq.ref_id 
_struct_ref_seq.pdbx_PDB_id_code 
_struct_ref_seq.pdbx_strand_id 
_struct_ref_seq.seq_align_beg 
_struct_ref_seq.pdbx_seq_align_beg_ins_code 
_struct_ref_seq.seq_align_end 
_struct_ref_seq.pdbx_seq_align_end_ins_code 
_struct_ref_seq.pdbx_db_accession 
_struct_ref_seq.db_align_beg 
_struct_ref_seq.pdbx_db_align_beg_ins_code 
_struct_ref_seq.db_align_end 
_struct_ref_seq.pdbx_db_align_end_ins_code 
_struct_ref_seq.pdbx_auth_seq_align_beg 
_struct_ref_seq.pdbx_auth_seq_align_end 
1 1 3FL6 A 1 ? 7 ? 3FL6 1 ? 7 ? 1 7 
2 1 3FL6 C 1 ? 7 ? 3FL6 1 ? 7 ? 1 7 
3 2 3FL6 B 1 ? 7 ? 3FL6 1 ? 7 ? 1 7 
4 2 3FL6 D 1 ? 7 ? 3FL6 1 ? 7 ? 1 7 
# 
loop_
_pdbx_struct_assembly.id 
_pdbx_struct_assembly.details 
_pdbx_struct_assembly.method_details 
_pdbx_struct_assembly.oligomeric_details 
_pdbx_struct_assembly.oligomeric_count 
1 author_defined_assembly ? dimeric 2 
2 author_defined_assembly ? dimeric 2 
# 
loop_
_pdbx_struct_assembly_gen.assembly_id 
_pdbx_struct_assembly_gen.oper_expression 
_pdbx_struct_assembly_gen.asym_id_list 
1 1 A,B,E,F,G,L,M   
2 1 C,D,H,I,J,K,N,O 
# 
_pdbx_struct_oper_list.id                   1 
_pdbx_struct_oper_list.type                 'identity operation' 
_pdbx_struct_oper_list.name                 1_555 
_pdbx_struct_oper_list.symmetry_operation   x,y,z 
_pdbx_struct_oper_list.matrix[1][1]         1.0000000000 
_pdbx_struct_oper_list.matrix[1][2]         0.0000000000 
_pdbx_struct_oper_list.matrix[1][3]         0.0000000000 
_pdbx_struct_oper_list.vector[1]            0.0000000000 
_pdbx_struct_oper_list.matrix[2][1]         0.0000000000 
_pdbx_struct_oper_list.matrix[2][2]         1.0000000000 
_pdbx_struct_oper_list.matrix[2][3]         0.0000000000 
_pdbx_struct_oper_list.vector[2]            0.0000000000 
_pdbx_struct_oper_list.matrix[3][1]         0.0000000000 
_pdbx_struct_oper_list.matrix[3][2]         0.0000000000 
_pdbx_struct_oper_list.matrix[3][3]         1.0000000000 
_pdbx_struct_oper_list.vector[3]            0.0000000000 
# 
_struct_biol.id        1 
_struct_biol.details   ? 
# 
loop_
_struct_conn.id 
_struct_conn.conn_type_id 
_struct_conn.pdbx_leaving_atom_flag 
_struct_conn.pdbx_PDB_id 
_struct_conn.ptnr1_label_asym_id 
_struct_conn.ptnr1_label_comp_id 
_struct_conn.ptnr1_label_seq_id 
_struct_conn.ptnr1_label_atom_id 
_struct_conn.pdbx_ptnr1_label_alt_id 
_struct_conn.pdbx_ptnr1_PDB_ins_code 
_struct_conn.pdbx_ptnr1_standard_comp_id 
_struct_conn.ptnr1_symmetry 
_struct_conn.ptnr2_label_asym_id 
_struct_conn.ptnr2_label_comp_id 
_struct_conn.ptnr2_label_seq_id 
_struct_conn.ptnr2_label_atom_id 
_struct_conn.pdbx_ptnr2_label_alt_id 
_struct_conn.pdbx_ptnr2_PDB_ins_code 
_struct_conn.ptnr1_auth_asym_id 
_struct_conn.ptnr1_auth_comp_id 
_struct_conn.ptnr1_auth_seq_id 
_struct_conn.ptnr2_auth_asym_id 
_struct_conn.ptnr2_auth_comp_id 
_struct_conn.ptnr2_auth_seq_id 
_struct_conn.ptnr2_symmetry 
_struct_conn.pdbx_ptnr3_label_atom_id 
_struct_conn.pdbx_ptnr3_label_seq_id 
_struct_conn.pdbx_ptnr3_label_comp_id 
_struct_conn.pdbx_ptnr3_label_asym_id 
_struct_conn.pdbx_ptnr3_label_alt_id 
_struct_conn.pdbx_ptnr3_PDB_ins_code 
_struct_conn.details 
_struct_conn.pdbx_dist_value 
_struct_conn.pdbx_value_order 
_struct_conn.pdbx_role 
covale1  covale both ? A DG  3 "O3'" A ? ? 1_555 A XTR 4 P  A ? A DG  3 A XTR 4 1_555 ? ? ? ? ? ? ?            1.610 ? ? 
covale2  covale both ? A DG  3 "O3'" B ? ? 1_555 A XTR 4 P  B ? A DG  3 A XTR 4 1_555 ? ? ? ? ? ? ?            1.618 ? ? 
covale3  covale both ? A XTR 4 "O3'" A ? ? 1_555 A DG  5 P  A ? A XTR 4 A DG  5 1_555 ? ? ? ? ? ? ?            1.623 ? ? 
covale4  covale both ? A XTR 4 "O3'" B ? ? 1_555 A DG  5 P  B ? A XTR 4 A DG  5 1_555 ? ? ? ? ? ? ?            1.602 ? ? 
covale5  covale both ? C DG  3 "O3'" A ? ? 1_555 C XTR 4 P  A ? C DG  3 C XTR 4 1_555 ? ? ? ? ? ? ?            1.600 ? ? 
covale6  covale both ? C DG  3 "O3'" B ? ? 1_555 C XTR 4 P  B ? C DG  3 C XTR 4 1_555 ? ? ? ? ? ? ?            1.606 ? ? 
covale7  covale both ? C XTR 4 "O3'" ? ? ? 1_555 C DG  5 P  ? ? C XTR 4 C DG  5 1_555 ? ? ? ? ? ? ?            1.583 ? ? 
hydrog1  hydrog ?    ? A DG  1 N1    ? ? ? 1_555 B DC  7 N3 ? ? A DG  1 B DC  7 1_555 ? ? ? ? ? ? WATSON-CRICK ?     ? ? 
hydrog2  hydrog ?    ? A DG  1 N2    ? ? ? 1_555 B DC  7 O2 ? ? A DG  1 B DC  7 1_555 ? ? ? ? ? ? WATSON-CRICK ?     ? ? 
hydrog3  hydrog ?    ? A DG  1 O6    ? ? ? 1_555 B DC  7 N4 ? ? A DG  1 B DC  7 1_555 ? ? ? ? ? ? WATSON-CRICK ?     ? ? 
hydrog4  hydrog ?    ? A DC  2 N3    ? ? ? 1_555 B DG  6 N1 ? ? A DC  2 B DG  6 1_555 ? ? ? ? ? ? WATSON-CRICK ?     ? ? 
hydrog5  hydrog ?    ? A DC  2 N4    ? ? ? 1_555 B DG  6 O6 ? ? A DC  2 B DG  6 1_555 ? ? ? ? ? ? WATSON-CRICK ?     ? ? 
hydrog6  hydrog ?    ? A DC  2 O2    ? ? ? 1_555 B DG  6 N2 ? ? A DC  2 B DG  6 1_555 ? ? ? ? ? ? WATSON-CRICK ?     ? ? 
hydrog7  hydrog ?    ? A DG  3 N1    ? ? ? 1_555 B DC  5 N3 ? ? A DG  3 B DC  5 1_555 ? ? ? ? ? ? WATSON-CRICK ?     ? ? 
hydrog8  hydrog ?    ? A DG  3 N2    ? ? ? 1_555 B DC  5 O2 ? ? A DG  3 B DC  5 1_555 ? ? ? ? ? ? WATSON-CRICK ?     ? ? 
hydrog9  hydrog ?    ? A DG  3 O6    ? ? ? 1_555 B DC  5 N4 ? ? A DG  3 B DC  5 1_555 ? ? ? ? ? ? WATSON-CRICK ?     ? ? 
hydrog10 hydrog ?    ? A XTR 4 N3    ? ? ? 1_555 B DA  4 N1 ? ? A XTR 4 B DA  4 1_555 ? ? ? ? ? ? WATSON-CRICK ?     ? ? 
hydrog11 hydrog ?    ? A XTR 4 O4    ? ? ? 1_555 B DA  4 N6 ? ? A XTR 4 B DA  4 1_555 ? ? ? ? ? ? WATSON-CRICK ?     ? ? 
hydrog12 hydrog ?    ? A DG  5 N1    ? ? ? 1_555 B DC  3 N3 ? ? A DG  5 B DC  3 1_555 ? ? ? ? ? ? WATSON-CRICK ?     ? ? 
hydrog13 hydrog ?    ? A DG  5 N2    ? ? ? 1_555 B DC  3 O2 ? ? A DG  5 B DC  3 1_555 ? ? ? ? ? ? WATSON-CRICK ?     ? ? 
hydrog14 hydrog ?    ? A DG  5 O6    ? ? ? 1_555 B DC  3 N4 ? ? A DG  5 B DC  3 1_555 ? ? ? ? ? ? WATSON-CRICK ?     ? ? 
hydrog15 hydrog ?    ? A DC  6 N3    ? ? ? 1_555 B DG  2 N1 ? ? A DC  6 B DG  2 1_555 ? ? ? ? ? ? WATSON-CRICK ?     ? ? 
hydrog16 hydrog ?    ? A DC  6 N4    ? ? ? 1_555 B DG  2 O6 ? ? A DC  6 B DG  2 1_555 ? ? ? ? ? ? WATSON-CRICK ?     ? ? 
hydrog17 hydrog ?    ? A DC  6 O2    ? ? ? 1_555 B DG  2 N2 ? ? A DC  6 B DG  2 1_555 ? ? ? ? ? ? WATSON-CRICK ?     ? ? 
hydrog18 hydrog ?    ? C DG  1 N1    ? ? ? 1_555 D DC  7 N3 ? ? C DG  1 D DC  7 1_555 ? ? ? ? ? ? WATSON-CRICK ?     ? ? 
hydrog19 hydrog ?    ? C DG  1 N2    ? ? ? 1_555 D DC  7 O2 ? ? C DG  1 D DC  7 1_555 ? ? ? ? ? ? WATSON-CRICK ?     ? ? 
hydrog20 hydrog ?    ? C DG  1 O6    ? ? ? 1_555 D DC  7 N4 ? ? C DG  1 D DC  7 1_555 ? ? ? ? ? ? WATSON-CRICK ?     ? ? 
hydrog21 hydrog ?    ? C DC  2 N3    ? ? ? 1_555 D DG  6 N1 ? ? C DC  2 D DG  6 1_555 ? ? ? ? ? ? WATSON-CRICK ?     ? ? 
hydrog22 hydrog ?    ? C DC  2 N4    ? ? ? 1_555 D DG  6 O6 ? ? C DC  2 D DG  6 1_555 ? ? ? ? ? ? WATSON-CRICK ?     ? ? 
hydrog23 hydrog ?    ? C DC  2 O2    ? ? ? 1_555 D DG  6 N2 ? ? C DC  2 D DG  6 1_555 ? ? ? ? ? ? WATSON-CRICK ?     ? ? 
hydrog24 hydrog ?    ? C DG  3 N1    ? ? ? 1_555 D DC  5 N3 ? ? C DG  3 D DC  5 1_555 ? ? ? ? ? ? WATSON-CRICK ?     ? ? 
hydrog25 hydrog ?    ? C DG  3 N2    ? ? ? 1_555 D DC  5 O2 ? ? C DG  3 D DC  5 1_555 ? ? ? ? ? ? WATSON-CRICK ?     ? ? 
hydrog26 hydrog ?    ? C DG  3 O6    ? ? ? 1_555 D DC  5 N4 ? ? C DG  3 D DC  5 1_555 ? ? ? ? ? ? WATSON-CRICK ?     ? ? 
hydrog27 hydrog ?    ? C XTR 4 N3    ? ? ? 1_555 D DA  4 N1 ? ? C XTR 4 D DA  4 1_555 ? ? ? ? ? ? WATSON-CRICK ?     ? ? 
hydrog28 hydrog ?    ? C XTR 4 O4    ? ? ? 1_555 D DA  4 N6 ? ? C XTR 4 D DA  4 1_555 ? ? ? ? ? ? WATSON-CRICK ?     ? ? 
hydrog29 hydrog ?    ? C DG  5 N1    ? ? ? 1_555 D DC  3 N3 ? ? C DG  5 D DC  3 1_555 ? ? ? ? ? ? WATSON-CRICK ?     ? ? 
hydrog30 hydrog ?    ? C DG  5 N2    ? ? ? 1_555 D DC  3 O2 ? ? C DG  5 D DC  3 1_555 ? ? ? ? ? ? WATSON-CRICK ?     ? ? 
hydrog31 hydrog ?    ? C DG  5 O6    ? ? ? 1_555 D DC  3 N4 ? ? C DG  5 D DC  3 1_555 ? ? ? ? ? ? WATSON-CRICK ?     ? ? 
hydrog32 hydrog ?    ? C DC  6 N3    ? ? ? 1_555 D DG  2 N1 ? ? C DC  6 D DG  2 1_555 ? ? ? ? ? ? WATSON-CRICK ?     ? ? 
hydrog33 hydrog ?    ? C DC  6 N4    ? ? ? 1_555 D DG  2 O6 ? ? C DC  6 D DG  2 1_555 ? ? ? ? ? ? WATSON-CRICK ?     ? ? 
hydrog34 hydrog ?    ? C DC  6 O2    ? ? ? 1_555 D DG  2 N2 ? ? C DC  6 D DG  2 1_555 ? ? ? ? ? ? WATSON-CRICK ?     ? ? 
# 
loop_
_struct_conn_type.id 
_struct_conn_type.criteria 
_struct_conn_type.reference 
covale ? ? 
hydrog ? ? 
# 
loop_
_struct_site.id 
_struct_site.pdbx_evidence_code 
_struct_site.pdbx_auth_asym_id 
_struct_site.pdbx_auth_comp_id 
_struct_site.pdbx_auth_seq_id 
_struct_site.pdbx_auth_ins_code 
_struct_site.pdbx_num_residues 
_struct_site.details 
AC1 Software A NCO 63 ? 9  'BINDING SITE FOR RESIDUE NCO A 63' 
AC2 Software B NCO 61 ? 10 'BINDING SITE FOR RESIDUE NCO B 61' 
AC3 Software B NCO 65 ? 5  'BINDING SITE FOR RESIDUE NCO B 65' 
AC4 Software C NCO 64 ? 5  'BINDING SITE FOR RESIDUE NCO C 64' 
AC5 Software C NCO 66 ? 7  'BINDING SITE FOR RESIDUE NCO C 66' 
AC6 Software C NCO 67 ? 6  'BINDING SITE FOR RESIDUE NCO C 67' 
AC7 Software D NCO 62 ? 5  'BINDING SITE FOR RESIDUE NCO D 62' 
# 
loop_
_struct_site_gen.id 
_struct_site_gen.site_id 
_struct_site_gen.pdbx_num_res 
_struct_site_gen.label_comp_id 
_struct_site_gen.label_asym_id 
_struct_site_gen.label_seq_id 
_struct_site_gen.pdbx_auth_ins_code 
_struct_site_gen.auth_comp_id 
_struct_site_gen.auth_asym_id 
_struct_site_gen.auth_seq_id 
_struct_site_gen.label_atom_id 
_struct_site_gen.label_alt_id 
_struct_site_gen.symmetry 
_struct_site_gen.details 
1  AC1 9  XTR A 4 ? XTR A 4   . ? 1_555 ? 
2  AC1 9  DG  A 7 ? DG  A 7   . ? 3_755 ? 
3  AC1 9  HOH L . ? HOH A 165 . ? 1_555 ? 
4  AC1 9  HOH L . ? HOH A 175 . ? 3_755 ? 
5  AC1 9  HOH L . ? HOH A 211 . ? 3_755 ? 
6  AC1 9  DC  B 1 ? DC  B 1   . ? 3_655 ? 
7  AC1 9  HOH M . ? HOH B 144 . ? 3_655 ? 
8  AC1 9  DG  C 3 ? DG  C 3   . ? 1_655 ? 
9  AC1 9  HOH N . ? HOH C 233 . ? 1_655 ? 
10 AC2 10 DC  B 1 ? DC  B 1   . ? 3_645 ? 
11 AC2 10 DC  B 3 ? DC  B 3   . ? 1_555 ? 
12 AC2 10 DA  B 4 ? DA  B 4   . ? 1_555 ? 
13 AC2 10 HOH M . ? HOH B 106 . ? 1_555 ? 
14 AC2 10 DG  C 1 ? DG  C 1   . ? 1_545 ? 
15 AC2 10 HOH N . ? HOH C 166 . ? 1_545 ? 
16 AC2 10 HOH N . ? HOH C 186 . ? 1_545 ? 
17 AC2 10 HOH N . ? HOH C 214 . ? 1_545 ? 
18 AC2 10 DG  D 6 ? DG  D 6   . ? 1_545 ? 
19 AC2 10 DC  D 7 ? DC  D 7   . ? 1_545 ? 
20 AC3 5  DC  B 5 ? DC  B 5   . ? 1_555 ? 
21 AC3 5  DG  C 3 ? DG  C 3   . ? 1_645 ? 
22 AC3 5  HOH N . ? HOH C 225 . ? 1_645 ? 
23 AC3 5  DC  D 1 ? DC  D 1   . ? 4_576 ? 
24 AC3 5  DC  D 5 ? DC  D 5   . ? 1_545 ? 
25 AC4 5  HOH L . ? HOH A 101 . ? 1_555 ? 
26 AC4 5  XTR C 4 ? XTR C 4   . ? 4_576 ? 
27 AC4 5  DG  C 5 ? DG  C 5   . ? 4_576 ? 
28 AC4 5  DG  C 7 ? DG  C 7   . ? 1_555 ? 
29 AC4 5  HOH N . ? HOH C 139 . ? 1_555 ? 
30 AC5 7  DC  A 2 ? DC  A 2   . ? 4_476 ? 
31 AC5 7  DG  A 3 ? DG  A 3   . ? 4_476 ? 
32 AC5 7  HOH L . ? HOH A 167 . ? 4_476 ? 
33 AC5 7  HOH L . ? HOH A 210 . ? 4_476 ? 
34 AC5 7  HOH N . ? HOH C 179 . ? 4_476 ? 
35 AC5 7  HOH N . ? HOH C 189 . ? 1_555 ? 
36 AC5 7  DC  D 1 ? DC  D 1   . ? 1_545 ? 
37 AC6 6  DC  A 6 ? DC  A 6   . ? 1_465 ? 
38 AC6 6  DG  A 7 ? DG  A 7   . ? 1_465 ? 
39 AC6 6  HOH L . ? HOH A 135 . ? 1_465 ? 
40 AC6 6  HOH L . ? HOH A 226 . ? 1_465 ? 
41 AC6 6  DC  C 2 ? DC  C 2   . ? 1_555 ? 
42 AC6 6  DC  D 7 ? DC  D 7   . ? 3_555 ? 
43 AC7 5  DG  A 1 ? DG  A 1   . ? 4_476 ? 
44 AC7 5  DC  A 2 ? DC  A 2   . ? 4_476 ? 
45 AC7 5  DG  B 6 ? DG  B 6   . ? 4_476 ? 
46 AC7 5  DC  B 7 ? DC  B 7   . ? 4_476 ? 
47 AC7 5  DG  D 2 ? DG  D 2   . ? 1_555 ? 
# 
loop_
_pdbx_validate_rmsd_angle.id 
_pdbx_validate_rmsd_angle.PDB_model_num 
_pdbx_validate_rmsd_angle.auth_atom_id_1 
_pdbx_validate_rmsd_angle.auth_asym_id_1 
_pdbx_validate_rmsd_angle.auth_comp_id_1 
_pdbx_validate_rmsd_angle.auth_seq_id_1 
_pdbx_validate_rmsd_angle.PDB_ins_code_1 
_pdbx_validate_rmsd_angle.label_alt_id_1 
_pdbx_validate_rmsd_angle.auth_atom_id_2 
_pdbx_validate_rmsd_angle.auth_asym_id_2 
_pdbx_validate_rmsd_angle.auth_comp_id_2 
_pdbx_validate_rmsd_angle.auth_seq_id_2 
_pdbx_validate_rmsd_angle.PDB_ins_code_2 
_pdbx_validate_rmsd_angle.label_alt_id_2 
_pdbx_validate_rmsd_angle.auth_atom_id_3 
_pdbx_validate_rmsd_angle.auth_asym_id_3 
_pdbx_validate_rmsd_angle.auth_comp_id_3 
_pdbx_validate_rmsd_angle.auth_seq_id_3 
_pdbx_validate_rmsd_angle.PDB_ins_code_3 
_pdbx_validate_rmsd_angle.label_alt_id_3 
_pdbx_validate_rmsd_angle.angle_value 
_pdbx_validate_rmsd_angle.angle_target_value 
_pdbx_validate_rmsd_angle.angle_deviation 
_pdbx_validate_rmsd_angle.angle_standard_deviation 
_pdbx_validate_rmsd_angle.linker_flag 
1  1 "O4'" A DG 1 ? ? "C1'" A DG  1 ? ? N9    A DG  1 ? ? 96.04  108.00 -11.96 0.70 N 
2  1 "O4'" A DC 2 ? ? "C1'" A DC  2 ? ? N1    A DC  2 ? ? 103.17 108.00 -4.83  0.70 N 
3  1 "O3'" A DG 3 ? B P     A XTR 4 ? B OP2   A XTR 4 ? B 117.84 110.50 7.34   1.10 Y 
4  1 "O4'" A DG 5 ? A "C1'" A DG  5 ? ? "C2'" A DG  5 ? ? 111.51 106.80 4.71   0.50 N 
5  1 "O4'" A DG 5 ? B "C1'" A DG  5 ? ? "C2'" A DG  5 ? ? 101.01 105.90 -4.89  0.80 N 
6  1 "O4'" A DG 5 ? A "C1'" A DG  5 ? ? N9    A DG  5 ? ? 115.82 108.30 7.52   0.30 N 
7  1 "O4'" A DG 5 ? B "C1'" A DG  5 ? ? N9    A DG  5 ? ? 99.91  108.00 -8.09  0.70 N 
8  1 "C3'" B DC 1 ? ? "O3'" B DC  1 ? A P     B DG  2 ? A 129.70 119.70 10.00  1.20 Y 
9  1 P     B DG 2 ? A "O5'" B DG  2 ? A "C5'" B DG  2 ? ? 130.98 120.90 10.08  1.60 N 
10 1 P     B DG 2 ? B "O5'" B DG  2 ? B "C5'" B DG  2 ? ? 110.40 120.90 -10.50 1.60 N 
11 1 N1    B DC 3 ? ? "C1'" B DC  3 ? ? "C2'" B DC  3 ? ? 125.84 114.30 11.54  1.40 N 
12 1 "O4'" B DA 4 ? ? "C1'" B DA  4 ? ? N9    B DA  4 ? ? 103.30 108.00 -4.70  0.70 N 
13 1 N1    B DC 5 ? ? "C1'" B DC  5 ? ? "C2'" B DC  5 ? ? 124.74 114.30 10.44  1.40 N 
14 1 "O4'" B DC 5 ? ? "C1'" B DC  5 ? ? N1    B DC  5 ? ? 101.75 108.00 -6.25  0.70 N 
15 1 "O4'" C DG 1 ? ? "C1'" C DG  1 ? ? N9    C DG  1 ? ? 98.13  108.00 -9.87  0.70 N 
16 1 "O4'" C DC 2 ? ? "C1'" C DC  2 ? ? N1    C DC  2 ? ? 103.19 108.00 -4.81  0.70 N 
17 1 "C3'" C DC 2 ? ? "O3'" C DC  2 ? B P     C DG  3 ? B 136.66 119.70 16.96  1.20 Y 
18 1 "O4'" C DG 3 ? A "C1'" C DG  3 ? ? N9    C DG  3 ? ? 113.70 108.30 5.40   0.30 N 
19 1 "O4'" C DG 3 ? B "C1'" C DG  3 ? ? N9    C DG  3 ? ? 110.91 108.30 2.61   0.30 N 
20 1 "O4'" C DC 6 ? ? "C1'" C DC  6 ? ? N1    C DC  6 ? ? 117.05 108.30 8.75   0.30 N 
21 1 "O4'" C DG 7 ? ? "C1'" C DG  7 ? ? N9    C DG  7 ? ? 103.78 108.00 -4.22  0.70 N 
22 1 "O4'" D DG 2 ? ? "C1'" D DG  2 ? ? N9    D DG  2 ? ? 103.49 108.00 -4.51  0.70 N 
23 1 "O4'" D DC 3 ? ? "C1'" D DC  3 ? ? N1    D DC  3 ? ? 114.37 108.30 6.07   0.30 N 
24 1 N1    D DC 5 ? ? "C1'" D DC  5 ? ? "C2'" D DC  5 ? ? 123.51 114.30 9.21   1.40 N 
25 1 "O4'" D DC 5 ? ? "C1'" D DC  5 ? ? N1    D DC  5 ? ? 103.31 108.00 -4.69  0.70 N 
# 
_pdbx_validate_chiral.id              1 
_pdbx_validate_chiral.PDB_model_num   1 
_pdbx_validate_chiral.auth_atom_id    "C3'" 
_pdbx_validate_chiral.label_alt_id    ? 
_pdbx_validate_chiral.auth_asym_id    A 
_pdbx_validate_chiral.auth_comp_id    XTR 
_pdbx_validate_chiral.auth_seq_id     4 
_pdbx_validate_chiral.PDB_ins_code    ? 
_pdbx_validate_chiral.details         PLANAR 
_pdbx_validate_chiral.omega           . 
# 
loop_
_pdbx_struct_mod_residue.id 
_pdbx_struct_mod_residue.label_asym_id 
_pdbx_struct_mod_residue.label_comp_id 
_pdbx_struct_mod_residue.label_seq_id 
_pdbx_struct_mod_residue.auth_asym_id 
_pdbx_struct_mod_residue.auth_comp_id 
_pdbx_struct_mod_residue.auth_seq_id 
_pdbx_struct_mod_residue.PDB_ins_code 
_pdbx_struct_mod_residue.parent_comp_id 
_pdbx_struct_mod_residue.details 
1 A XTR 4 A XTR 4 ? DT ? 
2 C XTR 4 C XTR 4 ? DT ? 
# 
_diffrn_reflns.diffrn_id                   1 
_diffrn_reflns.pdbx_d_res_high             1.700 
_diffrn_reflns.pdbx_d_res_low              19.858 
_diffrn_reflns.pdbx_number_obs             8126 
_diffrn_reflns.pdbx_Rmerge_I_obs           0.160 
_diffrn_reflns.pdbx_Rsym_value             0.160 
_diffrn_reflns.pdbx_chi_squared            ? 
_diffrn_reflns.av_sigmaI_over_netI         2.10 
_diffrn_reflns.pdbx_redundancy             8.80 
_diffrn_reflns.pdbx_percent_possible_obs   98.20 
_diffrn_reflns.number                      71625 
_diffrn_reflns.pdbx_observed_criterion     ? 
_diffrn_reflns.limit_h_max                 ? 
_diffrn_reflns.limit_h_min                 ? 
_diffrn_reflns.limit_k_max                 ? 
_diffrn_reflns.limit_k_min                 ? 
_diffrn_reflns.limit_l_max                 ? 
_diffrn_reflns.limit_l_min                 ? 
# 
loop_
_pdbx_diffrn_reflns_shell.diffrn_id 
_pdbx_diffrn_reflns_shell.d_res_high 
_pdbx_diffrn_reflns_shell.d_res_low 
_pdbx_diffrn_reflns_shell.number_obs 
_pdbx_diffrn_reflns_shell.rejects 
_pdbx_diffrn_reflns_shell.Rmerge_I_obs 
_pdbx_diffrn_reflns_shell.Rsym_value 
_pdbx_diffrn_reflns_shell.chi_squared 
_pdbx_diffrn_reflns_shell.redundancy 
_pdbx_diffrn_reflns_shell.percent_possible_obs 
1 5.38 19.86 ? ? 0.099 0.099 ? 7.60 97.90 
1 3.80 5.38  ? ? 0.112 0.112 ? 8.60 99.40 
1 3.10 3.80  ? ? 0.126 0.126 ? 8.90 99.00 
1 2.69 3.10  ? ? 0.131 0.131 ? 9.40 99.90 
1 2.40 2.69  ? ? 0.158 0.158 ? 9.20 99.50 
1 2.19 2.40  ? ? 0.211 0.211 ? 9.30 99.20 
1 2.03 2.19  ? ? 0.257 0.257 ? 8.90 99.90 
1 1.90 2.03  ? ? 0.313 0.313 ? 8.90 99.20 
1 1.79 1.90  ? ? 0.388 0.388 ? 8.80 99.70 
1 1.70 1.79  ? ? 0.450 0.450 ? 7.90 90.80 
# 
loop_
_pdbx_phasing_MAD_set_site.id 
_pdbx_phasing_MAD_set_site.atom_type_symbol 
_pdbx_phasing_MAD_set_site.Cartn_x 
_pdbx_phasing_MAD_set_site.Cartn_y 
_pdbx_phasing_MAD_set_site.Cartn_z 
_pdbx_phasing_MAD_set_site.occupancy 
_pdbx_phasing_MAD_set_site.b_iso 
1  S 0.588  -17.011 20.769 1.000 20.00 
2  S 3.156  -33.937 13.054 .902  20.00 
3  S -2.597 -6.901  12.472 .718  20.00 
4  S -2.564 4.549   13.944 .487  20.00 
5  S 1.166  0.250   7.157  .470  20.00 
6  S -0.174 -15.436 10.819 .304  20.00 
7  S 10.204 -18.164 21.152 .246  20.00 
8  S -8.821 8.667   16.653 .228  20.00 
9  S -5.568 -4.400  17.063 .212  20.00 
10 S -3.829 1.635   7.317  .208  20.00 
11 S -6.097 -1.030  22.986 .203  20.00 
12 S -1.693 -25.785 14.027 .202  20.00 
13 S 4.109  -6.486  13.651 .197  20.00 
14 S 6.271  -22.590 18.377 .194  20.00 
15 S -2.210 -14.590 4.317  .191  20.00 
16 S 4.263  4.894   8.866  .181  20.00 
17 S -1.796 -30.214 19.742 .178  20.00 
18 S 11.600 -8.272  16.616 .164  20.00 
19 S -0.890 -8.637  6.890  .163  20.00 
20 S -6.253 12.802  14.202 .161  20.00 
21 S 3.944  -26.293 8.023  .160  20.00 
22 S -3.579 -18.677 23.810 .159  20.00 
23 S -0.978 11.047  15.468 .157  20.00 
24 S 7.592  -31.954 14.368 .143  20.00 
25 S -6.365 4.688   19.822 .139  20.00 
26 S 7.492  -9.740  21.706 .137  20.00 
27 S -7.305 -18.546 10.759 .128  20.00 
28 S 6.571  -34.161 7.974  .125  20.00 
29 S 1.544  -20.326 8.038  .124  20.00 
30 S 8.127  -25.458 4.266  .123  20.00 
31 S -1.103 -25.358 4.586  .115  20.00 
32 S -1.931 -0.772  14.609 .095  20.00 
33 S 15.390 -17.015 18.043 .081  20.00 
34 S -8.103 -27.174 8.087  .006  20.00 
# 
_phasing.method   SAD 
# 
loop_
_chem_comp_atom.comp_id 
_chem_comp_atom.atom_id 
_chem_comp_atom.type_symbol 
_chem_comp_atom.pdbx_aromatic_flag 
_chem_comp_atom.pdbx_stereo_config 
_chem_comp_atom.pdbx_ordinal 
DA  OP3    O  N N 1   
DA  P      P  N N 2   
DA  OP1    O  N N 3   
DA  OP2    O  N N 4   
DA  "O5'"  O  N N 5   
DA  "C5'"  C  N N 6   
DA  "C4'"  C  N R 7   
DA  "O4'"  O  N N 8   
DA  "C3'"  C  N S 9   
DA  "O3'"  O  N N 10  
DA  "C2'"  C  N N 11  
DA  "C1'"  C  N R 12  
DA  N9     N  Y N 13  
DA  C8     C  Y N 14  
DA  N7     N  Y N 15  
DA  C5     C  Y N 16  
DA  C6     C  Y N 17  
DA  N6     N  N N 18  
DA  N1     N  Y N 19  
DA  C2     C  Y N 20  
DA  N3     N  Y N 21  
DA  C4     C  Y N 22  
DA  HOP3   H  N N 23  
DA  HOP2   H  N N 24  
DA  "H5'"  H  N N 25  
DA  "H5''" H  N N 26  
DA  "H4'"  H  N N 27  
DA  "H3'"  H  N N 28  
DA  "HO3'" H  N N 29  
DA  "H2'"  H  N N 30  
DA  "H2''" H  N N 31  
DA  "H1'"  H  N N 32  
DA  H8     H  N N 33  
DA  H61    H  N N 34  
DA  H62    H  N N 35  
DA  H2     H  N N 36  
DC  OP3    O  N N 37  
DC  P      P  N N 38  
DC  OP1    O  N N 39  
DC  OP2    O  N N 40  
DC  "O5'"  O  N N 41  
DC  "C5'"  C  N N 42  
DC  "C4'"  C  N R 43  
DC  "O4'"  O  N N 44  
DC  "C3'"  C  N S 45  
DC  "O3'"  O  N N 46  
DC  "C2'"  C  N N 47  
DC  "C1'"  C  N R 48  
DC  N1     N  N N 49  
DC  C2     C  N N 50  
DC  O2     O  N N 51  
DC  N3     N  N N 52  
DC  C4     C  N N 53  
DC  N4     N  N N 54  
DC  C5     C  N N 55  
DC  C6     C  N N 56  
DC  HOP3   H  N N 57  
DC  HOP2   H  N N 58  
DC  "H5'"  H  N N 59  
DC  "H5''" H  N N 60  
DC  "H4'"  H  N N 61  
DC  "H3'"  H  N N 62  
DC  "HO3'" H  N N 63  
DC  "H2'"  H  N N 64  
DC  "H2''" H  N N 65  
DC  "H1'"  H  N N 66  
DC  H41    H  N N 67  
DC  H42    H  N N 68  
DC  H5     H  N N 69  
DC  H6     H  N N 70  
DG  OP3    O  N N 71  
DG  P      P  N N 72  
DG  OP1    O  N N 73  
DG  OP2    O  N N 74  
DG  "O5'"  O  N N 75  
DG  "C5'"  C  N N 76  
DG  "C4'"  C  N R 77  
DG  "O4'"  O  N N 78  
DG  "C3'"  C  N S 79  
DG  "O3'"  O  N N 80  
DG  "C2'"  C  N N 81  
DG  "C1'"  C  N R 82  
DG  N9     N  Y N 83  
DG  C8     C  Y N 84  
DG  N7     N  Y N 85  
DG  C5     C  Y N 86  
DG  C6     C  N N 87  
DG  O6     O  N N 88  
DG  N1     N  N N 89  
DG  C2     C  N N 90  
DG  N2     N  N N 91  
DG  N3     N  N N 92  
DG  C4     C  Y N 93  
DG  HOP3   H  N N 94  
DG  HOP2   H  N N 95  
DG  "H5'"  H  N N 96  
DG  "H5''" H  N N 97  
DG  "H4'"  H  N N 98  
DG  "H3'"  H  N N 99  
DG  "HO3'" H  N N 100 
DG  "H2'"  H  N N 101 
DG  "H2''" H  N N 102 
DG  "H1'"  H  N N 103 
DG  H8     H  N N 104 
DG  H1     H  N N 105 
DG  H21    H  N N 106 
DG  H22    H  N N 107 
HOH O      O  N N 108 
HOH H1     H  N N 109 
HOH H2     H  N N 110 
NCO CO     CO N N 111 
NCO N1     N  N N 112 
NCO N2     N  N N 113 
NCO N3     N  N N 114 
NCO N4     N  N N 115 
NCO N5     N  N N 116 
NCO N6     N  N N 117 
NCO HN11   H  N N 118 
NCO HN12   H  N N 119 
NCO HN13   H  N N 120 
NCO HN21   H  N N 121 
NCO HN22   H  N N 122 
NCO HN23   H  N N 123 
NCO HN31   H  N N 124 
NCO HN32   H  N N 125 
NCO HN33   H  N N 126 
NCO HN41   H  N N 127 
NCO HN42   H  N N 128 
NCO HN43   H  N N 129 
NCO HN51   H  N N 130 
NCO HN52   H  N N 131 
NCO HN53   H  N N 132 
NCO HN61   H  N N 133 
NCO HN62   H  N N 134 
NCO HN63   H  N N 135 
XTR OP3    O  N N 136 
XTR "C4'"  C  N R 137 
XTR "C7'"  C  N N 138 
XTR "C6'"  C  N N 139 
XTR "C1'"  C  N S 140 
XTR O4     O  N N 141 
XTR C4     C  N N 142 
XTR C5     C  N N 143 
XTR C5M    C  N N 144 
XTR C6     C  N N 145 
XTR N3     N  N N 146 
XTR C2     C  N N 147 
XTR O2     O  N N 148 
XTR N1     N  N N 149 
XTR "C2'"  C  N N 150 
XTR "C3'"  C  N S 151 
XTR P      P  N N 152 
XTR OP1    O  N N 153 
XTR OP2    O  N N 154 
XTR "O5'"  O  N N 155 
XTR "C5'"  C  N N 156 
XTR "O3'"  O  N N 157 
XTR HOP3   H  N N 158 
XTR "H4'"  H  N N 159 
XTR "H7'"  H  N N 160 
XTR "H6'"  H  N N 161 
XTR "H1'"  H  N N 162 
XTR H5M    H  N N 163 
XTR H5MA   H  N N 164 
XTR H5MB   H  N N 165 
XTR H6     H  N N 166 
XTR HN3    H  N N 167 
XTR "H2'"  H  N N 168 
XTR "H2'A" H  N N 169 
XTR "H3'"  H  N N 170 
XTR "H5'"  H  N N 171 
XTR "H5'A" H  N N 172 
XTR "HO3'" H  N N 173 
XTR HOP2   H  N N 174 
# 
loop_
_chem_comp_bond.comp_id 
_chem_comp_bond.atom_id_1 
_chem_comp_bond.atom_id_2 
_chem_comp_bond.value_order 
_chem_comp_bond.pdbx_aromatic_flag 
_chem_comp_bond.pdbx_stereo_config 
_chem_comp_bond.pdbx_ordinal 
DA  OP3   P      sing N N 1   
DA  OP3   HOP3   sing N N 2   
DA  P     OP1    doub N N 3   
DA  P     OP2    sing N N 4   
DA  P     "O5'"  sing N N 5   
DA  OP2   HOP2   sing N N 6   
DA  "O5'" "C5'"  sing N N 7   
DA  "C5'" "C4'"  sing N N 8   
DA  "C5'" "H5'"  sing N N 9   
DA  "C5'" "H5''" sing N N 10  
DA  "C4'" "O4'"  sing N N 11  
DA  "C4'" "C3'"  sing N N 12  
DA  "C4'" "H4'"  sing N N 13  
DA  "O4'" "C1'"  sing N N 14  
DA  "C3'" "O3'"  sing N N 15  
DA  "C3'" "C2'"  sing N N 16  
DA  "C3'" "H3'"  sing N N 17  
DA  "O3'" "HO3'" sing N N 18  
DA  "C2'" "C1'"  sing N N 19  
DA  "C2'" "H2'"  sing N N 20  
DA  "C2'" "H2''" sing N N 21  
DA  "C1'" N9     sing N N 22  
DA  "C1'" "H1'"  sing N N 23  
DA  N9    C8     sing Y N 24  
DA  N9    C4     sing Y N 25  
DA  C8    N7     doub Y N 26  
DA  C8    H8     sing N N 27  
DA  N7    C5     sing Y N 28  
DA  C5    C6     sing Y N 29  
DA  C5    C4     doub Y N 30  
DA  C6    N6     sing N N 31  
DA  C6    N1     doub Y N 32  
DA  N6    H61    sing N N 33  
DA  N6    H62    sing N N 34  
DA  N1    C2     sing Y N 35  
DA  C2    N3     doub Y N 36  
DA  C2    H2     sing N N 37  
DA  N3    C4     sing Y N 38  
DC  OP3   P      sing N N 39  
DC  OP3   HOP3   sing N N 40  
DC  P     OP1    doub N N 41  
DC  P     OP2    sing N N 42  
DC  P     "O5'"  sing N N 43  
DC  OP2   HOP2   sing N N 44  
DC  "O5'" "C5'"  sing N N 45  
DC  "C5'" "C4'"  sing N N 46  
DC  "C5'" "H5'"  sing N N 47  
DC  "C5'" "H5''" sing N N 48  
DC  "C4'" "O4'"  sing N N 49  
DC  "C4'" "C3'"  sing N N 50  
DC  "C4'" "H4'"  sing N N 51  
DC  "O4'" "C1'"  sing N N 52  
DC  "C3'" "O3'"  sing N N 53  
DC  "C3'" "C2'"  sing N N 54  
DC  "C3'" "H3'"  sing N N 55  
DC  "O3'" "HO3'" sing N N 56  
DC  "C2'" "C1'"  sing N N 57  
DC  "C2'" "H2'"  sing N N 58  
DC  "C2'" "H2''" sing N N 59  
DC  "C1'" N1     sing N N 60  
DC  "C1'" "H1'"  sing N N 61  
DC  N1    C2     sing N N 62  
DC  N1    C6     sing N N 63  
DC  C2    O2     doub N N 64  
DC  C2    N3     sing N N 65  
DC  N3    C4     doub N N 66  
DC  C4    N4     sing N N 67  
DC  C4    C5     sing N N 68  
DC  N4    H41    sing N N 69  
DC  N4    H42    sing N N 70  
DC  C5    C6     doub N N 71  
DC  C5    H5     sing N N 72  
DC  C6    H6     sing N N 73  
DG  OP3   P      sing N N 74  
DG  OP3   HOP3   sing N N 75  
DG  P     OP1    doub N N 76  
DG  P     OP2    sing N N 77  
DG  P     "O5'"  sing N N 78  
DG  OP2   HOP2   sing N N 79  
DG  "O5'" "C5'"  sing N N 80  
DG  "C5'" "C4'"  sing N N 81  
DG  "C5'" "H5'"  sing N N 82  
DG  "C5'" "H5''" sing N N 83  
DG  "C4'" "O4'"  sing N N 84  
DG  "C4'" "C3'"  sing N N 85  
DG  "C4'" "H4'"  sing N N 86  
DG  "O4'" "C1'"  sing N N 87  
DG  "C3'" "O3'"  sing N N 88  
DG  "C3'" "C2'"  sing N N 89  
DG  "C3'" "H3'"  sing N N 90  
DG  "O3'" "HO3'" sing N N 91  
DG  "C2'" "C1'"  sing N N 92  
DG  "C2'" "H2'"  sing N N 93  
DG  "C2'" "H2''" sing N N 94  
DG  "C1'" N9     sing N N 95  
DG  "C1'" "H1'"  sing N N 96  
DG  N9    C8     sing Y N 97  
DG  N9    C4     sing Y N 98  
DG  C8    N7     doub Y N 99  
DG  C8    H8     sing N N 100 
DG  N7    C5     sing Y N 101 
DG  C5    C6     sing N N 102 
DG  C5    C4     doub Y N 103 
DG  C6    O6     doub N N 104 
DG  C6    N1     sing N N 105 
DG  N1    C2     sing N N 106 
DG  N1    H1     sing N N 107 
DG  C2    N2     sing N N 108 
DG  C2    N3     doub N N 109 
DG  N2    H21    sing N N 110 
DG  N2    H22    sing N N 111 
DG  N3    C4     sing N N 112 
HOH O     H1     sing N N 113 
HOH O     H2     sing N N 114 
NCO CO    N1     sing N N 115 
NCO CO    N2     sing N N 116 
NCO CO    N3     sing N N 117 
NCO CO    N4     sing N N 118 
NCO CO    N5     sing N N 119 
NCO CO    N6     sing N N 120 
NCO N1    HN11   sing N N 121 
NCO N1    HN12   sing N N 122 
NCO N1    HN13   sing N N 123 
NCO N2    HN21   sing N N 124 
NCO N2    HN22   sing N N 125 
NCO N2    HN23   sing N N 126 
NCO N3    HN31   sing N N 127 
NCO N3    HN32   sing N N 128 
NCO N3    HN33   sing N N 129 
NCO N4    HN41   sing N N 130 
NCO N4    HN42   sing N N 131 
NCO N4    HN43   sing N N 132 
NCO N5    HN51   sing N N 133 
NCO N5    HN52   sing N N 134 
NCO N5    HN53   sing N N 135 
NCO N6    HN61   sing N N 136 
NCO N6    HN62   sing N N 137 
NCO N6    HN63   sing N N 138 
XTR OP3   HOP3   sing N N 139 
XTR "C4'" "C6'"  sing N N 140 
XTR "C4'" "H4'"  sing N N 141 
XTR "C7'" "C6'"  doub N N 142 
XTR "C7'" "H7'"  sing N N 143 
XTR "C6'" "H6'"  sing N N 144 
XTR "C1'" "C7'"  sing N N 145 
XTR "C1'" N1     sing N N 146 
XTR "C1'" "H1'"  sing N N 147 
XTR C4    O4     doub N N 148 
XTR C5    C4     sing N N 149 
XTR C5    C5M    sing N N 150 
XTR C5M   H5M    sing N N 151 
XTR C5M   H5MA   sing N N 152 
XTR C5M   H5MB   sing N N 153 
XTR C6    C5     doub N N 154 
XTR C6    H6     sing N N 155 
XTR N3    C4     sing N N 156 
XTR N3    HN3    sing N N 157 
XTR C2    N3     sing N N 158 
XTR O2    C2     doub N N 159 
XTR N1    C6     sing N N 160 
XTR N1    C2     sing N N 161 
XTR "C2'" "C1'"  sing N N 162 
XTR "C2'" "C3'"  sing N N 163 
XTR "C2'" "H2'"  sing N N 164 
XTR "C2'" "H2'A" sing N N 165 
XTR "C3'" "C4'"  sing N N 166 
XTR "C3'" "H3'"  sing N N 167 
XTR P     OP3    sing N N 168 
XTR P     OP1    doub N N 169 
XTR OP2   P      sing N N 170 
XTR "O5'" P      sing N N 171 
XTR "C5'" "C4'"  sing N N 172 
XTR "C5'" "O5'"  sing N N 173 
XTR "C5'" "H5'"  sing N N 174 
XTR "C5'" "H5'A" sing N N 175 
XTR "O3'" "C3'"  sing N N 176 
XTR "O3'" "HO3'" sing N N 177 
XTR OP2   HOP2   sing N N 178 
# 
loop_
_ndb_struct_conf_na.entry_id 
_ndb_struct_conf_na.feature 
3FL6 'double helix'        
3FL6 'b-form double helix' 
# 
loop_
_ndb_struct_na_base_pair.model_number 
_ndb_struct_na_base_pair.i_label_asym_id 
_ndb_struct_na_base_pair.i_label_comp_id 
_ndb_struct_na_base_pair.i_label_seq_id 
_ndb_struct_na_base_pair.i_symmetry 
_ndb_struct_na_base_pair.j_label_asym_id 
_ndb_struct_na_base_pair.j_label_comp_id 
_ndb_struct_na_base_pair.j_label_seq_id 
_ndb_struct_na_base_pair.j_symmetry 
_ndb_struct_na_base_pair.shear 
_ndb_struct_na_base_pair.stretch 
_ndb_struct_na_base_pair.stagger 
_ndb_struct_na_base_pair.buckle 
_ndb_struct_na_base_pair.propeller 
_ndb_struct_na_base_pair.opening 
_ndb_struct_na_base_pair.pair_number 
_ndb_struct_na_base_pair.pair_name 
_ndb_struct_na_base_pair.i_auth_asym_id 
_ndb_struct_na_base_pair.i_auth_seq_id 
_ndb_struct_na_base_pair.i_PDB_ins_code 
_ndb_struct_na_base_pair.j_auth_asym_id 
_ndb_struct_na_base_pair.j_auth_seq_id 
_ndb_struct_na_base_pair.j_PDB_ins_code 
_ndb_struct_na_base_pair.hbond_type_28 
_ndb_struct_na_base_pair.hbond_type_12 
1 A DG  1 1_555 B DC 7 1_555 -0.235 -0.140 -0.065 -22.604 -9.149  -2.209 1  A_DG1:DC7_B  A 1 ? B 7 ? 19 1 
1 A DC  2 1_555 B DG 6 1_555 0.130  -0.134 0.317  -14.581 1.197   -0.703 2  A_DC2:DG6_B  A 2 ? B 6 ? 19 1 
1 A DG  3 1_555 B DC 5 1_555 -0.151 -0.113 -0.076 0.666   -7.165  -0.338 3  A_DG3:DC5_B  A 3 ? B 5 ? 19 1 
1 A XTR 4 1_555 B DA 4 1_555 -0.084 -0.102 0.030  -1.031  -9.883  -4.729 4  A_XTR4:DA4_B A 4 ? B 4 ? 20 1 
1 A DG  5 1_555 B DC 3 1_555 -0.198 -0.171 0.329  2.519   -8.005  -1.877 5  A_DG5:DC3_B  A 5 ? B 3 ? 19 1 
1 A DC  6 1_555 B DG 2 1_555 0.232  -0.139 -0.100 5.779   2.059   -0.909 6  A_DC6:DG2_B  A 6 ? B 2 ? 19 1 
1 C DG  1 1_555 D DC 7 1_555 -0.253 -0.136 0.150  -13.102 -9.647  -2.036 7  C_DG1:DC7_D  C 1 ? D 7 ? 19 1 
1 C DC  2 1_555 D DG 6 1_555 0.230  -0.131 0.381  -12.191 -1.836  -0.404 8  C_DC2:DG6_D  C 2 ? D 6 ? 19 1 
1 C DG  3 1_555 D DC 5 1_555 -0.175 -0.157 0.202  6.633   -9.842  -1.391 9  C_DG3:DC5_D  C 3 ? D 5 ? 19 1 
1 C XTR 4 1_555 D DA 4 1_555 -0.263 -0.067 0.293  -12.748 -19.300 -9.573 10 C_XTR4:DA4_D C 4 ? D 4 ? 20 1 
1 C DG  5 1_555 D DC 3 1_555 -0.218 -0.117 -0.304 -16.802 2.888   -0.296 11 C_DG5:DC3_D  C 5 ? D 3 ? 19 1 
1 C DC  6 1_555 D DG 2 1_555 0.203  -0.180 -0.358 12.547  16.443  -2.946 12 C_DC6:DG2_D  C 6 ? D 2 ? 19 1 
# 
loop_
_ndb_struct_na_base_pair_step.model_number 
_ndb_struct_na_base_pair_step.i_label_asym_id_1 
_ndb_struct_na_base_pair_step.i_label_comp_id_1 
_ndb_struct_na_base_pair_step.i_label_seq_id_1 
_ndb_struct_na_base_pair_step.i_symmetry_1 
_ndb_struct_na_base_pair_step.j_label_asym_id_1 
_ndb_struct_na_base_pair_step.j_label_comp_id_1 
_ndb_struct_na_base_pair_step.j_label_seq_id_1 
_ndb_struct_na_base_pair_step.j_symmetry_1 
_ndb_struct_na_base_pair_step.i_label_asym_id_2 
_ndb_struct_na_base_pair_step.i_label_comp_id_2 
_ndb_struct_na_base_pair_step.i_label_seq_id_2 
_ndb_struct_na_base_pair_step.i_symmetry_2 
_ndb_struct_na_base_pair_step.j_label_asym_id_2 
_ndb_struct_na_base_pair_step.j_label_comp_id_2 
_ndb_struct_na_base_pair_step.j_label_seq_id_2 
_ndb_struct_na_base_pair_step.j_symmetry_2 
_ndb_struct_na_base_pair_step.shift 
_ndb_struct_na_base_pair_step.slide 
_ndb_struct_na_base_pair_step.rise 
_ndb_struct_na_base_pair_step.tilt 
_ndb_struct_na_base_pair_step.roll 
_ndb_struct_na_base_pair_step.twist 
_ndb_struct_na_base_pair_step.x_displacement 
_ndb_struct_na_base_pair_step.y_displacement 
_ndb_struct_na_base_pair_step.helical_rise 
_ndb_struct_na_base_pair_step.inclination 
_ndb_struct_na_base_pair_step.tip 
_ndb_struct_na_base_pair_step.helical_twist 
_ndb_struct_na_base_pair_step.step_number 
_ndb_struct_na_base_pair_step.step_name 
_ndb_struct_na_base_pair_step.i_auth_asym_id_1 
_ndb_struct_na_base_pair_step.i_auth_seq_id_1 
_ndb_struct_na_base_pair_step.i_PDB_ins_code_1 
_ndb_struct_na_base_pair_step.j_auth_asym_id_1 
_ndb_struct_na_base_pair_step.j_auth_seq_id_1 
_ndb_struct_na_base_pair_step.j_PDB_ins_code_1 
_ndb_struct_na_base_pair_step.i_auth_asym_id_2 
_ndb_struct_na_base_pair_step.i_auth_seq_id_2 
_ndb_struct_na_base_pair_step.i_PDB_ins_code_2 
_ndb_struct_na_base_pair_step.j_auth_asym_id_2 
_ndb_struct_na_base_pair_step.j_auth_seq_id_2 
_ndb_struct_na_base_pair_step.j_PDB_ins_code_2 
1 A DG  1 1_555 B DC 7 1_555 A DC  2 1_555 B DG 6 1_555 0.880  0.759  3.167 -3.326 -3.535  36.719 1.645  -1.808 2.995 -5.581  
5.251   37.027 1  AA_DG1DC2:DG6DC7_BB  A 1 ? B 7 ? A 2 ? B 6 ? 
1 A DC  2 1_555 B DG 6 1_555 A DG  3 1_555 B DC 5 1_555 -0.190 0.708  3.042 2.392  8.308   25.819 -0.501 0.982  3.085 17.963  
-5.171  27.205 2  AA_DC2DG3:DC5DG6_BB  A 2 ? B 6 ? A 3 ? B 5 ? 
1 A DG  3 1_555 B DC 5 1_555 A XTR 4 1_555 B DA 4 1_555 -0.403 -0.176 3.367 -0.598 0.374   33.969 -0.364 0.591  3.372 0.640   
1.024   33.976 3  AA_DG3XTR4:DA4DC5_BB A 3 ? B 5 ? A 4 ? B 4 ? 
1 A XTR 4 1_555 B DA 4 1_555 A DG  5 1_555 B DC 3 1_555 0.161  0.333  3.221 -4.978 6.080   40.775 -0.170 -0.751 3.196 8.630   
7.066   41.493 4  AA_XTR4DG5:DC3DA4_BB A 4 ? B 4 ? A 5 ? B 3 ? 
1 A DG  5 1_555 B DC 3 1_555 A DC  6 1_555 B DG 2 1_555 0.130  -0.247 3.347 3.608  -1.284  28.959 -0.203 0.547  3.346 -2.553  
-7.175  29.206 5  AA_DG5DC6:DG2DC3_BB  A 5 ? B 3 ? A 6 ? B 2 ? 
1 C DG  1 1_555 D DC 7 1_555 C DC  2 1_555 D DG 6 1_555 0.764  0.765  3.522 -1.712 -11.524 40.141 2.339  -1.261 3.161 -16.376 
2.432   41.731 6  CC_DG1DC2:DG6DC7_DD  C 1 ? D 7 ? C 2 ? D 6 ? 
1 C DC  2 1_555 D DG 6 1_555 C DG  3 1_555 D DC 5 1_555 0.051  0.920  3.013 1.107  6.336   26.937 0.459  0.149  3.142 13.361  
-2.334  27.681 7  CC_DC2DG3:DC5DG6_DD  C 2 ? D 6 ? C 3 ? D 5 ? 
1 C DG  3 1_555 D DC 5 1_555 C XTR 4 1_555 D DA 4 1_555 -0.861 -0.707 3.801 -3.096 -3.133  37.886 -0.615 0.855  3.901 -4.806  
4.748   38.131 8  CC_DG3XTR4:DA4DC5_DD C 3 ? D 5 ? C 4 ? D 4 ? 
1 C XTR 4 1_555 D DA 4 1_555 C DG  5 1_555 D DC 3 1_555 1.725  -0.385 3.442 8.377  -0.139  34.481 -0.610 -1.463 3.747 -0.230  
-13.879 35.454 9  CC_XTR4DG5:DC3DA4_DD C 4 ? D 4 ? C 5 ? D 3 ? 
1 C DG  5 1_555 D DC 3 1_555 C DC  6 1_555 D DG 2 1_555 -0.162 -0.206 2.803 3.649  10.913  18.145 -4.253 1.672  2.242 30.896  
-10.330 21.460 10 CC_DG5DC6:DG2DC3_DD  C 5 ? D 3 ? C 6 ? D 2 ? 
# 
_atom_sites.entry_id                    3FL6 
_atom_sites.fract_transf_matrix[1][1]   0.03535957 
_atom_sites.fract_transf_matrix[1][2]   -0.01119300 
_atom_sites.fract_transf_matrix[1][3]   0.01166499 
_atom_sites.fract_transf_matrix[2][1]   0.00976421 
_atom_sites.fract_transf_matrix[2][2]   0.00156102 
_atom_sites.fract_transf_matrix[2][3]   -0.02809996 
_atom_sites.fract_transf_matrix[3][1]   0.00315068 
_atom_sites.fract_transf_matrix[3][2]   0.01177597 
_atom_sites.fract_transf_matrix[3][3]   0.00174899 
_atom_sites.fract_transf_vector[1]      0.520437 
_atom_sites.fract_transf_vector[2]      1.223689 
_atom_sites.fract_transf_vector[3]      0.377780 
# 
loop_
_atom_type.symbol 
C  
CO 
N  
O  
P  
# 
loop_
_atom_site.group_PDB 
_atom_site.id 
_atom_site.type_symbol 
_atom_site.label_atom_id 
_atom_site.label_alt_id 
_atom_site.label_comp_id 
_atom_site.label_asym_id 
_atom_site.label_entity_id 
_atom_site.label_seq_id 
_atom_site.pdbx_PDB_ins_code 
_atom_site.Cartn_x 
_atom_site.Cartn_y 
_atom_site.Cartn_z 
_atom_site.occupancy 
_atom_site.B_iso_or_equiv 
_atom_site.pdbx_formal_charge 
_atom_site.auth_seq_id 
_atom_site.auth_comp_id 
_atom_site.auth_asym_id 
_atom_site.auth_atom_id 
_atom_site.pdbx_PDB_model_num 
ATOM   1   O  "O5'" A DG  A 1 1 ? 0.247   9.667   8.097   0.50 15.45 ? 1   DG  A "O5'" 1 
ATOM   2   O  "O5'" B DG  A 1 1 ? 0.392   11.284  6.753   0.50 20.28 ? 1   DG  A "O5'" 1 
ATOM   3   C  "C5'" . DG  A 1 1 ? 1.281   10.476  7.542   1.00 14.66 ? 1   DG  A "C5'" 1 
ATOM   4   C  "C4'" . DG  A 1 1 ? 2.147   9.709   6.571   1.00 11.78 ? 1   DG  A "C4'" 1 
ATOM   5   O  "O4'" . DG  A 1 1 ? 3.030   8.814   7.278   1.00 10.54 ? 1   DG  A "O4'" 1 
ATOM   6   C  "C3'" . DG  A 1 1 ? 1.357   8.787   5.636   1.00 10.26 ? 1   DG  A "C3'" 1 
ATOM   7   O  "O3'" . DG  A 1 1 ? 2.064   8.766   4.391   1.00 10.42 ? 1   DG  A "O3'" 1 
ATOM   8   C  "C2'" . DG  A 1 1 ? 1.387   7.459   6.367   1.00 9.06  ? 1   DG  A "C2'" 1 
ATOM   9   C  "C1'" . DG  A 1 1 ? 2.705   7.430   7.028   1.00 8.09  ? 1   DG  A "C1'" 1 
ATOM   10  N  N9    . DG  A 1 1 ? 2.793   6.993   8.433   1.00 7.13  ? 1   DG  A N9    1 
ATOM   11  C  C8    . DG  A 1 1 ? 1.862   7.249   9.414   1.00 7.94  ? 1   DG  A C8    1 
ATOM   12  N  N7    . DG  A 1 1 ? 2.195   6.747   10.570  1.00 6.62  ? 1   DG  A N7    1 
ATOM   13  C  C5    . DG  A 1 1 ? 3.413   6.130   10.336  1.00 5.20  ? 1   DG  A C5    1 
ATOM   14  C  C6    . DG  A 1 1 ? 4.253   5.421   11.229  1.00 4.93  ? 1   DG  A C6    1 
ATOM   15  O  O6    . DG  A 1 1 ? 4.072   5.192   12.435  1.00 5.96  ? 1   DG  A O6    1 
ATOM   16  N  N1    . DG  A 1 1 ? 5.400   4.953   10.602  1.00 5.22  ? 1   DG  A N1    1 
ATOM   17  C  C2    . DG  A 1 1 ? 5.693   5.146   9.274   1.00 4.94  ? 1   DG  A C2    1 
ATOM   18  N  N2    . DG  A 1 1 ? 6.850   4.610   8.874   1.00 6.23  ? 1   DG  A N2    1 
ATOM   19  N  N3    . DG  A 1 1 ? 4.920   5.804   8.432   1.00 6.13  ? 1   DG  A N3    1 
ATOM   20  C  C4    . DG  A 1 1 ? 3.797   6.274   9.019   1.00 5.09  ? 1   DG  A C4    1 
ATOM   21  P  P     . DC  A 1 2 ? 1.507   7.934   3.124   1.00 9.55  ? 2   DC  A P     1 
ATOM   22  O  OP1   . DC  A 1 2 ? 2.132   8.602   1.966   1.00 10.72 ? 2   DC  A OP1   1 
ATOM   23  O  OP2   . DC  A 1 2 ? 0.044   7.716   3.188   1.00 10.75 ? 2   DC  A OP2   1 
ATOM   24  O  "O5'" . DC  A 1 2 ? 2.164   6.504   3.323   1.00 9.01  ? 2   DC  A "O5'" 1 
ATOM   25  C  "C5'" . DC  A 1 2 ? 3.585   6.374   3.363   1.00 8.93  ? 2   DC  A "C5'" 1 
ATOM   26  C  "C4'" . DC  A 1 2 ? 3.951   5.024   3.889   1.00 9.36  ? 2   DC  A "C4'" 1 
ATOM   27  O  "O4'" . DC  A 1 2 ? 3.590   4.886   5.280   1.00 8.86  ? 2   DC  A "O4'" 1 
ATOM   28  C  "C3'" . DC  A 1 2 ? 3.238   3.837   3.219   1.00 10.68 ? 2   DC  A "C3'" 1 
ATOM   29  O  "O3'" . DC  A 1 2 ? 4.125   3.355   2.210   1.00 13.39 ? 2   DC  A "O3'" 1 
ATOM   30  C  "C2'" . DC  A 1 2 ? 3.028   2.825   4.313   1.00 10.18 ? 2   DC  A "C2'" 1 
ATOM   31  C  "C1'" . DC  A 1 2 ? 3.560   3.496   5.565   1.00 8.85  ? 2   DC  A "C1'" 1 
ATOM   32  N  N1    . DC  A 1 2 ? 2.830   3.432   6.843   1.00 8.25  ? 2   DC  A N1    1 
ATOM   33  C  C2    . DC  A 1 2 ? 3.420   2.828   7.949   1.00 5.87  ? 2   DC  A C2    1 
ATOM   34  O  O2    . DC  A 1 2 ? 4.553   2.339   7.861   1.00 7.38  ? 2   DC  A O2    1 
ATOM   35  N  N3    . DC  A 1 2 ? 2.733   2.803   9.112   1.00 6.14  ? 2   DC  A N3    1 
ATOM   36  C  C4    . DC  A 1 2 ? 1.510   3.337   9.187   1.00 6.36  ? 2   DC  A C4    1 
ATOM   37  N  N4    . DC  A 1 2 ? 0.871   3.273   10.360  1.00 6.40  ? 2   DC  A N4    1 
ATOM   38  C  C5    . DC  A 1 2 ? 0.888   3.957   8.068   1.00 7.88  ? 2   DC  A C5    1 
ATOM   39  C  C6    . DC  A 1 2 ? 1.582   3.982   6.928   1.00 8.75  ? 2   DC  A C6    1 
ATOM   40  P  P     . DG  A 1 3 ? 3.795   2.125   1.242   1.00 15.09 ? 3   DG  A P     1 
ATOM   41  O  OP1   . DG  A 1 3 ? 4.680   2.326   0.065   1.00 18.81 ? 3   DG  A OP1   1 
ATOM   42  O  OP2   . DG  A 1 3 ? 2.333   1.882   1.069   1.00 19.46 ? 3   DG  A OP2   1 
ATOM   43  O  "O5'" . DG  A 1 3 ? 4.347   0.866   2.052   1.00 13.37 ? 3   DG  A "O5'" 1 
ATOM   44  C  "C5'" . DG  A 1 3 ? 5.735   0.861   2.428   1.00 12.50 ? 3   DG  A "C5'" 1 
ATOM   45  C  "C4'" . DG  A 1 3 ? 6.006   -0.310  3.340   1.00 11.14 ? 3   DG  A "C4'" 1 
ATOM   46  O  "O4'" . DG  A 1 3 ? 5.308   -0.087  4.604   1.00 9.84  ? 3   DG  A "O4'" 1 
ATOM   47  C  "C3'" . DG  A 1 3 ? 5.406   -1.592  2.755   1.00 11.92 ? 3   DG  A "C3'" 1 
ATOM   48  O  "O3'" A DG  A 1 3 ? 6.288   -2.641  3.201   0.50 14.45 ? 3   DG  A "O3'" 1 
ATOM   49  O  "O3'" B DG  A 1 3 ? 6.133   -2.799  2.853   0.50 15.27 ? 3   DG  A "O3'" 1 
ATOM   50  C  "C2'" . DG  A 1 3 ? 4.088   -1.742  3.501   1.00 11.46 ? 3   DG  A "C2'" 1 
ATOM   51  C  "C1'" . DG  A 1 3 ? 4.530   -1.254  4.881   1.00 10.24 ? 3   DG  A "C1'" 1 
ATOM   52  N  N9    . DG  A 1 3 ? 3.381   -0.788  5.685   1.00 9.13  ? 3   DG  A N9    1 
ATOM   53  C  C8    . DG  A 1 3 ? 2.211   -0.210  5.274   1.00 9.89  ? 3   DG  A C8    1 
ATOM   54  N  N7    . DG  A 1 3 ? 1.405   0.081   6.265   1.00 8.61  ? 3   DG  A N7    1 
ATOM   55  C  C5    . DG  A 1 3 ? 2.093   -0.333  7.395   1.00 7.20  ? 3   DG  A C5    1 
ATOM   56  C  C6    . DG  A 1 3 ? 1.739   -0.285  8.768   1.00 6.70  ? 3   DG  A C6    1 
ATOM   57  O  O6    . DG  A 1 3 ? 0.707   0.152   9.278   1.00 7.44  ? 3   DG  A O6    1 
ATOM   58  N  N1    . DG  A 1 3 ? 2.739   -0.818  9.579   1.00 6.42  ? 3   DG  A N1    1 
ATOM   59  C  C2    . DG  A 1 3 ? 3.929   -1.334  9.131   1.00 7.36  ? 3   DG  A C2    1 
ATOM   60  N  N2    . DG  A 1 3 ? 4.754   -1.798  10.081  1.00 8.40  ? 3   DG  A N2    1 
ATOM   61  N  N3    . DG  A 1 3 ? 4.273   -1.386  7.855   1.00 7.23  ? 3   DG  A N3    1 
ATOM   62  C  C4    . DG  A 1 3 ? 3.316   -0.873  7.058   1.00 8.04  ? 3   DG  A C4    1 
HETATM 63  C  "C4'" . XTR A 1 4 ? 7.589   -5.541  5.110   1.00 14.83 ? 4   XTR A "C4'" 1 
HETATM 64  C  "C7'" . XTR A 1 4 ? 6.093   -4.362  6.729   1.00 14.22 ? 4   XTR A "C7'" 1 
HETATM 65  C  "C6'" . XTR A 1 4 ? 7.142   -4.338  5.892   1.00 14.57 ? 4   XTR A "C6'" 1 
HETATM 66  C  "C1'" . XTR A 1 4 ? 5.228   -5.577  6.947   1.00 15.43 ? 4   XTR A "C1'" 1 
HETATM 67  O  O4    . XTR A 1 4 ? 0.240   -3.348  7.396   1.00 11.24 ? 4   XTR A O4    1 
HETATM 68  C  C4    . XTR A 1 4 ? 1.349   -3.837  7.228   1.00 10.34 ? 4   XTR A C4    1 
HETATM 69  C  C5    . XTR A 1 4 ? 1.972   -4.048  5.942   1.00 11.72 ? 4   XTR A C5    1 
HETATM 70  C  C5M   . XTR A 1 4 ? 1.241   -3.645  4.701   1.00 15.62 ? 4   XTR A C5M   1 
HETATM 71  C  C6    . XTR A 1 4 ? 3.188   -4.595  5.941   1.00 12.25 ? 4   XTR A C6    1 
HETATM 72  N  N3    . XTR A 1 4 ? 2.097   -4.244  8.311   1.00 9.25  ? 4   XTR A N3    1 
HETATM 73  C  C2    . XTR A 1 4 ? 3.350   -4.807  8.321   1.00 11.33 ? 4   XTR A C2    1 
HETATM 74  O  O2    . XTR A 1 4 ? 3.898   -5.117  9.368   1.00 11.19 ? 4   XTR A O2    1 
HETATM 75  N  N1    . XTR A 1 4 ? 3.892   -4.978  7.063   1.00 11.99 ? 4   XTR A N1    1 
HETATM 76  C  "C2'" . XTR A 1 4 ? 5.346   -6.634  5.839   1.00 15.24 ? 4   XTR A "C2'" 1 
HETATM 77  C  "C3'" . XTR A 1 4 ? 6.793   -6.740  5.575   1.00 14.76 ? 4   XTR A "C3'" 1 
HETATM 78  P  P     A XTR A 1 4 ? 7.344   -3.310  2.185   0.50 15.74 ? 4   XTR A P     1 
HETATM 79  P  P     B XTR A 1 4 ? 5.844   -4.108  1.947   0.50 15.65 ? 4   XTR A P     1 
HETATM 80  O  OP1   A XTR A 1 4 ? 8.379   -2.332  1.754   0.50 20.11 ? 4   XTR A OP1   1 
HETATM 81  O  OP1   B XTR A 1 4 ? 6.921   -4.081  0.926   0.50 18.12 ? 4   XTR A OP1   1 
HETATM 82  O  OP2   A XTR A 1 4 ? 6.453   -3.962  1.196   0.50 17.48 ? 4   XTR A OP2   1 
HETATM 83  O  OP2   B XTR A 1 4 ? 4.431   -4.368  1.526   0.50 15.36 ? 4   XTR A OP2   1 
HETATM 84  O  "O5'" A XTR A 1 4 ? 8.100   -4.397  3.056   0.50 16.14 ? 4   XTR A "O5'" 1 
HETATM 85  O  "O5'" B XTR A 1 4 ? 6.221   -5.241  3.022   0.50 15.09 ? 4   XTR A "O5'" 1 
HETATM 86  C  "C5'" A XTR A 1 4 ? 7.279   -5.397  3.652   0.50 14.79 ? 4   XTR A "C5'" 1 
HETATM 87  C  "C5'" B XTR A 1 4 ? 7.512   -5.203  3.649   0.50 14.94 ? 4   XTR A "C5'" 1 
HETATM 88  O  "O3'" A XTR A 1 4 ? 7.313   -7.442  6.711   0.57 16.27 ? 4   XTR A "O3'" 1 
HETATM 89  O  "O3'" B XTR A 1 4 ? 7.522   -7.931  5.692   0.43 14.61 ? 4   XTR A "O3'" 1 
ATOM   90  P  P     A DG  A 1 5 ? 7.474   -9.057  6.744   0.57 13.80 ? 5   DG  A P     1 
ATOM   91  P  P     B DG  A 1 5 ? 6.687   -9.298  5.733   0.43 13.58 ? 5   DG  A P     1 
ATOM   92  O  OP1   A DG  A 1 5 ? 8.930   -9.337  6.721   0.57 16.41 ? 5   DG  A OP1   1 
ATOM   93  O  OP1   B DG  A 1 5 ? 7.787   -10.163 5.237   0.43 14.23 ? 5   DG  A OP1   1 
ATOM   94  O  OP2   A DG  A 1 5 ? 6.605   -9.583  5.654   0.57 15.21 ? 5   DG  A OP2   1 
ATOM   95  O  OP2   B DG  A 1 5 ? 5.418   -9.282  4.953   0.43 14.06 ? 5   DG  A OP2   1 
ATOM   96  O  "O5'" A DG  A 1 5 ? 6.888   -9.493  8.131   0.57 13.63 ? 5   DG  A "O5'" 1 
ATOM   97  O  "O5'" B DG  A 1 5 ? 6.356   -9.544  7.268   0.43 13.43 ? 5   DG  A "O5'" 1 
ATOM   98  C  "C5'" A DG  A 1 5 ? 7.384   -8.850  9.314   0.57 12.59 ? 5   DG  A "C5'" 1 
ATOM   99  C  "C5'" B DG  A 1 5 ? 7.242   -9.415  8.376   0.43 13.17 ? 5   DG  A "C5'" 1 
ATOM   100 C  "C4'" A DG  A 1 5 ? 6.624   -9.439  10.464  0.57 11.64 ? 5   DG  A "C4'" 1 
ATOM   101 C  "C4'" B DG  A 1 5 ? 6.679   -9.561  9.764   0.43 12.40 ? 5   DG  A "C4'" 1 
ATOM   102 O  "O4'" A DG  A 1 5 ? 5.375   -8.775  10.712  0.57 10.85 ? 5   DG  A "O4'" 1 
ATOM   103 O  "O4'" B DG  A 1 5 ? 5.490   -8.772  9.982   0.43 10.85 ? 5   DG  A "O4'" 1 
ATOM   104 C  "C3'" . DG  A 1 5 ? 6.274   -10.935 10.230  1.00 12.34 ? 5   DG  A "C3'" 1 
ATOM   105 O  "O3'" . DG  A 1 5 ? 6.387   -11.370 11.584  1.00 12.27 ? 5   DG  A "O3'" 1 
ATOM   106 C  "C2'" . DG  A 1 5 ? 4.822   -10.938 9.791   1.00 12.11 ? 5   DG  A "C2'" 1 
ATOM   107 C  "C1'" . DG  A 1 5 ? 4.326   -9.575  10.221  1.00 11.11 ? 5   DG  A "C1'" 1 
ATOM   108 N  N9    . DG  A 1 5 ? 3.367   -8.900  9.335   1.00 9.67  ? 5   DG  A N9    1 
ATOM   109 C  C8    . DG  A 1 5 ? 3.483   -8.715  7.979   1.00 9.13  ? 5   DG  A C8    1 
ATOM   110 N  N7    . DG  A 1 5 ? 2.478   -8.076  7.451   1.00 8.47  ? 5   DG  A N7    1 
ATOM   111 C  C5    . DG  A 1 5 ? 1.639   -7.819  8.530   1.00 7.55  ? 5   DG  A C5    1 
ATOM   112 C  C6    . DG  A 1 5 ? 0.387   -7.152  8.576   1.00 7.00  ? 5   DG  A C6    1 
ATOM   113 O  O6    . DG  A 1 5 ? -0.254  -6.639  7.651   1.00 8.04  ? 5   DG  A O6    1 
ATOM   114 N  N1    . DG  A 1 5 ? -0.118  -7.111  9.868   1.00 7.05  ? 5   DG  A N1    1 
ATOM   115 C  C2    . DG  A 1 5 ? 0.499   -7.645  10.972  1.00 7.43  ? 5   DG  A C2    1 
ATOM   116 N  N2    . DG  A 1 5 ? -0.150  -7.504  12.135  1.00 8.05  ? 5   DG  A N2    1 
ATOM   117 N  N3    . DG  A 1 5 ? 1.664   -8.267  10.944  1.00 8.14  ? 5   DG  A N3    1 
ATOM   118 C  C4    . DG  A 1 5 ? 2.176   -8.321  9.698   1.00 8.23  ? 5   DG  A C4    1 
ATOM   119 P  P     . DC  A 1 6 ? 6.187   -12.916 11.913  1.00 12.07 ? 6   DC  A P     1 
ATOM   120 O  OP1   . DC  A 1 6 ? 6.912   -13.121 13.184  1.00 15.20 ? 6   DC  A OP1   1 
ATOM   121 O  OP2   . DC  A 1 6 ? 6.467   -13.739 10.716  1.00 12.89 ? 6   DC  A OP2   1 
ATOM   122 O  "O5'" . DC  A 1 6 ? 4.629   -13.078 12.218  1.00 11.33 ? 6   DC  A "O5'" 1 
ATOM   123 C  "C5'" . DC  A 1 6 ? 4.121   -12.468 13.413  1.00 12.11 ? 6   DC  A "C5'" 1 
ATOM   124 C  "C4'" . DC  A 1 6 ? 2.609   -12.605 13.381  1.00 10.98 ? 6   DC  A "C4'" 1 
ATOM   125 O  "O4'" . DC  A 1 6 ? 2.061   -11.781 12.343  1.00 9.76  ? 6   DC  A "O4'" 1 
ATOM   126 C  "C3'" . DC  A 1 6 ? 2.103   -14.020 13.114  1.00 9.48  ? 6   DC  A "C3'" 1 
ATOM   127 O  "O3'" . DC  A 1 6 ? 1.058   -14.297 14.052  1.00 10.60 ? 6   DC  A "O3'" 1 
ATOM   128 C  "C2'" . DC  A 1 6 ? 1.509   -13.931 11.722  1.00 8.94  ? 6   DC  A "C2'" 1 
ATOM   129 C  "C1'" . DC  A 1 6 ? 0.991   -12.503 11.754  1.00 8.67  ? 6   DC  A "C1'" 1 
ATOM   130 N  N1    . DC  A 1 6 ? 0.665   -11.908 10.458  1.00 7.95  ? 6   DC  A N1    1 
ATOM   131 C  C2    . DC  A 1 6 ? -0.466  -11.092 10.366  1.00 8.05  ? 6   DC  A C2    1 
ATOM   132 O  O2    . DC  A 1 6 ? -1.154  -10.911 11.381  1.00 7.89  ? 6   DC  A O2    1 
ATOM   133 N  N3    . DC  A 1 6 ? -0.783  -10.538 9.178   1.00 7.03  ? 6   DC  A N3    1 
ATOM   134 C  C4    . DC  A 1 6 ? -0.015  -10.755 8.110   1.00 7.27  ? 6   DC  A C4    1 
ATOM   135 N  N4    . DC  A 1 6 ? -0.359  -10.186 6.956   1.00 8.18  ? 6   DC  A N4    1 
ATOM   136 C  C5    . DC  A 1 6 ? 1.149   -11.571 8.182   1.00 8.18  ? 6   DC  A C5    1 
ATOM   137 C  C6    . DC  A 1 6 ? 1.450   -12.128 9.361   1.00 8.44  ? 6   DC  A C6    1 
ATOM   138 P  P     . DG  A 1 7 ? 0.845   -15.742 14.714  1.00 12.06 ? 7   DG  A P     1 
ATOM   139 O  OP1   . DG  A 1 7 ? -0.161  -15.519 15.779  1.00 14.89 ? 7   DG  A OP1   1 
ATOM   140 O  OP2   . DG  A 1 7 ? 2.150   -16.346 15.053  1.00 13.44 ? 7   DG  A OP2   1 
ATOM   141 O  "O5'" . DG  A 1 7 ? 0.229   -16.611 13.535  1.00 9.88  ? 7   DG  A "O5'" 1 
ATOM   142 C  "C5'" . DG  A 1 7 ? -1.068  -16.277 13.034  1.00 8.30  ? 7   DG  A "C5'" 1 
ATOM   143 C  "C4'" . DG  A 1 7 ? -1.373  -17.246 11.913  1.00 7.91  ? 7   DG  A "C4'" 1 
ATOM   144 O  "O4'" . DG  A 1 7 ? -0.453  -17.083 10.815  1.00 7.28  ? 7   DG  A "O4'" 1 
ATOM   145 C  "C3'" . DG  A 1 7 ? -1.283  -18.720 12.278  1.00 8.82  ? 7   DG  A "C3'" 1 
ATOM   146 O  "O3'" . DG  A 1 7 ? -2.547  -19.253 12.651  1.00 9.49  ? 7   DG  A "O3'" 1 
ATOM   147 C  "C2'" . DG  A 1 7 ? -0.668  -19.361 11.074  1.00 8.09  ? 7   DG  A "C2'" 1 
ATOM   148 C  "C1'" . DG  A 1 7 ? 0.249   -18.288 10.516  1.00 7.44  ? 7   DG  A "C1'" 1 
ATOM   149 N  N9    . DG  A 1 7 ? 1.539   -18.189 11.219  1.00 7.65  ? 7   DG  A N9    1 
ATOM   150 C  C8    . DG  A 1 7 ? 2.005   -18.858 12.321  1.00 9.63  ? 7   DG  A C8    1 
ATOM   151 N  N7    . DG  A 1 7 ? 3.217   -18.510 12.676  1.00 9.77  ? 7   DG  A N7    1 
ATOM   152 C  C5    . DG  A 1 7 ? 3.564   -17.547 11.738  1.00 9.05  ? 7   DG  A C5    1 
ATOM   153 C  C6    . DG  A 1 7 ? 4.754   -16.789 11.587  1.00 10.40 ? 7   DG  A C6    1 
ATOM   154 O  O6    . DG  A 1 7 ? 5.773   -16.825 12.281  1.00 13.56 ? 7   DG  A O6    1 
ATOM   155 N  N1    . DG  A 1 7 ? 4.692   -15.918 10.504  1.00 9.26  ? 7   DG  A N1    1 
ATOM   156 C  C2    . DG  A 1 7 ? 3.611   -15.794 9.663   1.00 7.47  ? 7   DG  A C2    1 
ATOM   157 N  N2    . DG  A 1 7 ? 3.736   -14.902 8.671   1.00 8.14  ? 7   DG  A N2    1 
ATOM   158 N  N3    . DG  A 1 7 ? 2.497   -16.492 9.786   1.00 6.84  ? 7   DG  A N3    1 
ATOM   159 C  C4    . DG  A 1 7 ? 2.546   -17.335 10.835  1.00 7.83  ? 7   DG  A C4    1 
ATOM   160 O  "O5'" . DC  B 2 1 ? -12.755 -12.515 6.776   1.00 11.07 ? 1   DC  B "O5'" 1 
ATOM   161 C  "C5'" . DC  B 2 1 ? -11.821 -11.982 7.717   1.00 9.57  ? 1   DC  B "C5'" 1 
ATOM   162 C  "C4'" . DC  B 2 1 ? -10.743 -11.265 6.937   1.00 8.69  ? 1   DC  B "C4'" 1 
ATOM   163 O  "O4'" . DC  B 2 1 ? -10.001 -12.194 6.120   1.00 8.18  ? 1   DC  B "O4'" 1 
ATOM   164 C  "C3'" . DC  B 2 1 ? -11.258 -10.164 6.000   1.00 10.21 ? 1   DC  B "C3'" 1 
ATOM   165 O  "O3'" A DC  B 2 1 ? -10.272 -9.116  6.043   0.41 11.59 ? 1   DC  B "O3'" 1 
ATOM   166 O  "O3'" B DC  B 2 1 ? -10.476 -8.993  6.197   0.59 11.13 ? 1   DC  B "O3'" 1 
ATOM   167 C  "C2'" . DC  B 2 1 ? -11.089 -10.775 4.623   1.00 9.02  ? 1   DC  B "C2'" 1 
ATOM   168 C  "C1'" . DC  B 2 1 ? -9.849  -11.628 4.827   1.00 8.52  ? 1   DC  B "C1'" 1 
ATOM   169 N  N1    . DC  B 2 1 ? -9.673  -12.704 3.843   1.00 7.10  ? 1   DC  B N1    1 
ATOM   170 C  C2    . DC  B 2 1 ? -8.435  -12.859 3.222   1.00 6.88  ? 1   DC  B C2    1 
ATOM   171 O  O2    . DC  B 2 1 ? -7.512  -12.074 3.517   1.00 8.82  ? 1   DC  B O2    1 
ATOM   172 N  N3    . DC  B 2 1 ? -8.268  -13.845 2.311   1.00 6.29  ? 1   DC  B N3    1 
ATOM   173 C  C4    . DC  B 2 1 ? -9.277  -14.664 2.019   1.00 5.68  ? 1   DC  B C4    1 
ATOM   174 N  N4    . DC  B 2 1 ? -9.072  -15.626 1.123   1.00 6.06  ? 1   DC  B N4    1 
ATOM   175 C  C5    . DC  B 2 1 ? -10.554 -14.540 2.640   1.00 6.80  ? 1   DC  B C5    1 
ATOM   176 C  C6    . DC  B 2 1 ? -10.694 -13.555 3.531   1.00 8.30  ? 1   DC  B C6    1 
ATOM   177 P  P     A DG  B 2 2 ? -10.466 -7.523  5.995   0.41 10.77 ? 2   DG  B P     1 
ATOM   178 P  P     B DG  B 2 2 ? -11.203 -7.561  6.267   0.59 9.80  ? 2   DG  B P     1 
ATOM   179 O  OP1   A DG  B 2 2 ? -11.899 -7.285  5.651   0.41 12.15 ? 2   DG  B OP1   1 
ATOM   180 O  OP1   B DG  B 2 2 ? -12.649 -7.702  6.482   0.59 11.56 ? 2   DG  B OP1   1 
ATOM   181 O  OP2   A DG  B 2 2 ? -9.444  -6.871  5.155   0.41 12.94 ? 2   DG  B OP2   1 
ATOM   182 O  OP2   B DG  B 2 2 ? -10.611 -6.752  5.166   0.59 12.24 ? 2   DG  B OP2   1 
ATOM   183 O  "O5'" A DG  B 2 2 ? -10.230 -7.134  7.520   0.41 10.61 ? 2   DG  B "O5'" 1 
ATOM   184 O  "O5'" B DG  B 2 2 ? -10.530 -6.885  7.556   0.59 10.84 ? 2   DG  B "O5'" 1 
ATOM   185 C  "C5'" . DG  B 2 2 ? -10.826 -7.642  8.725   1.00 10.20 ? 2   DG  B "C5'" 1 
ATOM   186 C  "C4'" . DG  B 2 2 ? -9.983  -7.185  9.884   1.00 9.07  ? 2   DG  B "C4'" 1 
ATOM   187 O  "O4'" . DG  B 2 2 ? -8.646  -7.676  9.642   1.00 8.90  ? 2   DG  B "O4'" 1 
ATOM   188 C  "C3'" . DG  B 2 2 ? -9.829  -5.666  10.010  1.00 8.64  ? 2   DG  B "C3'" 1 
ATOM   189 O  "O3'" . DG  B 2 2 ? -9.822  -5.421  11.415  1.00 8.50  ? 2   DG  B "O3'" 1 
ATOM   190 C  "C2'" . DG  B 2 2 ? -8.497  -5.387  9.344   1.00 8.70  ? 2   DG  B "C2'" 1 
ATOM   191 C  "C1'" . DG  B 2 2 ? -7.685  -6.618  9.717   1.00 8.35  ? 2   DG  B "C1'" 1 
ATOM   192 N  N9    . DG  B 2 2 ? -6.643  -7.001  8.756   1.00 7.85  ? 2   DG  B N9    1 
ATOM   193 C  C8    . DG  B 2 2 ? -6.599  -6.749  7.407   1.00 8.71  ? 2   DG  B C8    1 
ATOM   194 N  N7    . DG  B 2 2 ? -5.531  -7.229  6.832   1.00 9.11  ? 2   DG  B N7    1 
ATOM   195 C  C5    . DG  B 2 2 ? -4.829  -7.833  7.858   1.00 7.42  ? 2   DG  B C5    1 
ATOM   196 C  C6    . DG  B 2 2 ? -3.590  -8.522  7.831   1.00 7.21  ? 2   DG  B C6    1 
ATOM   197 O  O6    . DG  B 2 2 ? -2.844  -8.740  6.866   1.00 8.75  ? 2   DG  B O6    1 
ATOM   198 N  N1    . DG  B 2 2 ? -3.245  -8.974  9.093   1.00 6.57  ? 2   DG  B N1    1 
ATOM   199 C  C2    . DG  B 2 2 ? -3.984  -8.797  10.230  1.00 7.40  ? 2   DG  B C2    1 
ATOM   200 N  N2    . DG  B 2 2 ? -3.480  -9.310  11.354  1.00 7.43  ? 2   DG  B N2    1 
ATOM   201 N  N3    . DG  B 2 2 ? -5.141  -8.155  10.270  1.00 7.39  ? 2   DG  B N3    1 
ATOM   202 C  C4    . DG  B 2 2 ? -5.501  -7.704  9.052   1.00 7.38  ? 2   DG  B C4    1 
ATOM   203 P  P     . DC  B 2 3 ? -10.034 -3.936  11.960  1.00 8.91  ? 3   DC  B P     1 
ATOM   204 O  OP1   . DC  B 2 3 ? -10.544 -4.068  13.350  1.00 10.26 ? 3   DC  B OP1   1 
ATOM   205 O  OP2   . DC  B 2 3 ? -10.800 -3.119  10.987  1.00 11.43 ? 3   DC  B OP2   1 
ATOM   206 O  "O5'" . DC  B 2 3 ? -8.573  -3.344  12.008  1.00 9.14  ? 3   DC  B "O5'" 1 
ATOM   207 C  "C5'" . DC  B 2 3 ? -7.775  -3.284  13.184  1.00 8.13  ? 3   DC  B "C5'" 1 
ATOM   208 C  "C4'" . DC  B 2 3 ? -7.237  -4.625  13.581  1.00 7.78  ? 3   DC  B "C4'" 1 
ATOM   209 O  "O4'" . DC  B 2 3 ? -6.523  -5.243  12.505  1.00 7.71  ? 3   DC  B "O4'" 1 
ATOM   210 C  "C3'" . DC  B 2 3 ? -6.204  -4.512  14.706  1.00 7.14  ? 3   DC  B "C3'" 1 
ATOM   211 O  "O3'" . DC  B 2 3 ? -6.223  -5.748  15.419  1.00 7.48  ? 3   DC  B "O3'" 1 
ATOM   212 C  "C2'" . DC  B 2 3 ? -4.885  -4.327  13.991  1.00 7.56  ? 3   DC  B "C2'" 1 
ATOM   213 C  "C1'" . DC  B 2 3 ? -5.131  -5.199  12.774  1.00 7.62  ? 3   DC  B "C1'" 1 
ATOM   214 N  N1    . DC  B 2 3 ? -4.451  -5.090  11.504  1.00 6.33  ? 3   DC  B N1    1 
ATOM   215 C  C2    . DC  B 2 3 ? -3.205  -5.702  11.348  1.00 5.99  ? 3   DC  B C2    1 
ATOM   216 O  O2    . DC  B 2 3 ? -2.722  -6.301  12.315  1.00 7.41  ? 3   DC  B O2    1 
ATOM   217 N  N3    . DC  B 2 3 ? -2.579  -5.612  10.158  1.00 6.15  ? 3   DC  B N3    1 
ATOM   218 C  C4    . DC  B 2 3 ? -3.146  -4.951  9.144   1.00 6.35  ? 3   DC  B C4    1 
ATOM   219 N  N4    . DC  B 2 3 ? -2.488  -4.884  7.990   1.00 7.86  ? 3   DC  B N4    1 
ATOM   220 C  C5    . DC  B 2 3 ? -4.413  -4.318  9.279   1.00 7.46  ? 3   DC  B C5    1 
ATOM   221 C  C6    . DC  B 2 3 ? -5.030  -4.417  10.466  1.00 7.02  ? 3   DC  B C6    1 
ATOM   222 P  P     . DA  B 2 4 ? -5.766  -5.802  16.953  1.00 7.22  ? 4   DA  B P     1 
ATOM   223 O  OP1   . DA  B 2 4 ? -5.918  -7.219  17.310  1.00 9.59  ? 4   DA  B OP1   1 
ATOM   224 O  OP2   . DA  B 2 4 ? -6.430  -4.749  17.754  1.00 7.28  ? 4   DA  B OP2   1 
ATOM   225 O  "O5'" . DA  B 2 4 ? -4.207  -5.486  16.888  1.00 7.79  ? 4   DA  B "O5'" 1 
ATOM   226 C  "C5'" . DA  B 2 4 ? -3.632  -4.320  17.484  1.00 7.51  ? 4   DA  B "C5'" 1 
ATOM   227 C  "C4'" . DA  B 2 4 ? -2.146  -4.523  17.456  1.00 6.53  ? 4   DA  B "C4'" 1 
ATOM   228 O  "O4'" . DA  B 2 4 ? -1.688  -4.684  16.108  1.00 7.57  ? 4   DA  B "O4'" 1 
ATOM   229 C  "C3'" . DA  B 2 4 ? -1.346  -3.402  18.076  1.00 6.59  ? 4   DA  B "C3'" 1 
ATOM   230 O  "O3'" . DA  B 2 4 ? -0.368  -3.976  18.930  1.00 7.67  ? 4   DA  B "O3'" 1 
ATOM   231 C  "C2'" . DA  B 2 4 ? -0.773  -2.656  16.902  1.00 5.85  ? 4   DA  B "C2'" 1 
ATOM   232 C  "C1'" . DA  B 2 4 ? -0.668  -3.718  15.839  1.00 6.10  ? 4   DA  B "C1'" 1 
ATOM   233 N  N9    . DA  B 2 4 ? -0.950  -3.304  14.461  1.00 5.77  ? 4   DA  B N9    1 
ATOM   234 C  C8    . DA  B 2 4 ? -2.002  -2.548  14.017  1.00 5.95  ? 4   DA  B C8    1 
ATOM   235 N  N7    . DA  B 2 4 ? -2.003  -2.337  12.724  1.00 6.63  ? 4   DA  B N7    1 
ATOM   236 C  C5    . DA  B 2 4 ? -0.873  -3.009  12.285  1.00 6.28  ? 4   DA  B C5    1 
ATOM   237 C  C6    . DA  B 2 4 ? -0.322  -3.158  11.001  1.00 6.77  ? 4   DA  B C6    1 
ATOM   238 N  N6    . DA  B 2 4 ? -0.849  -2.634  9.900   1.00 7.99  ? 4   DA  B N6    1 
ATOM   239 N  N1    . DA  B 2 4 ? 0.808   -3.882  10.904  1.00 7.21  ? 4   DA  B N1    1 
ATOM   240 C  C2    . DA  B 2 4 ? 1.332   -4.402  12.016  1.00 6.92  ? 4   DA  B C2    1 
ATOM   241 N  N3    . DA  B 2 4 ? 0.909   -4.328  13.271  1.00 6.67  ? 4   DA  B N3    1 
ATOM   242 C  C4    . DA  B 2 4 ? -0.213  -3.604  13.340  1.00 6.19  ? 4   DA  B C4    1 
ATOM   243 P  P     . DC  B 2 5 ? 0.672   -3.077  19.763  1.00 8.96  ? 5   DC  B P     1 
ATOM   244 O  OP1   . DC  B 2 5 ? 0.997   -3.929  20.938  1.00 11.42 ? 5   DC  B OP1   1 
ATOM   245 O  OP2   . DC  B 2 5 ? 0.172   -1.705  20.003  1.00 10.13 ? 5   DC  B OP2   1 
ATOM   246 O  "O5'" . DC  B 2 5 ? 1.914   -2.979  18.797  1.00 8.55  ? 5   DC  B "O5'" 1 
ATOM   247 C  "C5'" . DC  B 2 5 ? 2.528   -4.189  18.333  1.00 7.99  ? 5   DC  B "C5'" 1 
ATOM   248 C  "C4'" . DC  B 2 5 ? 3.526   -3.778  17.280  1.00 8.37  ? 5   DC  B "C4'" 1 
ATOM   249 O  "O4'" . DC  B 2 5 ? 2.890   -3.253  16.106  1.00 8.51  ? 5   DC  B "O4'" 1 
ATOM   250 C  "C3'" . DC  B 2 5 ? 4.554   -2.736  17.697  1.00 7.75  ? 5   DC  B "C3'" 1 
ATOM   251 O  "O3'" . DC  B 2 5 ? 5.810   -3.427  17.654  1.00 9.80  ? 5   DC  B "O3'" 1 
ATOM   252 C  "C2'" . DC  B 2 5 ? 4.488   -1.645  16.666  1.00 8.33  ? 5   DC  B "C2'" 1 
ATOM   253 C  "C1'" . DC  B 2 5 ? 3.745   -2.289  15.510  1.00 7.70  ? 5   DC  B "C1'" 1 
ATOM   254 N  N1    . DC  B 2 5 ? 2.825   -1.587  14.616  1.00 6.93  ? 5   DC  B N1    1 
ATOM   255 C  C2    . DC  B 2 5 ? 3.039   -1.583  13.238  1.00 5.81  ? 5   DC  B C2    1 
ATOM   256 O  O2    . DC  B 2 5 ? 4.025   -2.167  12.771  1.00 8.98  ? 5   DC  B O2    1 
ATOM   257 N  N3    . DC  B 2 5 ? 2.153   -0.941  12.449  1.00 5.58  ? 5   DC  B N3    1 
ATOM   258 C  C4    . DC  B 2 5 ? 1.092   -0.334  12.967  1.00 5.54  ? 5   DC  B C4    1 
ATOM   259 N  N4    . DC  B 2 5 ? 0.251   0.289   12.149  1.00 6.07  ? 5   DC  B N4    1 
ATOM   260 C  C5    . DC  B 2 5 ? 0.853   -0.324  14.371  1.00 6.04  ? 5   DC  B C5    1 
ATOM   261 C  C6    . DC  B 2 5 ? 1.733   -0.961  15.145  1.00 5.57  ? 5   DC  B C6    1 
ATOM   262 P  P     . DG  B 2 6 ? 7.043   -2.850  18.474  1.00 11.71 ? 6   DG  B P     1 
ATOM   263 O  OP1   . DG  B 2 6 ? 7.915   -4.008  18.725  1.00 15.93 ? 6   DG  B OP1   1 
ATOM   264 O  OP2   . DG  B 2 6 ? 6.537   -2.073  19.627  1.00 13.49 ? 6   DG  B OP2   1 
ATOM   265 O  "O5'" . DG  B 2 6 ? 7.746   -1.807  17.498  1.00 10.97 ? 6   DG  B "O5'" 1 
ATOM   266 C  "C5'" . DG  B 2 6 ? 8.466   -2.304  16.357  1.00 10.99 ? 6   DG  B "C5'" 1 
ATOM   267 C  "C4'" . DG  B 2 6 ? 8.790   -1.106  15.495  1.00 10.20 ? 6   DG  B "C4'" 1 
ATOM   268 O  "O4'" . DG  B 2 6 ? 7.588   -0.646  14.840  1.00 8.85  ? 6   DG  B "O4'" 1 
ATOM   269 C  "C3'" . DG  B 2 6 ? 9.344   0.098   16.255  1.00 10.08 ? 6   DG  B "C3'" 1 
ATOM   270 O  "O3'" . DG  B 2 6 ? 10.320  0.683   15.391  1.00 11.67 ? 6   DG  B "O3'" 1 
ATOM   271 C  "C2'" . DG  B 2 6 ? 8.140   1.045   16.337  1.00 9.04  ? 6   DG  B "C2'" 1 
ATOM   272 C  "C1'" . DG  B 2 6 ? 7.540   0.770   14.985  1.00 7.66  ? 6   DG  B "C1'" 1 
ATOM   273 N  N9    . DG  B 2 6 ? 6.163   1.208   14.789  1.00 6.65  ? 6   DG  B N9    1 
ATOM   274 C  C8    . DG  B 2 6 ? 5.179   1.470   15.708  1.00 6.97  ? 6   DG  B C8    1 
ATOM   275 N  N7    . DG  B 2 6 ? 4.054   1.846   15.159  1.00 6.66  ? 6   DG  B N7    1 
ATOM   276 C  C5    . DG  B 2 6 ? 4.313   1.826   13.796  1.00 5.97  ? 6   DG  B C5    1 
ATOM   277 C  C6    . DG  B 2 6 ? 3.480   2.135   12.692  1.00 5.84  ? 6   DG  B C6    1 
ATOM   278 O  O6    . DG  B 2 6 ? 2.300   2.503   12.702  1.00 5.89  ? 6   DG  B O6    1 
ATOM   279 N  N1    . DG  B 2 6 ? 4.156   1.984   11.482  1.00 5.46  ? 6   DG  B N1    1 
ATOM   280 C  C2    . DG  B 2 6 ? 5.457   1.586   11.342  1.00 5.93  ? 6   DG  B C2    1 
ATOM   281 N  N2    . DG  B 2 6 ? 5.930   1.499   10.093  1.00 6.81  ? 6   DG  B N2    1 
ATOM   282 N  N3    . DG  B 2 6 ? 6.240   1.295   12.367  1.00 6.40  ? 6   DG  B N3    1 
ATOM   283 C  C4    . DG  B 2 6 ? 5.608   1.435   13.548  1.00 5.79  ? 6   DG  B C4    1 
ATOM   284 P  P     . DC  B 2 7 ? 11.765  1.015   15.985  1.00 15.14 ? 7   DC  B P     1 
ATOM   285 O  OP1   . DC  B 2 7 ? 12.384  -0.237  16.427  1.00 20.82 ? 7   DC  B OP1   1 
ATOM   286 O  OP2   . DC  B 2 7 ? 11.706  2.177   16.922  1.00 22.65 ? 7   DC  B OP2   1 
ATOM   287 O  "O5'" . DC  B 2 7 ? 12.494  1.564   14.685  1.00 14.52 ? 7   DC  B "O5'" 1 
ATOM   288 C  "C5'" . DC  B 2 7 ? 12.688  0.710   13.561  1.00 13.31 ? 7   DC  B "C5'" 1 
ATOM   289 C  "C4'" . DC  B 2 7 ? 12.534  1.539   12.309  1.00 11.53 ? 7   DC  B "C4'" 1 
ATOM   290 O  "O4'" . DC  B 2 7 ? 11.146  1.913   12.134  1.00 9.48  ? 7   DC  B "O4'" 1 
ATOM   291 C  "C3'" . DC  B 2 7 ? 13.315  2.825   12.235  1.00 10.61 ? 7   DC  B "C3'" 1 
ATOM   292 O  "O3'" . DC  B 2 7 ? 13.770  3.136   10.921  1.00 13.33 ? 7   DC  B "O3'" 1 
ATOM   293 C  "C2'" . DC  B 2 7 ? 12.333  3.862   12.719  1.00 10.79 ? 7   DC  B "C2'" 1 
ATOM   294 C  "C1'" . DC  B 2 7 ? 11.063  3.328   12.078  1.00 8.39  ? 7   DC  B "C1'" 1 
ATOM   295 N  N1    . DC  B 2 7 ? 9.787   3.691   12.691  1.00 7.41  ? 7   DC  B N1    1 
ATOM   296 C  C2    . DC  B 2 7 ? 8.677   3.866   11.858  1.00 6.74  ? 7   DC  B C2    1 
ATOM   297 O  O2    . DC  B 2 7 ? 8.808   3.713   10.636  1.00 7.81  ? 7   DC  B O2    1 
ATOM   298 N  N3    . DC  B 2 7 ? 7.496   4.209   12.412  1.00 6.39  ? 7   DC  B N3    1 
ATOM   299 C  C4    . DC  B 2 7 ? 7.384   4.359   13.735  1.00 5.92  ? 7   DC  B C4    1 
ATOM   300 N  N4    . DC  B 2 7 ? 6.194   4.684   14.230  1.00 5.85  ? 7   DC  B N4    1 
ATOM   301 C  C5    . DC  B 2 7 ? 8.493   4.176   14.611  1.00 6.40  ? 7   DC  B C5    1 
ATOM   302 C  C6    . DC  B 2 7 ? 9.656   3.852   14.044  1.00 6.78  ? 7   DC  B C6    1 
ATOM   303 O  "O5'" . DG  C 1 1 ? -5.574  -5.630  -19.046 0.50 18.17 ? 1   DG  C "O5'" 1 
ATOM   304 C  "C5'" . DG  C 1 1 ? -6.927  -6.076  -19.143 1.00 16.97 ? 1   DG  C "C5'" 1 
ATOM   305 C  "C4'" . DG  C 1 1 ? -7.814  -5.262  -18.263 1.00 14.60 ? 1   DG  C "C4'" 1 
ATOM   306 O  "O4'" . DG  C 1 1 ? -7.498  -5.339  -16.855 1.00 12.94 ? 1   DG  C "O4'" 1 
ATOM   307 C  "C3'" . DG  C 1 1 ? -7.820  -3.757  -18.526 1.00 13.73 ? 1   DG  C "C3'" 1 
ATOM   308 O  "O3'" . DG  C 1 1 ? -9.175  -3.354  -18.301 1.00 15.95 ? 1   DG  C "O3'" 1 
ATOM   309 C  "C2'" . DG  C 1 1 ? -6.868  -3.202  -17.497 1.00 11.06 ? 1   DG  C "C2'" 1 
ATOM   310 C  "C1'" . DG  C 1 1 ? -6.993  -4.096  -16.323 1.00 9.96  ? 1   DG  C "C1'" 1 
ATOM   311 N  N9    . DG  C 1 1 ? -5.795  -4.628  -15.653 1.00 7.54  ? 1   DG  C N9    1 
ATOM   312 C  C8    . DG  C 1 1 ? -4.627  -5.043  -16.254 1.00 8.88  ? 1   DG  C C8    1 
ATOM   313 N  N7    . DG  C 1 1 ? -3.738  -5.470  -15.395 1.00 8.37  ? 1   DG  C N7    1 
ATOM   314 C  C5    . DG  C 1 1 ? -4.360  -5.330  -14.165 1.00 7.34  ? 1   DG  C C5    1 
ATOM   315 C  C6    . DG  C 1 1 ? -3.879  -5.640  -12.868 1.00 6.12  ? 1   DG  C C6    1 
ATOM   316 O  O6    . DG  C 1 1 ? -2.776  -6.104  -12.566 1.00 7.12  ? 1   DG  C O6    1 
ATOM   317 N  N1    . DG  C 1 1 ? -4.825  -5.350  -11.892 1.00 5.22  ? 1   DG  C N1    1 
ATOM   318 C  C2    . DG  C 1 1 ? -6.069  -4.829  -12.139 1.00 5.41  ? 1   DG  C C2    1 
ATOM   319 N  N2    . DG  C 1 1 ? -6.845  -4.617  -11.065 1.00 5.73  ? 1   DG  C N2    1 
ATOM   320 N  N3    . DG  C 1 1 ? -6.532  -4.540  -13.346 1.00 6.11  ? 1   DG  C N3    1 
ATOM   321 C  C4    . DG  C 1 1 ? -5.629  -4.814  -14.305 1.00 6.48  ? 1   DG  C C4    1 
ATOM   322 P  P     . DC  C 1 2 ? -9.615  -1.831  -18.502 1.00 18.94 ? 2   DC  C P     1 
ATOM   323 O  OP1   . DC  C 1 2 ? -11.070 -1.938  -18.753 1.00 24.56 ? 2   DC  C OP1   1 
ATOM   324 O  OP2   . DC  C 1 2 ? -8.661  -1.181  -19.415 1.00 20.71 ? 2   DC  C OP2   1 
ATOM   325 O  "O5'" . DC  C 1 2 ? -9.417  -1.251  -17.043 1.00 15.91 ? 2   DC  C "O5'" 1 
ATOM   326 C  "C5'" . DC  C 1 2 ? -10.198 -1.850  -16.001 1.00 14.18 ? 2   DC  C "C5'" 1 
ATOM   327 C  "C4'" . DC  C 1 2 ? -9.656  -1.369  -14.684 1.00 11.27 ? 2   DC  C "C4'" 1 
ATOM   328 O  "O4'" . DC  C 1 2 ? -8.292  -1.780  -14.529 1.00 9.18  ? 2   DC  C "O4'" 1 
ATOM   329 C  "C3'" . DC  C 1 2 ? -9.575  0.155   -14.579 1.00 11.63 ? 2   DC  C "C3'" 1 
ATOM   330 O  "O3'" A DC  C 1 2 ? -10.742 0.731   -14.023 0.57 11.88 ? 2   DC  C "O3'" 1 
ATOM   331 O  "O3'" B DC  C 1 2 ? -10.715 0.466   -13.762 0.43 12.22 ? 2   DC  C "O3'" 1 
ATOM   332 C  "C2'" . DC  C 1 2 ? -8.310  0.467   -13.821 1.00 10.36 ? 2   DC  C "C2'" 1 
ATOM   333 C  "C1'" . DC  C 1 2 ? -7.668  -0.893  -13.613 1.00 8.15  ? 2   DC  C "C1'" 1 
ATOM   334 N  N1    . DC  C 1 2 ? -6.240  -1.120  -13.848 1.00 7.84  ? 2   DC  C N1    1 
ATOM   335 C  C2    . DC  C 1 2 ? -5.420  -1.496  -12.782 1.00 6.49  ? 2   DC  C C2    1 
ATOM   336 O  O2    . DC  C 1 2 ? -5.919  -1.614  -11.652 1.00 6.93  ? 2   DC  C O2    1 
ATOM   337 N  N3    . DC  C 1 2 ? -4.104  -1.715  -13.015 1.00 6.67  ? 2   DC  C N3    1 
ATOM   338 C  C4    . DC  C 1 2 ? -3.602  -1.569  -14.243 1.00 6.53  ? 2   DC  C C4    1 
ATOM   339 N  N4    . DC  C 1 2 ? -2.300  -1.792  -14.415 1.00 7.42  ? 2   DC  C N4    1 
ATOM   340 C  C5    . DC  C 1 2 ? -4.418  -1.185  -15.343 1.00 7.94  ? 2   DC  C C5    1 
ATOM   341 C  C6    . DC  C 1 2 ? -5.718  -0.979  -15.106 1.00 8.76  ? 2   DC  C C6    1 
ATOM   342 P  P     A DG  C 1 3 ? -10.885 2.331   -13.933 0.57 10.96 ? 3   DG  C P     1 
ATOM   343 P  P     B DG  C 1 3 ? -11.552 1.763   -13.396 0.43 12.43 ? 3   DG  C P     1 
ATOM   344 O  OP1   A DG  C 1 3 ? -12.359 2.443   -13.766 0.57 11.23 ? 3   DG  C OP1   1 
ATOM   345 O  OP1   B DG  C 1 3 ? -12.891 1.412   -12.866 0.43 12.74 ? 3   DG  C OP1   1 
ATOM   346 O  OP2   A DG  C 1 3 ? -10.162 3.004   -15.015 0.57 13.87 ? 3   DG  C OP2   1 
ATOM   347 O  OP2   B DG  C 1 3 ? -11.479 2.741   -14.523 0.43 13.93 ? 3   DG  C OP2   1 
ATOM   348 O  "O5'" A DG  C 1 3 ? -10.172 2.675   -12.555 0.57 9.59  ? 3   DG  C "O5'" 1 
ATOM   349 O  "O5'" B DG  C 1 3 ? -10.693 2.403   -12.198 0.43 11.03 ? 3   DG  C "O5'" 1 
ATOM   350 C  "C5'" A DG  C 1 3 ? -10.675 1.919   -11.445 0.57 8.96  ? 3   DG  C "C5'" 1 
ATOM   351 C  "C5'" B DG  C 1 3 ? -10.862 1.755   -10.934 0.43 9.71  ? 3   DG  C "C5'" 1 
ATOM   352 C  "C4'" A DG  C 1 3 ? -9.838  2.198   -10.214 0.57 9.50  ? 3   DG  C "C4'" 1 
ATOM   353 C  "C4'" B DG  C 1 3 ? -9.763  2.095   -9.961  0.43 9.56  ? 3   DG  C "C4'" 1 
ATOM   354 O  "O4'" A DG  C 1 3 ? -8.524  1.643   -10.419 0.57 8.93  ? 3   DG  C "O4'" 1 
ATOM   355 O  "O4'" B DG  C 1 3 ? -8.506  1.628   -10.492 0.43 8.98  ? 3   DG  C "O4'" 1 
ATOM   356 C  "C3'" A DG  C 1 3 ? -9.652  3.709   -10.011 0.57 9.93  ? 3   DG  C "C3'" 1 
ATOM   357 C  "C3'" B DG  C 1 3 ? -9.585  3.583   -9.658  0.43 10.04 ? 3   DG  C "C3'" 1 
ATOM   358 O  "O3'" A DG  C 1 3 ? -9.467  4.031   -8.635  0.57 12.07 ? 3   DG  C "O3'" 1 
ATOM   359 O  "O3'" B DG  C 1 3 ? -9.231  3.779   -8.284  0.43 11.27 ? 3   DG  C "O3'" 1 
ATOM   360 C  "C2'" A DG  C 1 3 ? -8.377  3.915   -10.770 0.57 10.28 ? 3   DG  C "C2'" 1 
ATOM   361 C  "C2'" B DG  C 1 3 ? -8.389  3.936   -10.511 0.43 10.11 ? 3   DG  C "C2'" 1 
ATOM   362 C  "C1'" . DG  C 1 3 ? -7.560  2.674   -10.379 1.00 9.71  ? 3   DG  C "C1'" 1 
ATOM   363 N  N9    . DG  C 1 3 ? -6.463  2.490   -11.328 1.00 8.57  ? 3   DG  C N9    1 
ATOM   364 C  C8    . DG  C 1 3 ? -6.391  2.843   -12.653 1.00 9.33  ? 3   DG  C C8    1 
ATOM   365 N  N7    . DG  C 1 3 ? -5.257  2.530   -13.212 1.00 9.00  ? 3   DG  C N7    1 
ATOM   366 C  C5    . DG  C 1 3 ? -4.529  1.931   -12.189 1.00 7.25  ? 3   DG  C C5    1 
ATOM   367 C  C6    . DG  C 1 3 ? -3.221  1.386   -12.191 1.00 6.67  ? 3   DG  C C6    1 
ATOM   368 O  O6    . DG  C 1 3 ? -2.417  1.322   -13.131 1.00 7.50  ? 3   DG  C O6    1 
ATOM   369 N  N1    . DG  C 1 3 ? -2.874  0.882   -10.941 1.00 5.65  ? 3   DG  C N1    1 
ATOM   370 C  C2    . DG  C 1 3 ? -3.686  0.897   -9.835  1.00 5.79  ? 3   DG  C C2    1 
ATOM   371 N  N2    . DG  C 1 3 ? -3.168  0.362   -8.722  1.00 6.14  ? 3   DG  C N2    1 
ATOM   372 N  N3    . DG  C 1 3 ? -4.904  1.402   -9.824  1.00 7.38  ? 3   DG  C N3    1 
ATOM   373 C  C4    . DG  C 1 3 ? -5.260  1.898   -11.025 1.00 7.69  ? 3   DG  C C4    1 
HETATM 374 C  "C4'" . XTR C 1 4 ? -7.458  3.988   -5.294  1.00 10.14 ? 4   XTR C "C4'" 1 
HETATM 375 C  "C7'" . XTR C 1 4 ? -5.974  2.589   -6.656  1.00 8.84  ? 4   XTR C "C7'" 1 
HETATM 376 C  "C6'" . XTR C 1 4 ? -7.220  2.851   -6.205  1.00 9.46  ? 4   XTR C "C6'" 1 
HETATM 377 C  "C1'" . XTR C 1 4 ? -4.775  3.432   -6.287  1.00 8.61  ? 4   XTR C "C1'" 1 
HETATM 378 O  O4    . XTR C 1 4 ? -2.547  5.032   -11.007 1.00 8.39  ? 4   XTR C O4    1 
HETATM 379 C  C4    . XTR C 1 4 ? -3.099  4.687   -9.967  1.00 6.41  ? 4   XTR C C4    1 
HETATM 380 C  C5    . XTR C 1 4 ? -4.487  4.943   -9.663  1.00 8.01  ? 4   XTR C C5    1 
HETATM 381 C  C5M   . XTR C 1 4 ? -5.269  5.652   -10.721 1.00 11.21 ? 4   XTR C C5M   1 
HETATM 382 C  C6    . XTR C 1 4 ? -4.956  4.519   -8.487  1.00 7.90  ? 4   XTR C C6    1 
HETATM 383 N  N3    . XTR C 1 4 ? -2.389  4.038   -8.981  1.00 6.37  ? 4   XTR C N3    1 
HETATM 384 C  C2    . XTR C 1 4 ? -2.851  3.611   -7.763  1.00 6.34  ? 4   XTR C C2    1 
HETATM 385 O  O2    . XTR C 1 4 ? -2.128  3.034   -6.964  1.00 7.64  ? 4   XTR C O2    1 
HETATM 386 N  N1    . XTR C 1 4 ? -4.189  3.860   -7.546  1.00 6.89  ? 4   XTR C N1    1 
HETATM 387 C  "C2'" . XTR C 1 4 ? -4.917  4.278   -5.055  1.00 8.60  ? 4   XTR C "C2'" 1 
HETATM 388 C  "C3'" . XTR C 1 4 ? -6.283  4.956   -5.241  1.00 8.83  ? 4   XTR C "C3'" 1 
HETATM 389 P  P     A XTR C 1 4 ? -9.552  5.566   -8.188  0.57 12.50 ? 4   XTR C P     1 
HETATM 390 P  P     B XTR C 1 4 ? -10.222 4.652   -7.369  0.43 10.51 ? 4   XTR C P     1 
HETATM 391 O  OP1   A XTR C 1 4 ? -10.891 5.758   -7.561  0.57 11.81 ? 4   XTR C OP1   1 
HETATM 392 O  OP1   B XTR C 1 4 ? -11.223 3.708   -6.822  0.43 13.13 ? 4   XTR C OP1   1 
HETATM 393 O  OP2   A XTR C 1 4 ? -9.096  6.510   -9.222  0.57 15.05 ? 4   XTR C OP2   1 
HETATM 394 O  OP2   B XTR C 1 4 ? -10.690 5.797   -8.196  0.43 13.27 ? 4   XTR C OP2   1 
HETATM 395 O  "O5'" A XTR C 1 4 ? -8.479  5.543   -6.983  0.57 11.56 ? 4   XTR C "O5'" 1 
HETATM 396 O  "O5'" B XTR C 1 4 ? -9.257  5.174   -6.220  0.43 11.21 ? 4   XTR C "O5'" 1 
HETATM 397 C  "C5'" A XTR C 1 4 ? -8.678  4.742   -5.813  0.57 11.26 ? 4   XTR C "C5'" 1 
HETATM 398 C  "C5'" B XTR C 1 4 ? -8.887  4.352   -5.112  0.43 10.81 ? 4   XTR C "C5'" 1 
HETATM 399 O  "O3'" . XTR C 1 4 ? -6.408  5.717   -4.040  1.00 8.64  ? 4   XTR C "O3'" 1 
ATOM   400 P  P     . DG  C 1 5 ? -5.940  7.229   -4.057  1.00 8.84  ? 5   DG  C P     1 
ATOM   401 O  OP1   . DG  C 1 5 ? -6.378  7.754   -2.749  1.00 10.00 ? 5   DG  C OP1   1 
ATOM   402 O  OP2   . DG  C 1 5 ? -6.339  7.902   -5.299  1.00 10.12 ? 5   DG  C OP2   1 
ATOM   403 O  "O5'" . DG  C 1 5 ? -4.341  7.175   -4.090  1.00 7.67  ? 5   DG  C "O5'" 1 
ATOM   404 C  "C5'" . DG  C 1 5 ? -3.641  6.531   -3.014  1.00 7.11  ? 5   DG  C "C5'" 1 
ATOM   405 C  "C4'" . DG  C 1 5 ? -2.193  6.415   -3.382  1.00 6.90  ? 5   DG  C "C4'" 1 
ATOM   406 O  "O4'" . DG  C 1 5 ? -2.006  5.691   -4.622  1.00 6.78  ? 5   DG  C "O4'" 1 
ATOM   407 C  "C3'" . DG  C 1 5 ? -1.456  7.750   -3.591  1.00 6.83  ? 5   DG  C "C3'" 1 
ATOM   408 O  "O3'" . DG  C 1 5 ? -1.113  8.228   -2.295  1.00 7.33  ? 5   DG  C "O3'" 1 
ATOM   409 C  "C2'" . DG  C 1 5 ? -0.251  7.249   -4.366  1.00 6.79  ? 5   DG  C "C2'" 1 
ATOM   410 C  "C1'" . DG  C 1 5 ? -0.852  6.206   -5.277  1.00 6.92  ? 5   DG  C "C1'" 1 
ATOM   411 N  N9    . DG  C 1 5 ? -1.315  6.698   -6.585  1.00 5.84  ? 5   DG  C N9    1 
ATOM   412 C  C8    . DG  C 1 5 ? -2.545  7.198   -6.929  1.00 6.89  ? 5   DG  C C8    1 
ATOM   413 N  N7    . DG  C 1 5 ? -2.620  7.548   -8.182  1.00 6.61  ? 5   DG  C N7    1 
ATOM   414 C  C5    . DG  C 1 5 ? -1.366  7.265   -8.693  1.00 5.58  ? 5   DG  C C5    1 
ATOM   415 C  C6    . DG  C 1 5 ? -0.852  7.430   -10.010 1.00 5.52  ? 5   DG  C C6    1 
ATOM   416 O  O6    . DG  C 1 5 ? -1.438  7.881   -10.995 1.00 6.35  ? 5   DG  C O6    1 
ATOM   417 N  N1    . DG  C 1 5 ? 0.469   7.009   -10.095 1.00 4.94  ? 5   DG  C N1    1 
ATOM   418 C  C2    . DG  C 1 5 ? 1.200   6.500   -9.054  1.00 5.37  ? 5   DG  C C2    1 
ATOM   419 N  N2    . DG  C 1 5 ? 2.461   6.149   -9.324  1.00 6.30  ? 5   DG  C N2    1 
ATOM   420 N  N3    . DG  C 1 5 ? 0.731   6.342   -7.825  1.00 5.34  ? 5   DG  C N3    1 
ATOM   421 C  C4    . DG  C 1 5 ? -0.547  6.738   -7.723  1.00 5.61  ? 5   DG  C C4    1 
ATOM   422 P  P     . DC  C 1 6 ? -1.119  9.786   -1.962  1.00 7.51  ? 6   DC  C P     1 
ATOM   423 O  OP1   . DC  C 1 6 ? -1.076  9.831   -0.478  1.00 8.84  ? 6   DC  C OP1   1 
ATOM   424 O  OP2   . DC  C 1 6 ? -2.171  10.485  -2.695  1.00 8.21  ? 6   DC  C OP2   1 
ATOM   425 O  "O5'" . DC  C 1 6 ? 0.270   10.302  -2.557  1.00 7.36  ? 6   DC  C "O5'" 1 
ATOM   426 C  "C5'" . DC  C 1 6 ? 1.478   9.708   -2.091  1.00 7.69  ? 6   DC  C "C5'" 1 
ATOM   427 C  "C4'" . DC  C 1 6 ? 2.608   10.112  -2.992  1.00 7.14  ? 6   DC  C "C4'" 1 
ATOM   428 O  "O4'" . DC  C 1 6 ? 2.302   9.571   -4.275  1.00 7.02  ? 6   DC  C "O4'" 1 
ATOM   429 C  "C3'" . DC  C 1 6 ? 2.871   11.598  -3.147  1.00 6.89  ? 6   DC  C "C3'" 1 
ATOM   430 O  "O3'" . DC  C 1 6 ? 4.281   11.815  -3.302  1.00 7.52  ? 6   DC  C "O3'" 1 
ATOM   431 C  "C2'" . DC  C 1 6 ? 2.251   11.878  -4.489  1.00 7.08  ? 6   DC  C "C2'" 1 
ATOM   432 C  "C1'" . DC  C 1 6 ? 2.432   10.583  -5.260  1.00 6.93  ? 6   DC  C "C1'" 1 
ATOM   433 N  N1    . DC  C 1 6 ? 1.502   10.545  -6.370  1.00 5.90  ? 6   DC  C N1    1 
ATOM   434 C  C2    . DC  C 1 6 ? 2.001   10.276  -7.647  1.00 6.03  ? 6   DC  C C2    1 
ATOM   435 O  O2    . DC  C 1 6 ? 3.213   10.066  -7.792  1.00 7.25  ? 6   DC  C O2    1 
ATOM   436 N  N3    . DC  C 1 6 ? 1.141   10.259  -8.684  1.00 5.37  ? 6   DC  C N3    1 
ATOM   437 C  C4    . DC  C 1 6 ? -0.156  10.498  -8.490  1.00 5.81  ? 6   DC  C C4    1 
ATOM   438 N  N4    . DC  C 1 6 ? -0.968  10.466  -9.540  1.00 7.29  ? 6   DC  C N4    1 
ATOM   439 C  C5    . DC  C 1 6 ? -0.699  10.762  -7.199  1.00 6.81  ? 6   DC  C C5    1 
ATOM   440 C  C6    . DC  C 1 6 ? 0.165   10.778  -6.181  1.00 7.27  ? 6   DC  C C6    1 
ATOM   441 P  P     . DG  C 1 7 ? 5.006   12.994  -2.524  1.00 8.34  ? 7   DG  C P     1 
ATOM   442 O  OP1   . DG  C 1 7 ? 6.427   12.801  -2.918  1.00 9.49  ? 7   DG  C OP1   1 
ATOM   443 O  OP2   . DG  C 1 7 ? 4.590   13.006  -1.127  1.00 9.49  ? 7   DG  C OP2   1 
ATOM   444 O  "O5'" . DG  C 1 7 ? 4.481   14.358  -3.180  1.00 7.74  ? 7   DG  C "O5'" 1 
ATOM   445 C  "C5'" . DG  C 1 7 ? 4.938   14.787  -4.460  1.00 8.00  ? 7   DG  C "C5'" 1 
ATOM   446 C  "C4'" . DG  C 1 7 ? 4.187   16.023  -4.888  1.00 8.39  ? 7   DG  C "C4'" 1 
ATOM   447 O  "O4'" . DG  C 1 7 ? 2.794   15.724  -5.072  1.00 7.64  ? 7   DG  C "O4'" 1 
ATOM   448 C  "C3'" . DG  C 1 7 ? 4.234   17.158  -3.883  1.00 9.07  ? 7   DG  C "C3'" 1 
ATOM   449 O  "O3'" . DG  C 1 7 ? 5.338   18.027  -4.070  1.00 12.51 ? 7   DG  C "O3'" 1 
ATOM   450 C  "C2'" . DG  C 1 7 ? 2.900   17.851  -4.072  1.00 8.72  ? 7   DG  C "C2'" 1 
ATOM   451 C  "C1'" . DG  C 1 7 ? 1.973   16.712  -4.444  1.00 7.66  ? 7   DG  C "C1'" 1 
ATOM   452 N  N9    . DG  C 1 7 ? 1.440   16.023  -3.256  1.00 8.17  ? 7   DG  C N9    1 
ATOM   453 C  C8    . DG  C 1 7 ? 1.800   16.159  -1.941  1.00 8.61  ? 7   DG  C C8    1 
ATOM   454 N  N7    . DG  C 1 7 ? 1.129   15.394  -1.128  1.00 9.90  ? 7   DG  C N7    1 
ATOM   455 C  C5    . DG  C 1 7 ? 0.263   14.699  -1.964  1.00 9.30  ? 7   DG  C C5    1 
ATOM   456 C  C6    . DG  C 1 7 ? -0.717  13.717  -1.667  1.00 9.32  ? 7   DG  C C6    1 
ATOM   457 O  O6    . DG  C 1 7 ? -1.029  13.250  -0.563  1.00 12.70 ? 7   DG  C O6    1 
ATOM   458 N  N1    . DG  C 1 7 ? -1.361  13.283  -2.815  1.00 8.88  ? 7   DG  C N1    1 
ATOM   459 C  C2    . DG  C 1 7 ? -1.108  13.723  -4.087  1.00 7.36  ? 7   DG  C C2    1 
ATOM   460 N  N2    . DG  C 1 7 ? -1.841  13.176  -5.066  1.00 6.96  ? 7   DG  C N2    1 
ATOM   461 N  N3    . DG  C 1 7 ? -0.201  14.634  -4.376  1.00 7.55  ? 7   DG  C N3    1 
ATOM   462 C  C4    . DG  C 1 7 ? 0.444   15.076  -3.279  1.00 7.97  ? 7   DG  C C4    1 
ATOM   463 O  "O5'" . DC  D 2 1 ? 1.777   17.482  -20.037 0.73 13.12 ? 1   DC  D "O5'" 1 
ATOM   464 C  "C5'" . DC  D 2 1 ? 1.285   16.149  -20.033 0.73 12.54 ? 1   DC  D "C5'" 1 
ATOM   465 C  "C4'" . DC  D 2 1 ? 2.444   15.220  -20.292 0.73 10.85 ? 1   DC  D "C4'" 1 
ATOM   466 O  "O4'" . DC  D 2 1 ? 2.939   15.343  -21.638 0.73 10.57 ? 1   DC  D "O4'" 1 
ATOM   467 C  "C3'" . DC  D 2 1 ? 3.663   15.453  -19.400 0.73 9.85  ? 1   DC  D "C3'" 1 
ATOM   468 O  "O3'" . DC  D 2 1 ? 4.264   14.179  -19.095 1.00 11.59 ? 1   DC  D "O3'" 1 
ATOM   469 C  "C2'" . DC  D 2 1 ? 4.592   16.286  -20.262 0.73 9.46  ? 1   DC  D "C2'" 1 
ATOM   470 C  "C1'" . DC  D 2 1 ? 4.292   15.772  -21.658 0.73 10.09 ? 1   DC  D "C1'" 1 
ATOM   471 N  N1    . DC  D 2 1 ? 4.393   16.832  -22.692 0.73 10.74 ? 1   DC  D N1    1 
ATOM   472 C  C2    . DC  D 2 1 ? 5.654   17.146  -23.199 0.73 12.67 ? 1   DC  D C2    1 
ATOM   473 O  O2    . DC  D 2 1 ? 6.648   16.540  -22.779 0.73 17.96 ? 1   DC  D O2    1 
ATOM   474 N  N3    . DC  D 2 1 ? 5.767   18.110  -24.143 0.73 12.88 ? 1   DC  D N3    1 
ATOM   475 C  C4    . DC  D 2 1 ? 4.677   18.745  -24.578 0.73 11.92 ? 1   DC  D C4    1 
ATOM   476 N  N4    . DC  D 2 1 ? 4.843   19.687  -25.509 0.73 11.61 ? 1   DC  D N4    1 
ATOM   477 C  C5    . DC  D 2 1 ? 3.380   18.440  -24.074 0.73 11.39 ? 1   DC  D C5    1 
ATOM   478 C  C6    . DC  D 2 1 ? 3.282   17.485  -23.141 0.73 11.48 ? 1   DC  D C6    1 
ATOM   479 P  P     . DG  D 2 2 ? 3.841   13.479  -17.750 1.00 11.64 ? 2   DG  D P     1 
ATOM   480 O  OP1   . DG  D 2 2 ? 2.438   13.052  -17.904 1.00 15.21 ? 2   DG  D OP1   1 
ATOM   481 O  OP2   . DG  D 2 2 ? 4.222   14.361  -16.613 1.00 12.62 ? 2   DG  D OP2   1 
ATOM   482 O  "O5'" . DG  D 2 2 ? 4.663   12.116  -17.689 1.00 11.28 ? 2   DG  D "O5'" 1 
ATOM   483 C  "C5'" . DG  D 2 2 ? 6.072   12.139  -17.476 1.00 11.30 ? 2   DG  D "C5'" 1 
ATOM   484 C  "C4'" . DG  D 2 2 ? 6.521   10.875  -16.808 1.00 9.45  ? 2   DG  D "C4'" 1 
ATOM   485 O  "O4'" . DG  D 2 2 ? 5.853   10.686  -15.555 1.00 8.35  ? 2   DG  D "O4'" 1 
ATOM   486 C  "C3'" . DG  D 2 2 ? 6.230   9.616   -17.604 1.00 9.20  ? 2   DG  D "C3'" 1 
ATOM   487 O  "O3'" . DG  D 2 2 ? 7.348   8.743   -17.419 1.00 8.46  ? 2   DG  D "O3'" 1 
ATOM   488 C  "C2'" . DG  D 2 2 ? 4.980   9.041   -16.994 1.00 7.94  ? 2   DG  D "C2'" 1 
ATOM   489 C  "C1'" . DG  D 2 2 ? 5.070   9.478   -15.539 1.00 7.02  ? 2   DG  D "C1'" 1 
ATOM   490 N  N9    . DG  D 2 2 ? 3.779   9.913   -14.970 1.00 6.55  ? 2   DG  D N9    1 
ATOM   491 C  C8    . DG  D 2 2 ? 2.696   10.448  -15.625 1.00 7.25  ? 2   DG  D C8    1 
ATOM   492 N  N7    . DG  D 2 2 ? 1.702   10.733  -14.834 1.00 6.81  ? 2   DG  D N7    1 
ATOM   493 C  C5    . DG  D 2 2 ? 2.157   10.359  -13.574 1.00 5.94  ? 2   DG  D C5    1 
ATOM   494 C  C6    . DG  D 2 2 ? 1.504   10.437  -12.317 1.00 6.02  ? 2   DG  D C6    1 
ATOM   495 O  O6    . DG  D 2 2 ? 0.366   10.861  -12.086 1.00 6.96  ? 2   DG  D O6    1 
ATOM   496 N  N1    . DG  D 2 2 ? 2.317   9.959   -11.296 1.00 5.85  ? 2   DG  D N1    1 
ATOM   497 C  C2    . DG  D 2 2 ? 3.592   9.469   -11.470 1.00 6.19  ? 2   DG  D C2    1 
ATOM   498 N  N2    . DG  D 2 2 ? 4.223   9.051   -10.371 1.00 6.71  ? 2   DG  D N2    1 
ATOM   499 N  N3    . DG  D 2 2 ? 4.210   9.390   -12.640 1.00 6.07  ? 2   DG  D N3    1 
ATOM   500 C  C4    . DG  D 2 2 ? 3.436   9.853   -13.645 1.00 6.29  ? 2   DG  D C4    1 
ATOM   501 P  P     . DC  D 2 3 ? 7.420   7.304   -18.126 1.00 8.93  ? 3   DC  D P     1 
ATOM   502 O  OP1   . DC  D 2 3 ? 8.857   7.071   -18.353 1.00 12.84 ? 3   DC  D OP1   1 
ATOM   503 O  OP2   . DC  D 2 3 ? 6.532   7.314   -19.301 1.00 11.08 ? 3   DC  D OP2   1 
ATOM   504 O  "O5'" . DC  D 2 3 ? 6.815   6.302   -17.056 1.00 7.45  ? 3   DC  D "O5'" 1 
ATOM   505 C  "C5'" . DC  D 2 3 ? 7.527   6.110   -15.834 1.00 6.82  ? 3   DC  D "C5'" 1 
ATOM   506 C  "C4'" . DC  D 2 3 ? 6.666   5.293   -14.915 1.00 6.73  ? 3   DC  D "C4'" 1 
ATOM   507 O  "O4'" . DC  D 2 3 ? 5.591   6.133   -14.455 1.00 6.65  ? 3   DC  D "O4'" 1 
ATOM   508 C  "C3'" . DC  D 2 3 ? 6.036   4.048   -15.549 1.00 6.28  ? 3   DC  D "C3'" 1 
ATOM   509 O  "O3'" . DC  D 2 3 ? 6.208   2.937   -14.649 1.00 6.70  ? 3   DC  D "O3'" 1 
ATOM   510 C  "C2'" . DC  D 2 3 ? 4.545   4.346   -15.548 1.00 5.69  ? 3   DC  D "C2'" 1 
ATOM   511 C  "C1'" . DC  D 2 3 ? 4.444   5.301   -14.371 1.00 6.46  ? 3   DC  D "C1'" 1 
ATOM   512 N  N1    . DC  D 2 3 ? 3.194   6.019   -14.209 1.00 6.29  ? 3   DC  D N1    1 
ATOM   513 C  C2    . DC  D 2 3 ? 2.722   6.282   -12.921 1.00 5.59  ? 3   DC  D C2    1 
ATOM   514 O  O2    . DC  D 2 3 ? 3.385   5.881   -11.951 1.00 6.40  ? 3   DC  D O2    1 
ATOM   515 N  N3    . DC  D 2 3 ? 1.551   6.930   -12.789 1.00 5.34  ? 3   DC  D N3    1 
ATOM   516 C  C4    . DC  D 2 3 ? 0.872   7.344   -13.855 1.00 6.15  ? 3   DC  D C4    1 
ATOM   517 N  N4    . DC  D 2 3 ? -0.274  8.002   -13.679 1.00 7.88  ? 3   DC  D N4    1 
ATOM   518 C  C5    . DC  D 2 3 ? 1.338   7.110   -15.181 1.00 7.72  ? 3   DC  D C5    1 
ATOM   519 C  C6    . DC  D 2 3 ? 2.486   6.445   -15.298 1.00 7.33  ? 3   DC  D C6    1 
ATOM   520 P  P     . DA  D 2 4 ? 7.275   1.806   -14.923 1.00 6.05  ? 4   DA  D P     1 
ATOM   521 O  OP1   . DA  D 2 4 ? 8.496   2.419   -15.501 1.00 6.90  ? 4   DA  D OP1   1 
ATOM   522 O  OP2   . DA  D 2 4 ? 6.672   0.691   -15.693 1.00 6.55  ? 4   DA  D OP2   1 
ATOM   523 O  "O5'" . DA  D 2 4 ? 7.505   1.237   -13.446 1.00 6.41  ? 4   DA  D "O5'" 1 
ATOM   524 C  "C5'" . DA  D 2 4 ? 8.105   2.086   -12.459 1.00 6.33  ? 4   DA  D "C5'" 1 
ATOM   525 C  "C4'" . DA  D 2 4 ? 7.453   1.887   -11.113 1.00 6.17  ? 4   DA  D "C4'" 1 
ATOM   526 O  "O4'" . DA  D 2 4 ? 6.197   2.584   -11.060 1.00 6.41  ? 4   DA  D "O4'" 1 
ATOM   527 C  "C3'" . DA  D 2 4 ? 7.152   0.435   -10.802 1.00 6.18  ? 4   DA  D "C3'" 1 
ATOM   528 O  "O3'" . DA  D 2 4 ? 7.567   0.155   -9.468  1.00 6.20  ? 4   DA  D "O3'" 1 
ATOM   529 C  "C2'" . DA  D 2 4 ? 5.651   0.324   -10.999 1.00 5.68  ? 4   DA  D "C2'" 1 
ATOM   530 C  "C1'" . DA  D 2 4 ? 5.185   1.695   -10.584 1.00 5.98  ? 4   DA  D "C1'" 1 
ATOM   531 N  N9    . DA  D 2 4 ? 3.938   2.153   -11.179 1.00 5.48  ? 4   DA  D N9    1 
ATOM   532 C  C8    . DA  D 2 4 ? 3.682   2.281   -12.525 1.00 5.86  ? 4   DA  D C8    1 
ATOM   533 N  N7    . DA  D 2 4 ? 2.478   2.722   -12.793 1.00 6.07  ? 4   DA  D N7    1 
ATOM   534 C  C5    . DA  D 2 4 ? 1.902   2.891   -11.542 1.00 5.42  ? 4   DA  D C5    1 
ATOM   535 C  C6    . DA  D 2 4 ? 0.623   3.342   -11.170 1.00 5.51  ? 4   DA  D C6    1 
ATOM   536 N  N6    . DA  D 2 4 ? -0.301  3.697   -12.058 1.00 6.44  ? 4   DA  D N6    1 
ATOM   537 N  N1    . DA  D 2 4 ? 0.350   3.406   -9.854  1.00 6.01  ? 4   DA  D N1    1 
ATOM   538 C  C2    . DA  D 2 4 ? 1.308   3.041   -8.993  1.00 5.71  ? 4   DA  D C2    1 
ATOM   539 N  N3    . DA  D 2 4 ? 2.542   2.605   -9.223  1.00 5.77  ? 4   DA  D N3    1 
ATOM   540 C  C4    . DA  D 2 4 ? 2.788   2.553   -10.543 1.00 4.97  ? 4   DA  D C4    1 
ATOM   541 P  P     . DC  D 2 5 ? 7.479   -1.341  -8.903  1.00 7.16  ? 5   DC  D P     1 
ATOM   542 O  OP1   . DC  D 2 5 ? 8.443   -1.424  -7.793  1.00 9.39  ? 5   DC  D OP1   1 
ATOM   543 O  OP2   . DC  D 2 5 ? 7.538   -2.289  -10.055 1.00 7.94  ? 5   DC  D OP2   1 
ATOM   544 O  "O5'" . DC  D 2 5 ? 6.013   -1.477  -8.312  1.00 6.41  ? 5   DC  D "O5'" 1 
ATOM   545 C  "C5'" . DC  D 2 5 ? 5.642   -0.625  -7.205  1.00 6.64  ? 5   DC  D "C5'" 1 
ATOM   546 C  "C4'" . DC  D 2 5 ? 4.173   -0.844  -6.946  1.00 6.65  ? 5   DC  D "C4'" 1 
ATOM   547 O  "O4'" . DC  D 2 5 ? 3.392   -0.415  -8.086  1.00 7.09  ? 5   DC  D "O4'" 1 
ATOM   548 C  "C3'" . DC  D 2 5 ? 3.738   -2.283  -6.728  1.00 6.49  ? 5   DC  D "C3'" 1 
ATOM   549 O  "O3'" . DC  D 2 5 ? 3.476   -2.391  -5.325  1.00 7.25  ? 5   DC  D "O3'" 1 
ATOM   550 C  "C2'" . DC  D 2 5 ? 2.503   -2.524  -7.552  1.00 6.68  ? 5   DC  D "C2'" 1 
ATOM   551 C  "C1'" . DC  D 2 5 ? 2.167   -1.132  -8.057  1.00 6.24  ? 5   DC  D "C1'" 1 
ATOM   552 N  N1    . DC  D 2 5 ? 1.596   -0.870  -9.367  1.00 5.82  ? 5   DC  D N1    1 
ATOM   553 C  C2    . DC  D 2 5 ? 0.287   -0.421  -9.514  1.00 5.60  ? 5   DC  D C2    1 
ATOM   554 O  O2    . DC  D 2 5 ? -0.421  -0.254  -8.509  1.00 6.78  ? 5   DC  D O2    1 
ATOM   555 N  N3    . DC  D 2 5 ? -0.196  -0.174  -10.750 1.00 5.26  ? 5   DC  D N3    1 
ATOM   556 C  C4    . DC  D 2 5 ? 0.586   -0.359  -11.813 1.00 5.50  ? 5   DC  D C4    1 
ATOM   557 N  N4    . DC  D 2 5 ? 0.085   -0.115  -13.019 1.00 8.23  ? 5   DC  D N4    1 
ATOM   558 C  C5    . DC  D 2 5 ? 1.928   -0.818  -11.698 1.00 5.81  ? 5   DC  D C5    1 
ATOM   559 C  C6    . DC  D 2 5 ? 2.388   -1.060  -10.471 1.00 5.64  ? 5   DC  D C6    1 
ATOM   560 P  P     . DG  D 2 6 ? 3.552   -3.807  -4.575  1.00 7.16  ? 6   DG  D P     1 
ATOM   561 O  OP1   . DG  D 2 6 ? 3.806   -3.503  -3.130  1.00 8.63  ? 6   DG  D OP1   1 
ATOM   562 O  OP2   . DG  D 2 6 ? 4.472   -4.725  -5.260  1.00 7.89  ? 6   DG  D OP2   1 
ATOM   563 O  "O5'" . DG  D 2 6 ? 2.087   -4.386  -4.736  1.00 6.50  ? 6   DG  D "O5'" 1 
ATOM   564 C  "C5'" . DG  D 2 6 ? 1.004   -3.785  -4.007  1.00 7.44  ? 6   DG  D "C5'" 1 
ATOM   565 C  "C4'" . DG  D 2 6 ? -0.294  -4.372  -4.514  1.00 6.28  ? 6   DG  D "C4'" 1 
ATOM   566 O  "O4'" . DG  D 2 6 ? -0.554  -3.925  -5.868  1.00 5.61  ? 6   DG  D "O4'" 1 
ATOM   567 C  "C3'" . DG  D 2 6 ? -0.364  -5.891  -4.557  1.00 6.58  ? 6   DG  D "C3'" 1 
ATOM   568 O  "O3'" . DG  D 2 6 ? -1.721  -6.234  -4.224  1.00 8.27  ? 6   DG  D "O3'" 1 
ATOM   569 C  "C2'" . DG  D 2 6 ? -0.110  -6.200  -6.015  1.00 6.44  ? 6   DG  D "C2'" 1 
ATOM   570 C  "C1'" . DG  D 2 6 ? -0.908  -5.083  -6.621  1.00 5.41  ? 6   DG  D "C1'" 1 
ATOM   571 N  N9    . DG  D 2 6 ? -0.563  -4.747  -8.001  1.00 4.93  ? 6   DG  D N9    1 
ATOM   572 C  C8    . DG  D 2 6 ? 0.600   -4.973  -8.699  1.00 5.66  ? 6   DG  D C8    1 
ATOM   573 N  N7    . DG  D 2 6 ? 0.554   -4.531  -9.926  1.00 5.42  ? 6   DG  D N7    1 
ATOM   574 C  C5    . DG  D 2 6 ? -0.715  -3.980  -10.034 1.00 4.79  ? 6   DG  D C5    1 
ATOM   575 C  C6    . DG  D 2 6 ? -1.344  -3.347  -11.136 1.00 5.62  ? 6   DG  D C6    1 
ATOM   576 O  O6    . DG  D 2 6 ? -0.876  -3.148  -12.259 1.00 6.41  ? 6   DG  D O6    1 
ATOM   577 N  N1    . DG  D 2 6 ? -2.631  -2.938  -10.817 1.00 5.29  ? 6   DG  D N1    1 
ATOM   578 C  C2    . DG  D 2 6 ? -3.250  -3.112  -9.604  1.00 5.39  ? 6   DG  D C2    1 
ATOM   579 N  N2    . DG  D 2 6 ? -4.502  -2.649  -9.486  1.00 5.75  ? 6   DG  D N2    1 
ATOM   580 N  N3    . DG  D 2 6 ? -2.671  -3.701  -8.573  1.00 4.90  ? 6   DG  D N3    1 
ATOM   581 C  C4    . DG  D 2 6 ? -1.418  -4.102  -8.862  1.00 4.85  ? 6   DG  D C4    1 
ATOM   582 P  P     . DC  D 2 7 ? -2.079  -7.506  -3.366  1.00 10.42 ? 7   DC  D P     1 
ATOM   583 O  OP1   . DC  D 2 7 ? -1.560  -7.270  -2.033  1.00 14.61 ? 7   DC  D OP1   1 
ATOM   584 O  OP2   . DC  D 2 7 ? -1.707  -8.757  -4.131  1.00 13.27 ? 7   DC  D OP2   1 
ATOM   585 O  "O5'" . DC  D 2 7 ? -3.659  -7.433  -3.349  1.00 11.06 ? 7   DC  D "O5'" 1 
ATOM   586 C  "C5'" . DC  D 2 7 ? -4.323  -6.253  -2.891  1.00 12.24 ? 7   DC  D "C5'" 1 
ATOM   587 C  "C4'" . DC  D 2 7 ? -5.546  -5.973  -3.721  1.00 10.94 ? 7   DC  D "C4'" 1 
ATOM   588 O  "O4'" . DC  D 2 7 ? -5.156  -5.669  -5.074  1.00 10.76 ? 7   DC  D "O4'" 1 
ATOM   589 C  "C3'" . DC  D 2 7 ? -6.550  -7.112  -3.825  1.00 11.54 ? 7   DC  D "C3'" 1 
ATOM   590 O  "O3'" . DC  D 2 7 ? -7.902  -6.632  -3.806  1.00 15.88 ? 7   DC  D "O3'" 1 
ATOM   591 C  "C2'" . DC  D 2 7 ? -6.262  -7.750  -5.155  1.00 10.88 ? 7   DC  D "C2'" 1 
ATOM   592 C  "C1'" . DC  D 2 7 ? -5.844  -6.535  -5.963  1.00 9.74  ? 7   DC  D "C1'" 1 
ATOM   593 N  N1    . DC  D 2 7 ? -4.884  -6.823  -7.038  1.00 6.95  ? 7   DC  D N1    1 
ATOM   594 C  C2    . DC  D 2 7 ? -5.100  -6.240  -8.290  1.00 6.12  ? 7   DC  D C2    1 
ATOM   595 O  O2    . DC  D 2 7 ? -6.091  -5.516  -8.455  1.00 6.95  ? 7   DC  D O2    1 
ATOM   596 N  N3    . DC  D 2 7 ? -4.215  -6.505  -9.283  1.00 5.82  ? 7   DC  D N3    1 
ATOM   597 C  C4    . DC  D 2 7 ? -3.160  -7.283  -9.047  1.00 5.81  ? 7   DC  D C4    1 
ATOM   598 N  N4    . DC  D 2 7 ? -2.314  -7.516  -10.049 1.00 6.23  ? 7   DC  D N4    1 
ATOM   599 C  C5    . DC  D 2 7 ? -2.923  -7.882  -7.777  1.00 6.32  ? 7   DC  D C5    1 
ATOM   600 C  C6    . DC  D 2 7 ? -3.801  -7.620  -6.804  1.00 6.55  ? 7   DC  D C6    1 
HETATM 601 CO CO    A NCO E 3 . ? 7.538   -7.522  -2.008  0.78 10.31 ? 63  NCO A CO    1 
HETATM 602 CO CO    B NCO E 3 . ? 7.456   -8.366  -1.162  0.22 13.55 ? 63  NCO A CO    1 
HETATM 603 N  N1    A NCO E 3 . ? 5.730   -8.153  -1.662  0.78 12.32 ? 63  NCO A N1    1 
HETATM 604 N  N1    B NCO E 3 . ? 5.907   -9.479  -0.782  0.22 13.44 ? 63  NCO A N1    1 
HETATM 605 N  N2    A NCO E 3 . ? 7.427   -8.223  -3.829  0.78 12.00 ? 63  NCO A N2    1 
HETATM 606 N  N2    B NCO E 3 . ? 7.369   -8.891  -3.043  0.22 13.12 ? 63  NCO A N2    1 
HETATM 607 N  N3    A NCO E 3 . ? 9.345   -6.887  -2.347  0.78 11.56 ? 63  NCO A N3    1 
HETATM 608 N  N3    B NCO E 3 . ? 9.003   -7.246  -1.535  0.22 12.97 ? 63  NCO A N3    1 
HETATM 609 N  N4    A NCO E 3 . ? 7.640   -6.849  -0.181  0.78 12.34 ? 63  NCO A N4    1 
HETATM 610 N  N4    B NCO E 3 . ? 7.540   -7.861  0.719   0.22 13.30 ? 63  NCO A N4    1 
HETATM 611 N  N5    A NCO E 3 . ? 8.252   -9.235  -1.406  0.78 11.65 ? 63  NCO A N5    1 
HETATM 612 N  N5    B NCO E 3 . ? 8.633   -9.877  -0.804  0.22 13.29 ? 63  NCO A N5    1 
HETATM 613 N  N6    A NCO E 3 . ? 6.829   -5.817  -2.609  0.78 11.90 ? 63  NCO A N6    1 
HETATM 614 N  N6    B NCO E 3 . ? 6.284   -6.856  -1.521  0.22 13.14 ? 63  NCO A N6    1 
HETATM 615 CO CO    . NCO F 3 . ? -9.849  -7.877  17.631  1.00 6.55  ? 61  NCO B CO    1 
HETATM 616 N  N1    . NCO F 3 . ? -10.771 -8.434  19.252  1.00 7.02  ? 61  NCO B N1    1 
HETATM 617 N  N2    . NCO F 3 . ? -10.513 -9.466  16.709  1.00 8.01  ? 61  NCO B N2    1 
HETATM 618 N  N3    . NCO F 3 . ? -8.923  -7.310  16.012  1.00 7.19  ? 61  NCO B N3    1 
HETATM 619 N  N4    . NCO F 3 . ? -9.182  -6.299  18.571  1.00 6.24  ? 61  NCO B N4    1 
HETATM 620 N  N5    . NCO F 3 . ? -8.265  -8.865  18.190  1.00 7.27  ? 61  NCO B N5    1 
HETATM 621 N  N6    . NCO F 3 . ? -11.423 -6.879  17.070  1.00 7.09  ? 61  NCO B N6    1 
HETATM 622 CO CO    . NCO G 3 . ? 1.157   -2.251  24.345  0.59 11.28 ? 65  NCO B CO    1 
HETATM 623 N  N1    . NCO G 3 . ? -0.251  -1.982  25.659  0.59 10.65 ? 65  NCO B N1    1 
HETATM 624 N  N2    . NCO G 3 . ? 2.070   -0.652  25.005  0.59 11.68 ? 65  NCO B N2    1 
HETATM 625 N  N3    . NCO G 3 . ? 2.570   -2.528  23.038  0.59 12.01 ? 65  NCO B N3    1 
HETATM 626 N  N4    . NCO G 3 . ? 0.231   -3.833  23.687  0.59 10.36 ? 65  NCO B N4    1 
HETATM 627 N  N5    . NCO G 3 . ? 0.180   -1.153  23.067  0.59 10.93 ? 65  NCO B N5    1 
HETATM 628 N  N6    . NCO G 3 . ? 2.133   -3.344  25.626  0.59 11.73 ? 65  NCO B N6    1 
HETATM 629 CO CO    . NCO H 3 . ? 1.842   14.125  2.702   0.64 10.91 ? 64  NCO C CO    1 
HETATM 630 N  N1    . NCO H 3 . ? 2.224   13.314  0.973   0.64 10.58 ? 64  NCO C N1    1 
HETATM 631 N  N2    . NCO H 3 . ? 3.737   14.558  2.913   0.64 11.73 ? 64  NCO C N2    1 
HETATM 632 N  N3    . NCO H 3 . ? 1.451   14.935  4.426   0.64 12.47 ? 64  NCO C N3    1 
HETATM 633 N  N4    . NCO H 3 . ? -0.040  13.670  2.484   0.64 12.25 ? 64  NCO C N4    1 
HETATM 634 N  N5    . NCO H 3 . ? 2.146   12.409  3.575   0.64 12.33 ? 64  NCO C N5    1 
HETATM 635 N  N6    . NCO H 3 . ? 1.540   15.837  1.831   0.64 12.20 ? 64  NCO C N6    1 
HETATM 636 CO CO    . NCO I 3 . ? -6.608  16.235  1.205   0.25 7.30  ? 66  NCO C CO    1 
HETATM 637 N  N1    . NCO I 3 . ? -7.293  16.614  2.986   0.25 7.60  ? 66  NCO C N1    1 
HETATM 638 N  N2    . NCO I 3 . ? -8.405  15.735  0.624   0.25 7.35  ? 66  NCO C N2    1 
HETATM 639 N  N3    . NCO I 3 . ? -5.915  15.863  -0.576  0.25 7.36  ? 66  NCO C N3    1 
HETATM 640 N  N4    . NCO I 3 . ? -4.818  16.723  1.803   0.25 8.02  ? 66  NCO C N4    1 
HETATM 641 N  N5    . NCO I 3 . ? -6.271  14.388  1.724   0.25 7.68  ? 66  NCO C N5    1 
HETATM 642 N  N6    . NCO I 3 . ? -6.943  18.078  0.683   0.25 7.56  ? 66  NCO C N6    1 
HETATM 643 CO CO    . NCO J 3 . ? -13.528 -2.654  -21.456 0.46 16.08 ? 67  NCO C CO    1 
HETATM 644 N  N1    . NCO J 3 . ? -12.161 -1.286  -21.573 0.46 13.91 ? 67  NCO C N1    1 
HETATM 645 N  N2    . NCO J 3 . ? -13.146 -3.235  -23.273 0.46 13.71 ? 67  NCO C N2    1 
HETATM 646 CO CO    . NCO K 3 . ? -0.870  13.836  -15.225 1.00 7.19  ? 62  NCO D CO    1 
HETATM 647 N  N1    . NCO K 3 . ? 0.945   13.775  -14.518 1.00 8.10  ? 62  NCO D N1    1 
HETATM 648 N  N2    . NCO K 3 . ? -0.291  15.132  -16.572 1.00 8.32  ? 62  NCO D N2    1 
HETATM 649 N  N3    . NCO K 3 . ? -2.683  13.901  -15.928 1.00 8.88  ? 62  NCO D N3    1 
HETATM 650 N  N4    . NCO K 3 . ? -1.435  12.561  -13.866 1.00 8.34  ? 62  NCO D N4    1 
HETATM 651 N  N5    . NCO K 3 . ? -1.287  15.308  -14.011 1.00 8.19  ? 62  NCO D N5    1 
HETATM 652 N  N6    . NCO K 3 . ? -0.450  12.377  -16.436 1.00 9.22  ? 62  NCO D N6    1 
HETATM 653 O  O     . HOH L 4 . ? 0.834   10.799  1.212   1.00 12.51 ? 101 HOH A O     1 
HETATM 654 O  O     . HOH L 4 . ? -4.338  -19.512 10.607  1.00 9.71  ? 117 HOH A O     1 
HETATM 655 O  O     . HOH L 4 . ? 2.031   3.148   16.384  1.00 12.13 ? 118 HOH A O     1 
HETATM 656 O  O     . HOH L 4 . ? -0.988  1.190   5.635   1.00 15.95 ? 127 HOH A O     1 
HETATM 657 O  O     . HOH L 4 . ? -0.782  -10.561 14.096  1.00 16.93 ? 135 HOH A O     1 
HETATM 658 O  O     . HOH L 4 . ? -0.605  -7.008  5.016   1.00 17.50 ? 137 HOH A O     1 
HETATM 659 O  O     . HOH L 4 . ? -1.645  1.160   8.340   1.00 14.29 ? 140 HOH A O     1 
HETATM 660 O  O     . HOH L 4 . ? 2.712   -8.626  13.570  1.00 21.48 ? 151 HOH A O     1 
HETATM 661 O  O     . HOH L 4 . ? -1.759  -2.433  5.872   1.00 28.74 ? 153 HOH A O     1 
HETATM 662 O  O     . HOH L 4 . ? 1.137   -0.518  2.242   1.00 19.58 ? 155 HOH A O     1 
HETATM 663 O  O     . HOH L 4 . ? 6.264   -13.825 7.747   1.00 24.29 ? 164 HOH A O     1 
HETATM 664 O  O     . HOH L 4 . ? 3.928   -5.599  -1.313  1.00 17.28 ? 165 HOH A O     1 
HETATM 665 O  O     . HOH L 4 . ? 2.646   6.850   -0.299  1.00 22.65 ? 167 HOH A O     1 
HETATM 666 O  O     . HOH L 4 . ? 0.125   5.242   -0.359  1.00 22.28 ? 169 HOH A O     1 
HETATM 667 O  O     . HOH L 4 . ? 8.183   -0.563  0.046   1.00 28.54 ? 174 HOH A O     1 
HETATM 668 O  O     . HOH L 4 . ? 2.416   -19.117 15.844  1.00 23.54 ? 175 HOH A O     1 
HETATM 669 O  O     . HOH L 4 . ? 1.422   -10.401 4.700   1.00 17.23 ? 177 HOH A O     1 
HETATM 670 O  O     . HOH L 4 . ? -0.057  3.311   1.655   1.00 25.81 ? 185 HOH A O     1 
HETATM 671 O  O     . HOH L 4 . ? 3.549   -6.791  2.865   0.50 19.02 ? 204 HOH A O     1 
HETATM 672 O  O     . HOH L 4 . ? 4.620   -8.574  2.705   0.50 22.73 ? 206 HOH A O     1 
HETATM 673 O  O     . HOH L 4 . ? 0.747   4.134   -2.573  0.50 22.76 ? 210 HOH A O     1 
HETATM 674 O  O     . HOH L 4 . ? 4.146   -15.410 16.307  0.50 13.99 ? 211 HOH A O     1 
HETATM 675 O  O     . HOH L 4 . ? 5.625   -0.166  -0.804  0.50 15.61 ? 216 HOH A O     1 
HETATM 676 O  O     . HOH L 4 . ? 4.895   9.276   1.944   0.50 14.39 ? 221 HOH A O     1 
HETATM 677 O  O     . HOH L 4 . ? -0.863  5.582   4.541   0.50 13.65 ? 222 HOH A O     1 
HETATM 678 O  O     . HOH L 4 . ? -0.427  8.916   11.259  0.50 18.72 ? 223 HOH A O     1 
HETATM 679 O  O     . HOH L 4 . ? 2.305   -10.198 15.773  0.50 15.43 ? 226 HOH A O     1 
HETATM 680 O  O     . HOH L 4 . ? -0.519  3.515   4.036   0.50 18.63 ? 227 HOH A O     1 
HETATM 681 O  O     . HOH L 4 . ? 5.511   -8.941  14.336  0.50 20.33 ? 232 HOH A O     1 
HETATM 682 O  O     . HOH L 4 . ? -1.891  9.529   3.892   0.50 20.64 ? 234 HOH A O     1 
HETATM 683 O  O     . HOH L 4 . ? -2.431  -20.819 14.830  0.50 19.13 ? 236 HOH A O     1 
HETATM 684 O  O     . HOH L 4 . ? 6.570   -14.885 15.059  0.50 14.55 ? 237 HOH A O     1 
HETATM 685 O  O     . HOH L 4 . ? 2.197   -2.757  0.882   0.50 12.79 ? 240 HOH A O     1 
HETATM 686 O  O     . HOH L 4 . ? 1.864   -7.745  4.900   0.50 10.37 ? 242 HOH A O     1 
HETATM 687 O  O     . HOH M 4 . ? 1.334   0.163   18.323  1.00 8.95  ? 105 HOH B O     1 
HETATM 688 O  O     . HOH M 4 . ? -9.889  -4.420  15.963  1.00 8.64  ? 106 HOH B O     1 
HETATM 689 O  O     . HOH M 4 . ? 5.917   4.370   17.046  1.00 8.74  ? 108 HOH B O     1 
HETATM 690 O  O     . HOH M 4 . ? -6.501  -2.098  17.392  1.00 6.70  ? 110 HOH B O     1 
HETATM 691 O  O     . HOH M 4 . ? 8.863   0.222   11.898  1.00 10.84 ? 114 HOH B O     1 
HETATM 692 O  O     . HOH M 4 . ? 2.374   -6.122  14.775  1.00 14.73 ? 119 HOH B O     1 
HETATM 693 O  O     . HOH M 4 . ? -7.915  -11.726 16.555  1.00 20.95 ? 122 HOH B O     1 
HETATM 694 O  O     . HOH M 4 . ? -12.618 -2.857  14.493  1.00 15.07 ? 125 HOH B O     1 
HETATM 695 O  O     . HOH M 4 . ? 3.461   1.448   19.368  1.00 12.97 ? 128 HOH B O     1 
HETATM 696 O  O     . HOH M 4 . ? -3.178  -0.969  8.902   1.00 21.32 ? 131 HOH B O     1 
HETATM 697 O  O     . HOH M 4 . ? -11.574 -6.686  13.802  1.00 20.04 ? 133 HOH B O     1 
HETATM 698 O  O     . HOH M 4 . ? -14.423 -8.911  7.856   1.00 21.59 ? 144 HOH B O     1 
HETATM 699 O  O     . HOH M 4 . ? 9.266   3.739   17.963  1.00 21.26 ? 146 HOH B O     1 
HETATM 700 O  O     . HOH M 4 . ? 5.972   0.754   18.951  1.00 15.94 ? 147 HOH B O     1 
HETATM 701 O  O     . HOH M 4 . ? -3.283  -5.946  2.814   1.00 10.23 ? 149 HOH B O     1 
HETATM 702 O  O     . HOH M 4 . ? 7.897   2.319   19.735  1.00 23.45 ? 154 HOH B O     1 
HETATM 703 O  O     . HOH M 4 . ? 6.760   -2.444  12.840  1.00 21.87 ? 157 HOH B O     1 
HETATM 704 O  O     . HOH M 4 . ? -4.203  -0.999  11.482  1.00 20.60 ? 161 HOH B O     1 
HETATM 705 O  O     . HOH M 4 . ? -3.873  -8.161  19.170  1.00 20.57 ? 163 HOH B O     1 
HETATM 706 O  O     . HOH M 4 . ? -4.103  1.632   11.944  1.00 24.48 ? 170 HOH B O     1 
HETATM 707 O  O     . HOH M 4 . ? -9.374  -8.068  13.004  1.00 24.08 ? 176 HOH B O     1 
HETATM 708 O  O     . HOH M 4 . ? -2.627  -7.196  14.814  1.00 20.61 ? 187 HOH B O     1 
HETATM 709 O  O     . HOH M 4 . ? -14.801 -8.711  4.718   0.50 17.11 ? 202 HOH B O     1 
HETATM 710 O  O     . HOH M 4 . ? -13.040 -7.279  11.988  0.50 38.82 ? 209 HOH B O     1 
HETATM 711 O  O     . HOH M 4 . ? -4.583  -9.351  16.013  0.50 22.63 ? 217 HOH B O     1 
HETATM 712 O  O     . HOH M 4 . ? 1.892   -6.404  21.574  0.50 15.71 ? 218 HOH B O     1 
HETATM 713 O  O     . HOH M 4 . ? 7.143   2.509   22.423  0.50 17.44 ? 219 HOH B O     1 
HETATM 714 O  O     . HOH M 4 . ? -8.525  -7.392  3.884   0.59 37.52 ? 229 HOH B O     1 
HETATM 715 O  O     . HOH M 4 . ? -8.374  -4.423  5.829   0.41 23.77 ? 230 HOH B O     1 
HETATM 716 O  O     . HOH N 4 . ? -1.269  7.467   0.855   1.00 11.33 ? 111 HOH C O     1 
HETATM 717 O  O     . HOH N 4 . ? -3.180  6.120   -13.472 1.00 15.87 ? 116 HOH C O     1 
HETATM 718 O  O     . HOH N 4 . ? -10.880 1.129   -6.566  1.00 15.63 ? 121 HOH C O     1 
HETATM 719 O  O     . HOH N 4 . ? 5.696   19.517  -6.240  1.00 11.09 ? 124 HOH C O     1 
HETATM 720 O  O     . HOH N 4 . ? 4.943   15.290  0.264   1.00 17.26 ? 139 HOH C O     1 
HETATM 721 O  O     . HOH N 4 . ? 4.474   7.902   -6.631  1.00 18.91 ? 141 HOH C O     1 
HETATM 722 O  O     . HOH N 4 . ? 5.394   11.714  1.060   1.00 16.32 ? 143 HOH C O     1 
HETATM 723 O  O     . HOH N 4 . ? -1.912  2.653   -3.950  1.00 21.00 ? 150 HOH C O     1 
HETATM 724 O  O     . HOH N 4 . ? 2.738   5.842   -5.861  1.00 25.22 ? 152 HOH C O     1 
HETATM 725 O  O     . HOH N 4 . ? 8.338   14.575  -2.165  1.00 20.76 ? 156 HOH C O     1 
HETATM 726 O  O     . HOH N 4 . ? -4.756  8.983   -8.848  1.00 22.10 ? 160 HOH C O     1 
HETATM 727 O  O     . HOH N 4 . ? -4.075  11.487  -4.324  1.00 17.22 ? 162 HOH C O     1 
HETATM 728 O  O     . HOH N 4 . ? -0.500  -9.518  -12.287 1.00 25.97 ? 166 HOH C O     1 
HETATM 729 O  O     . HOH N 4 . ? -4.041  6.845   0.874   1.00 26.05 ? 171 HOH C O     1 
HETATM 730 O  O     . HOH N 4 . ? 5.778   8.515   -4.239  1.00 23.34 ? 179 HOH C O     1 
HETATM 731 O  O     . HOH N 4 . ? 4.139   18.058  -0.560  1.00 18.60 ? 182 HOH C O     1 
HETATM 732 O  O     . HOH N 4 . ? -8.204  6.072   -1.476  1.00 22.81 ? 183 HOH C O     1 
HETATM 733 O  O     . HOH N 4 . ? -2.131  -7.474  -16.430 1.00 25.75 ? 186 HOH C O     1 
HETATM 734 O  O     . HOH N 4 . ? 4.332   14.218  6.271   1.00 30.66 ? 188 HOH C O     1 
HETATM 735 O  O     . HOH N 4 . ? -7.779  12.601  -0.221  1.00 29.10 ? 189 HOH C O     1 
HETATM 736 O  O     . HOH N 4 . ? -5.435  10.087  -6.176  0.50 10.97 ? 201 HOH C O     1 
HETATM 737 O  O     . HOH N 4 . ? -1.424  1.665   -15.623 0.50 12.75 ? 205 HOH C O     1 
HETATM 738 O  O     . HOH N 4 . ? -14.615 2.346   -15.345 0.50 14.74 ? 207 HOH C O     1 
HETATM 739 O  O     . HOH N 4 . ? -4.940  11.327  0.702   0.50 19.85 ? 208 HOH C O     1 
HETATM 740 O  O     . HOH N 4 . ? 4.780   5.494   -7.926  0.50 14.08 ? 212 HOH C O     1 
HETATM 741 O  O     . HOH N 4 . ? -2.473  -8.289  -14.311 0.50 16.62 ? 214 HOH C O     1 
HETATM 742 O  O     . HOH N 4 . ? -6.471  0.643   -17.974 0.50 21.34 ? 215 HOH C O     1 
HETATM 743 O  O     . HOH N 4 . ? -6.365  10.809  -0.375  0.50 10.92 ? 220 HOH C O     1 
HETATM 744 O  O     . HOH N 4 . ? -7.541  4.399   -15.133 0.57 18.79 ? 224 HOH C O     1 
HETATM 745 O  O     . HOH N 4 . ? -8.720  3.782   -14.724 0.43 16.57 ? 225 HOH C O     1 
HETATM 746 O  O     . HOH N 4 . ? -7.424  10.056  0.999   0.50 13.02 ? 228 HOH C O     1 
HETATM 747 O  O     . HOH N 4 . ? -9.767  1.431   -20.089 0.50 22.34 ? 231 HOH C O     1 
HETATM 748 O  O     . HOH N 4 . ? -13.556 0.111   -13.017 0.57 17.72 ? 233 HOH C O     1 
HETATM 749 O  O     . HOH N 4 . ? -3.880  0.760   -3.883  0.50 13.46 ? 235 HOH C O     1 
HETATM 750 O  O     . HOH O 4 . ? 2.050   18.313  -17.444 1.00 7.91  ? 102 HOH D O     1 
HETATM 751 O  O     . HOH O 4 . ? 0.198   -8.727  -9.092  1.00 11.04 ? 103 HOH D O     1 
HETATM 752 O  O     . HOH O 4 . ? 2.013   -0.130  -15.197 1.00 7.49  ? 104 HOH D O     1 
HETATM 753 O  O     . HOH O 4 . ? -4.040  -3.314  -6.194  1.00 8.77  ? 107 HOH D O     1 
HETATM 754 O  O     . HOH O 4 . ? -3.218  -11.127 -4.319  1.00 13.13 ? 109 HOH D O     1 
HETATM 755 O  O     . HOH O 4 . ? -0.321  -9.634  -6.460  1.00 9.44  ? 112 HOH D O     1 
HETATM 756 O  O     . HOH O 4 . ? 5.116   1.260   -17.834 1.00 11.11 ? 113 HOH D O     1 
HETATM 757 O  O     . HOH O 4 . ? 8.989   3.264   -18.079 1.00 9.44  ? 115 HOH D O     1 
HETATM 758 O  O     . HOH O 4 . ? 9.418   6.529   -20.960 1.00 12.54 ? 120 HOH D O     1 
HETATM 759 O  O     . HOH O 4 . ? -1.028  -1.156  -6.081  1.00 16.83 ? 123 HOH D O     1 
HETATM 760 O  O     . HOH O 4 . ? 5.963   5.473   -11.006 1.00 13.26 ? 126 HOH D O     1 
HETATM 761 O  O     . HOH O 4 . ? 2.242   1.677   -17.412 1.00 16.20 ? 129 HOH D O     1 
HETATM 762 O  O     . HOH O 4 . ? 0.908   3.437   -14.907 1.00 11.78 ? 130 HOH D O     1 
HETATM 763 O  O     . HOH O 4 . ? 6.883   8.772   -12.760 1.00 18.07 ? 132 HOH D O     1 
HETATM 764 O  O     . HOH O 4 . ? -1.509  8.995   -15.970 1.00 20.67 ? 134 HOH D O     1 
HETATM 765 O  O     . HOH O 4 . ? 4.350   2.770   -7.050  1.00 13.69 ? 136 HOH D O     1 
HETATM 766 O  O     . HOH O 4 . ? 11.034  4.849   -17.365 1.00 13.25 ? 138 HOH D O     1 
HETATM 767 O  O     . HOH O 4 . ? 3.009   -1.627  -1.619  1.00 22.46 ? 142 HOH D O     1 
HETATM 768 O  O     . HOH O 4 . ? 7.959   4.739   -22.260 1.00 21.27 ? 145 HOH D O     1 
HETATM 769 O  O     . HOH O 4 . ? 8.735   -4.440  -10.510 1.00 25.81 ? 158 HOH D O     1 
HETATM 770 O  O     . HOH O 4 . ? 9.067   9.249   -14.298 1.00 21.22 ? 159 HOH D O     1 
HETATM 771 O  O     . HOH O 4 . ? 1.000   -9.562  -2.922  1.00 26.10 ? 168 HOH D O     1 
HETATM 772 O  O     . HOH O 4 . ? 2.001   10.878  -19.160 1.00 27.92 ? 172 HOH D O     1 
HETATM 773 O  O     . HOH O 4 . ? 7.321   20.603  -27.127 1.00 26.69 ? 173 HOH D O     1 
HETATM 774 O  O     . HOH O 4 . ? -0.772  -4.866  -0.669  1.00 35.01 ? 178 HOH D O     1 
HETATM 775 O  O     . HOH O 4 . ? 1.757   -7.174  -1.415  1.00 27.13 ? 180 HOH D O     1 
HETATM 776 O  O     . HOH O 4 . ? -5.154  -11.128 -2.327  1.00 29.16 ? 181 HOH D O     1 
HETATM 777 O  O     . HOH O 4 . ? 1.826   -10.271 -10.564 1.00 21.97 ? 184 HOH D O     1 
HETATM 778 O  O     . HOH O 4 . ? -3.628  -2.718  -3.476  0.50 17.36 ? 203 HOH D O     1 
HETATM 779 O  O     . HOH O 4 . ? 7.032   -4.797  -5.629  0.50 15.64 ? 213 HOH D O     1 
HETATM 780 O  O     . HOH O 4 . ? 0.346   1.171   -19.560 0.50 16.17 ? 238 HOH D O     1 
HETATM 781 O  O     . HOH O 4 . ? 8.287   9.610   -10.263 0.50 22.19 ? 239 HOH D O     1 
HETATM 782 O  O     . HOH O 4 . ? 3.787   9.512   -21.619 0.50 33.92 ? 241 HOH D O     1 
# 
loop_
_atom_site_anisotrop.id 
_atom_site_anisotrop.type_symbol 
_atom_site_anisotrop.pdbx_label_atom_id 
_atom_site_anisotrop.pdbx_label_alt_id 
_atom_site_anisotrop.pdbx_label_comp_id 
_atom_site_anisotrop.pdbx_label_asym_id 
_atom_site_anisotrop.pdbx_label_seq_id 
_atom_site_anisotrop.pdbx_PDB_ins_code 
_atom_site_anisotrop.U[1][1] 
_atom_site_anisotrop.U[2][2] 
_atom_site_anisotrop.U[3][3] 
_atom_site_anisotrop.U[1][2] 
_atom_site_anisotrop.U[1][3] 
_atom_site_anisotrop.U[2][3] 
_atom_site_anisotrop.pdbx_auth_seq_id 
_atom_site_anisotrop.pdbx_auth_comp_id 
_atom_site_anisotrop.pdbx_auth_asym_id 
_atom_site_anisotrop.pdbx_auth_atom_id 
1   O  "O5'" A DG  A 1 ? 0.2492 0.1374 0.2006 0.0896  0.0355  0.0105  1  DG  A "O5'" 
2   O  "O5'" B DG  A 1 ? 0.2498 0.2181 0.3026 0.0836  -0.0134 0.0106  1  DG  A "O5'" 
3   C  "C5'" . DG  A 1 ? 0.2404 0.1353 0.1813 0.0364  -0.0161 -0.0475 1  DG  A "C5'" 
4   C  "C4'" . DG  A 1 ? 0.2065 0.1101 0.1308 0.0123  -0.0197 -0.0132 1  DG  A "C4'" 
5   O  "O4'" . DG  A 1 ? 0.1818 0.1012 0.1175 -0.0065 -0.0121 0.0016  1  DG  A "O4'" 
6   C  "C3'" . DG  A 1 ? 0.1696 0.1080 0.1123 0.0127  -0.0045 -0.0023 1  DG  A "C3'" 
7   O  "O3'" . DG  A 1 ? 0.1731 0.1033 0.1197 0.0053  0.0037  -0.0081 1  DG  A "O3'" 
8   C  "C2'" . DG  A 1 ? 0.1314 0.1050 0.1079 0.0276  -0.0056 -0.0067 1  DG  A "C2'" 
9   C  "C1'" . DG  A 1 ? 0.1285 0.0976 0.0815 0.0015  0.0081  -0.0151 1  DG  A "C1'" 
10  N  N9    . DG  A 1 ? 0.1060 0.0849 0.0800 0.0121  0.0157  -0.0163 1  DG  A N9    
11  C  C8    . DG  A 1 ? 0.1230 0.0859 0.0926 0.0343  0.0250  -0.0092 1  DG  A C8    
12  N  N7    . DG  A 1 ? 0.0925 0.0724 0.0867 0.0064  0.0305  -0.0089 1  DG  A N7    
13  C  C5    . DG  A 1 ? 0.0886 0.0334 0.0757 -0.0077 0.0252  -0.0171 1  DG  A C5    
14  C  C6    . DG  A 1 ? 0.0843 0.0258 0.0772 -0.0174 0.0274  -0.0061 1  DG  A C6    
15  O  O6    . DG  A 1 ? 0.0914 0.0576 0.0775 -0.0190 0.0292  -0.0025 1  DG  A O6    
16  N  N1    . DG  A 1 ? 0.0890 0.0359 0.0732 -0.0127 0.0215  -0.0061 1  DG  A N1    
17  C  C2    . DG  A 1 ? 0.0841 0.0310 0.0725 -0.0174 0.0232  -0.0173 1  DG  A C2    
18  N  N2    . DG  A 1 ? 0.0891 0.0465 0.1013 -0.0082 0.0388  0.0037  1  DG  A N2    
19  N  N3    . DG  A 1 ? 0.1010 0.0542 0.0777 -0.0008 0.0317  0.0005  1  DG  A N3    
20  C  C4    . DG  A 1 ? 0.0831 0.0427 0.0676 -0.0145 0.0153  -0.0287 1  DG  A C4    
21  P  P     . DC  A 2 ? 0.1531 0.1098 0.1001 -0.0094 0.0049  0.0096  2  DC  A P     
22  O  OP1   . DC  A 2 ? 0.1624 0.1232 0.1217 -0.0392 0.0077  0.0192  2  DC  A OP1   
23  O  OP2   . DC  A 2 ? 0.1493 0.1426 0.1166 -0.0130 0.0120  0.0323  2  DC  A OP2   
24  O  "O5'" . DC  A 2 ? 0.1471 0.1063 0.0887 -0.0198 0.0094  -0.0050 2  DC  A "O5'" 
25  C  "C5'" . DC  A 2 ? 0.1512 0.0958 0.0921 -0.0087 0.0222  0.0022  2  DC  A "C5'" 
26  C  "C4'" . DC  A 2 ? 0.1788 0.0894 0.0876 -0.0085 0.0219  -0.0019 2  DC  A "C4'" 
27  O  "O4'" . DC  A 2 ? 0.1604 0.0911 0.0849 -0.0323 0.0175  -0.0042 2  DC  A "O4'" 
28  C  "C3'" . DC  A 2 ? 0.2099 0.1003 0.0958 -0.0173 0.0225  -0.0128 2  DC  A "C3'" 
29  O  "O3'" . DC  A 2 ? 0.2873 0.1093 0.1124 0.0013  0.0506  -0.0189 2  DC  A "O3'" 
30  C  "C2'" . DC  A 2 ? 0.2047 0.0772 0.1051 -0.0065 0.0242  -0.0198 2  DC  A "C2'" 
31  C  "C1'" . DC  A 2 ? 0.1568 0.0829 0.0966 -0.0101 0.0363  -0.0091 2  DC  A "C1'" 
32  N  N1    . DC  A 2 ? 0.1343 0.0810 0.0981 -0.0250 0.0292  -0.0116 2  DC  A N1    
33  C  C2    . DC  A 2 ? 0.0996 0.0219 0.1017 -0.0444 0.0385  -0.0174 2  DC  A C2    
34  O  O2    . DC  A 2 ? 0.1127 0.0645 0.1031 -0.0225 0.0548  -0.0138 2  DC  A O2    
35  N  N3    . DC  A 2 ? 0.0972 0.0386 0.0974 -0.0249 0.0387  -0.0231 2  DC  A N3    
36  C  C4    . DC  A 2 ? 0.0947 0.0420 0.1048 -0.0267 0.0279  -0.0023 2  DC  A C4    
37  N  N4    . DC  A 2 ? 0.0705 0.0651 0.1075 0.0033  0.0239  0.0093  2  DC  A N4    
38  C  C5    . DC  A 2 ? 0.1189 0.0783 0.1020 -0.0191 0.0213  0.0001  2  DC  A C5    
39  C  C6    . DC  A 2 ? 0.1299 0.0996 0.1030 -0.0207 0.0273  0.0051  2  DC  A C6    
40  P  P     . DG  A 3 ? 0.3407 0.1135 0.1193 0.0310  -0.0045 -0.0215 3  DG  A P     
41  O  OP1   . DG  A 3 ? 0.4692 0.1606 0.0847 0.0737  0.0215  -0.0060 3  DG  A OP1   
42  O  OP2   . DG  A 3 ? 0.3424 0.1627 0.2343 0.0670  -0.0867 -0.0856 3  DG  A OP2   
43  O  "O5'" . DG  A 3 ? 0.2829 0.1180 0.1071 0.0140  -0.0072 -0.0187 3  DG  A "O5'" 
44  C  "C5'" . DG  A 3 ? 0.2520 0.1193 0.1037 -0.0065 0.0363  -0.0151 3  DG  A "C5'" 
45  C  "C4'" . DG  A 3 ? 0.1714 0.1314 0.1206 -0.0145 0.0506  0.0059  3  DG  A "C4'" 
46  O  "O4'" . DG  A 3 ? 0.1457 0.0955 0.1325 -0.0188 0.0469  -0.0006 3  DG  A "O4'" 
47  C  "C3'" . DG  A 3 ? 0.1909 0.1233 0.1386 -0.0052 0.0719  -0.0111 3  DG  A "C3'" 
48  O  "O3'" A DG  A 3 ? 0.2257 0.1417 0.1816 0.0250  0.0795  -0.0048 3  DG  A "O3'" 
49  O  "O3'" B DG  A 3 ? 0.2393 0.1482 0.1927 0.0370  0.0811  -0.0143 3  DG  A "O3'" 
50  C  "C2'" . DG  A 3 ? 0.1919 0.1173 0.1262 -0.0263 0.0670  -0.0345 3  DG  A "C2'" 
51  C  "C1'" . DG  A 3 ? 0.1750 0.0864 0.1275 -0.0237 0.0648  -0.0245 3  DG  A "C1'" 
52  N  N9    . DG  A 3 ? 0.1632 0.0734 0.1102 -0.0221 0.0552  -0.0125 3  DG  A N9    
53  C  C8    . DG  A 3 ? 0.1665 0.0972 0.1123 -0.0224 0.0397  -0.0167 3  DG  A C8    
54  N  N7    . DG  A 3 ? 0.1324 0.0863 0.1085 -0.0433 0.0290  -0.0187 3  DG  A N7    
55  C  C5    . DG  A 3 ? 0.1235 0.0419 0.1081 -0.0374 0.0303  -0.0233 3  DG  A C5    
56  C  C6    . DG  A 3 ? 0.1128 0.0273 0.1143 -0.0374 0.0400  -0.0059 3  DG  A C6    
57  O  O6    . DG  A 3 ? 0.1040 0.0633 0.1152 -0.0317 0.0258  -0.0266 3  DG  A O6    
58  N  N1    . DG  A 3 ? 0.1164 0.0341 0.0937 -0.0207 0.0527  -0.0160 3  DG  A N1    
59  C  C2    . DG  A 3 ? 0.1179 0.0500 0.1118 -0.0185 0.0562  -0.0145 3  DG  A C2    
60  N  N2    . DG  A 3 ? 0.1265 0.0683 0.1244 -0.0021 0.0553  -0.0044 3  DG  A N2    
61  N  N3    . DG  A 3 ? 0.1168 0.0504 0.1075 -0.0294 0.0535  -0.0367 3  DG  A N3    
62  C  C4    . DG  A 3 ? 0.1400 0.0537 0.1119 -0.0297 0.0488  -0.0163 3  DG  A C4    
63  C  "C4'" . XTR A 4 ? 0.2223 0.1353 0.2059 0.0201  0.0632  -0.0178 4  XTR A "C4'" 
64  C  "C7'" . XTR A 4 ? 0.2195 0.1211 0.1999 0.0099  0.0501  -0.0369 4  XTR A "C7'" 
65  C  "C6'" . XTR A 4 ? 0.2070 0.1494 0.1973 -0.0013 0.0434  -0.0422 4  XTR A "C6'" 
66  C  "C1'" . XTR A 4 ? 0.2585 0.1314 0.1963 -0.0066 0.0634  -0.0143 4  XTR A "C1'" 
67  O  O4    . XTR A 4 ? 0.1968 0.1204 0.1098 -0.0839 0.0195  -0.0198 4  XTR A O4    
68  C  C4    . XTR A 4 ? 0.2054 0.0745 0.1128 -0.0872 0.0391  0.0007  4  XTR A C4    
69  C  C5    . XTR A 4 ? 0.2219 0.1139 0.1094 -0.0827 0.0411  0.0090  4  XTR A C5    
70  C  C5M   . XTR A 4 ? 0.2622 0.2205 0.1109 -0.1005 -0.0002 -0.0100 4  XTR A C5M   
71  C  C6    . XTR A 4 ? 0.2504 0.0829 0.1321 -0.0582 0.0645  0.0068  4  XTR A C6    
72  N  N3    . XTR A 4 ? 0.1932 0.0565 0.1018 -0.0845 0.0372  -0.0244 4  XTR A N3    
73  C  C2    . XTR A 4 ? 0.2248 0.0771 0.1285 -0.0534 0.0308  -0.0396 4  XTR A C2    
74  O  O2    . XTR A 4 ? 0.2067 0.0868 0.1317 -0.0220 0.0547  -0.0251 4  XTR A O2    
75  N  N1    . XTR A 4 ? 0.2501 0.0659 0.1396 -0.0266 0.0619  -0.0035 4  XTR A N1    
76  C  "C2'" . XTR A 4 ? 0.2287 0.1195 0.2309 0.0021  0.0516  -0.0301 4  XTR A "C2'" 
77  C  "C3'" . XTR A 4 ? 0.2206 0.1466 0.1937 0.0026  0.0298  -0.0149 4  XTR A "C3'" 
78  P  P     A XTR A 4 ? 0.2213 0.1751 0.2017 0.0304  0.0979  0.0073  4  XTR A P     
79  P  P     B XTR A 4 ? 0.2385 0.1566 0.1996 0.0645  0.0841  -0.0306 4  XTR A P     
80  O  OP1   A XTR A 4 ? 0.2349 0.2441 0.2850 0.0142  0.1108  0.0687  4  XTR A OP1   
81  O  OP1   B XTR A 4 ? 0.2667 0.2245 0.1972 0.0549  0.0991  -0.0260 4  XTR A OP1   
82  O  OP2   A XTR A 4 ? 0.2659 0.2008 0.1973 0.0590  0.0830  -0.0314 4  XTR A OP2   
83  O  OP2   B XTR A 4 ? 0.2447 0.1129 0.2262 0.0737  0.0665  -0.0397 4  XTR A OP2   
84  O  "O5'" A XTR A 4 ? 0.2324 0.1646 0.2163 0.0378  0.0890  -0.0058 4  XTR A "O5'" 
85  O  "O5'" B XTR A 4 ? 0.2348 0.1478 0.1906 0.0627  0.0749  -0.0379 4  XTR A "O5'" 
86  C  "C5'" A XTR A 4 ? 0.2321 0.1343 0.1955 0.0379  0.0803  -0.0278 4  XTR A "C5'" 
87  C  "C5'" B XTR A 4 ? 0.2284 0.1392 0.2003 0.0336  0.0788  -0.0260 4  XTR A "C5'" 
88  O  "O3'" A XTR A 4 ? 0.2553 0.1597 0.2032 0.0041  0.0262  0.0014  4  XTR A "O3'" 
89  O  "O3'" B XTR A 4 ? 0.1981 0.1574 0.1994 -0.0054 0.0089  0.0124  4  XTR A "O3'" 
90  P  P     A DG  A 5 ? 0.1813 0.1645 0.1786 0.0076  0.0089  0.0003  5  DG  A P     
91  P  P     B DG  A 5 ? 0.1771 0.1584 0.1806 0.0032  0.0032  -0.0024 5  DG  A P     
92  O  OP1   A DG  A 5 ? 0.1879 0.2157 0.2198 0.0048  0.0080  -0.0019 5  DG  A OP1   
93  O  OP1   B DG  A 5 ? 0.1795 0.1740 0.1871 0.0073  0.0061  -0.0051 5  DG  A OP1   
94  O  OP2   A DG  A 5 ? 0.2007 0.1910 0.1861 0.0032  -0.0017 -0.0058 5  DG  A OP2   
95  O  OP2   B DG  A 5 ? 0.1819 0.1753 0.1769 0.0049  -0.0003 -0.0024 5  DG  A OP2   
96  O  "O5'" A DG  A 5 ? 0.1788 0.1664 0.1727 0.0003  -0.0049 0.0016  5  DG  A "O5'" 
97  O  "O5'" B DG  A 5 ? 0.1717 0.1633 0.1751 -0.0007 0.0018  0.0009  5  DG  A "O5'" 
98  C  "C5'" A DG  A 5 ? 0.1538 0.1553 0.1691 -0.0030 0.0049  0.0058  5  DG  A "C5'" 
99  C  "C5'" B DG  A 5 ? 0.1627 0.1645 0.1734 0.0031  0.0066  -0.0048 5  DG  A "C5'" 
100 C  "C4'" A DG  A 5 ? 0.1398 0.1396 0.1630 -0.0058 0.0002  -0.0033 5  DG  A "C4'" 
101 C  "C4'" B DG  A 5 ? 0.1456 0.1534 0.1723 -0.0020 0.0050  -0.0031 5  DG  A "C4'" 
102 O  "O4'" A DG  A 5 ? 0.1423 0.1290 0.1409 -0.0072 -0.0094 -0.0080 5  DG  A "O4'" 
103 O  "O4'" B DG  A 5 ? 0.1342 0.1333 0.1447 -0.0116 -0.0082 -0.0007 5  DG  A "O4'" 
104 C  "C3'" . DG  A 5 ? 0.1271 0.1348 0.2070 -0.0046 0.0032  -0.0112 5  DG  A "C3'" 
105 O  "O3'" . DG  A 5 ? 0.1302 0.1181 0.2177 -0.0368 -0.0321 -0.0103 5  DG  A "O3'" 
106 C  "C2'" . DG  A 5 ? 0.1425 0.1205 0.1972 0.0140  -0.0174 -0.0257 5  DG  A "C2'" 
107 C  "C1'" . DG  A 5 ? 0.1344 0.1080 0.1799 -0.0048 -0.0002 -0.0169 5  DG  A "C1'" 
108 N  N9    . DG  A 5 ? 0.1147 0.0871 0.1656 -0.0064 0.0094  -0.0382 5  DG  A N9    
109 C  C8    . DG  A 5 ? 0.0865 0.0986 0.1620 -0.0243 0.0119  -0.0361 5  DG  A C8    
110 N  N7    . DG  A 5 ? 0.0908 0.0744 0.1567 -0.0254 0.0193  -0.0390 5  DG  A N7    
111 C  C5    . DG  A 5 ? 0.0913 0.0493 0.1463 -0.0363 0.0179  -0.0360 5  DG  A C5    
112 C  C6    . DG  A 5 ? 0.1023 0.0368 0.1269 -0.0315 0.0198  -0.0319 5  DG  A C6    
113 O  O6    . DG  A 5 ? 0.0994 0.0873 0.1190 -0.0231 0.0255  -0.0214 5  DG  A O6    
114 N  N1    . DG  A 5 ? 0.0898 0.0585 0.1196 -0.0293 0.0088  -0.0261 5  DG  A N1    
115 C  C2    . DG  A 5 ? 0.1026 0.0525 0.1272 -0.0157 0.0014  -0.0335 5  DG  A C2    
116 N  N2    . DG  A 5 ? 0.1269 0.0600 0.1189 0.0072  0.0007  -0.0240 5  DG  A N2    
117 N  N3    . DG  A 5 ? 0.0983 0.0636 0.1475 -0.0158 -0.0007 -0.0271 5  DG  A N3    
118 C  C4    . DG  A 5 ? 0.0877 0.0718 0.1532 -0.0363 0.0082  -0.0364 5  DG  A C4    
119 P  P     . DC  A 6 ? 0.0986 0.1170 0.2429 -0.0297 -0.0450 -0.0020 6  DC  A P     
120 O  OP1   . DC  A 6 ? 0.1086 0.1948 0.2744 -0.0253 -0.0727 0.0306  6  DC  A OP1   
121 O  OP2   . DC  A 6 ? 0.0837 0.1230 0.2832 -0.0168 -0.0193 -0.0217 6  DC  A OP2   
122 O  "O5'" . DC  A 6 ? 0.0969 0.1382 0.1954 -0.0190 -0.0391 -0.0077 6  DC  A "O5'" 
123 C  "C5'" . DC  A 6 ? 0.1237 0.1304 0.2062 -0.0180 -0.0463 -0.0295 6  DC  A "C5'" 
124 C  "C4'" . DC  A 6 ? 0.1209 0.1325 0.1639 -0.0156 -0.0389 -0.0298 6  DC  A "C4'" 
125 O  "O4'" . DC  A 6 ? 0.1111 0.1059 0.1540 -0.0137 -0.0175 -0.0345 6  DC  A "O4'" 
126 C  "C3'" . DC  A 6 ? 0.1047 0.1225 0.1329 -0.0128 -0.0198 -0.0107 6  DC  A "C3'" 
127 O  "O3'" . DC  A 6 ? 0.1194 0.1562 0.1270 0.0010  -0.0042 -0.0092 6  DC  A "O3'" 
128 C  "C2'" . DC  A 6 ? 0.1161 0.0967 0.1269 -0.0141 -0.0148 -0.0127 6  DC  A "C2'" 
129 C  "C1'" . DC  A 6 ? 0.1135 0.0938 0.1221 -0.0117 -0.0138 -0.0258 6  DC  A "C1'" 
130 N  N1    . DC  A 6 ? 0.1098 0.0720 0.1202 -0.0101 0.0062  -0.0281 6  DC  A N1    
131 C  C2    . DC  A 6 ? 0.0956 0.0971 0.1131 -0.0119 0.0031  -0.0123 6  DC  A C2    
132 O  O2    . DC  A 6 ? 0.1090 0.0717 0.1193 -0.0090 0.0115  -0.0232 6  DC  A O2    
133 N  N3    . DC  A 6 ? 0.1011 0.0508 0.1152 -0.0320 0.0092  -0.0182 6  DC  A N3    
134 C  C4    . DC  A 6 ? 0.1271 0.0197 0.1293 -0.0328 0.0307  -0.0129 6  DC  A C4    
135 N  N4    . DC  A 6 ? 0.1215 0.0665 0.1229 -0.0240 0.0329  -0.0068 6  DC  A N4    
136 C  C5    . DC  A 6 ? 0.1178 0.0620 0.1311 -0.0254 0.0214  -0.0195 6  DC  A C5    
137 C  C6    . DC  A 6 ? 0.1222 0.0768 0.1218 -0.0126 0.0090  -0.0369 6  DC  A C6    
138 P  P     . DG  A 7 ? 0.1459 0.1951 0.1173 -0.0274 -0.0296 0.0268  7  DG  A P     
139 O  OP1   . DG  A 7 ? 0.2130 0.2407 0.1121 -0.0415 -0.0015 0.0035  7  DG  A OP1   
140 O  OP2   . DG  A 7 ? 0.1709 0.1911 0.1485 -0.0249 -0.0784 0.0407  7  DG  A OP2   
141 O  "O5'" . DG  A 7 ? 0.1270 0.1498 0.0985 -0.0064 -0.0321 0.0385  7  DG  A "O5'" 
142 C  "C5'" . DG  A 7 ? 0.0965 0.1096 0.1093 -0.0108 -0.0006 0.0382  7  DG  A "C5'" 
143 C  "C4'" . DG  A 7 ? 0.0722 0.1038 0.1245 -0.0208 -0.0005 0.0301  7  DG  A "C4'" 
144 O  "O4'" . DG  A 7 ? 0.0835 0.0710 0.1223 -0.0158 0.0038  0.0341  7  DG  A "O4'" 
145 C  "C3'" . DG  A 7 ? 0.1051 0.1062 0.1240 -0.0370 -0.0079 0.0459  7  DG  A "C3'" 
146 O  "O3'" . DG  A 7 ? 0.1099 0.1088 0.1420 -0.0342 -0.0010 0.0375  7  DG  A "O3'" 
147 C  "C2'" . DG  A 7 ? 0.1041 0.0753 0.1282 -0.0173 -0.0159 0.0518  7  DG  A "C2'" 
148 C  "C1'" . DG  A 7 ? 0.0838 0.0730 0.1258 -0.0125 -0.0083 0.0248  7  DG  A "C1'" 
149 N  N9    . DG  A 7 ? 0.0949 0.0659 0.1298 -0.0091 -0.0187 0.0260  7  DG  A N9    
150 C  C8    . DG  A 7 ? 0.1018 0.0914 0.1726 -0.0087 -0.0309 0.0603  7  DG  A C8    
151 N  N7    . DG  A 7 ? 0.1110 0.0823 0.1780 -0.0057 -0.0431 0.0493  7  DG  A N7    
152 C  C5    . DG  A 7 ? 0.0869 0.0768 0.1800 -0.0037 -0.0240 0.0404  7  DG  A C5    
153 C  C6    . DG  A 7 ? 0.0858 0.0822 0.2274 -0.0081 -0.0428 0.0479  7  DG  A C6    
154 O  O6    . DG  A 7 ? 0.1085 0.0996 0.3071 -0.0027 -0.0931 0.0556  7  DG  A O6    
155 N  N1    . DG  A 7 ? 0.0786 0.0686 0.2046 -0.0222 -0.0291 0.0291  7  DG  A N1    
156 C  C2    . DG  A 7 ? 0.0779 0.0560 0.1499 -0.0177 -0.0104 0.0067  7  DG  A C2    
157 N  N2    . DG  A 7 ? 0.0918 0.0641 0.1532 -0.0306 -0.0027 0.0108  7  DG  A N2    
158 N  N3    . DG  A 7 ? 0.0756 0.0532 0.1310 -0.0158 -0.0102 0.0092  7  DG  A N3    
159 C  C4    . DG  A 7 ? 0.0848 0.0673 0.1455 -0.0066 -0.0154 0.0258  7  DG  A C4    
160 O  "O5'" . DC  B 1 ? 0.1023 0.1293 0.1891 0.0188  -0.0257 -0.0273 1  DC  B "O5'" 
161 C  "C5'" . DC  B 1 ? 0.1074 0.1209 0.1355 0.0330  -0.0127 -0.0297 1  DC  B "C5'" 
162 C  "C4'" . DC  B 1 ? 0.1248 0.1033 0.1021 0.0119  -0.0269 -0.0492 1  DC  B "C4'" 
163 O  "O4'" . DC  B 1 ? 0.1194 0.1026 0.0889 0.0133  -0.0262 -0.0391 1  DC  B "O4'" 
164 C  "C3'" . DC  B 1 ? 0.1713 0.0819 0.1348 0.0140  -0.0321 -0.0475 1  DC  B "C3'" 
165 O  "O3'" A DC  B 1 ? 0.1939 0.0911 0.1552 -0.0002 -0.0359 -0.0584 1  DC  B "O3'" 
166 O  "O3'" B DC  B 1 ? 0.1756 0.0841 0.1630 0.0134  -0.0320 -0.0620 1  DC  B "O3'" 
167 C  "C2'" . DC  B 1 ? 0.1505 0.0789 0.1132 0.0052  -0.0300 -0.0297 1  DC  B "C2'" 
168 C  "C1'" . DC  B 1 ? 0.1281 0.0955 0.1003 -0.0024 -0.0179 -0.0315 1  DC  B "C1'" 
169 N  N1    . DC  B 1 ? 0.1043 0.0767 0.0890 -0.0152 -0.0017 -0.0157 1  DC  B N1    
170 C  C2    . DC  B 1 ? 0.0937 0.0619 0.1060 -0.0115 -0.0097 -0.0106 1  DC  B C2    
171 O  O2    . DC  B 1 ? 0.0910 0.0918 0.1522 -0.0160 -0.0386 -0.0305 1  DC  B O2    
172 N  N3    . DC  B 1 ? 0.0929 0.0559 0.0901 -0.0031 -0.0022 -0.0033 1  DC  B N3    
173 C  C4    . DC  B 1 ? 0.0923 0.0515 0.0722 -0.0020 0.0042  0.0065  1  DC  B C4    
174 N  N4    . DC  B 1 ? 0.0892 0.0705 0.0708 -0.0135 0.0095  -0.0080 1  DC  B N4    
175 C  C5    . DC  B 1 ? 0.0845 0.0791 0.0948 0.0004  -0.0001 -0.0238 1  DC  B C5    
176 C  C6    . DC  B 1 ? 0.1098 0.0848 0.1209 -0.0271 0.0309  -0.0352 1  DC  B C6    
177 P  P     A DG  B 2 ? 0.1671 0.0913 0.1507 -0.0058 -0.0216 -0.0285 2  DG  B P     
178 P  P     B DG  B 2 ? 0.1394 0.0827 0.1502 0.0137  -0.0305 -0.0285 2  DG  B P     
179 O  OP1   A DG  B 2 ? 0.1617 0.1502 0.1498 0.0067  -0.0071 0.0003  2  DG  B OP1   
180 O  OP1   B DG  B 2 ? 0.1473 0.1427 0.1494 0.0060  -0.0063 -0.0048 2  DG  B OP1   
181 O  OP2   A DG  B 2 ? 0.1674 0.1592 0.1650 -0.0013 -0.0043 -0.0003 2  DG  B OP2   
182 O  OP2   B DG  B 2 ? 0.1594 0.1490 0.1565 0.0046  -0.0052 -0.0001 2  DG  B OP2   
183 O  "O5'" A DG  B 2 ? 0.1680 0.0832 0.1519 0.0057  -0.0124 -0.0490 2  DG  B "O5'" 
184 O  "O5'" B DG  B 2 ? 0.1756 0.0851 0.1513 0.0089  -0.0192 -0.0529 2  DG  B "O5'" 
185 C  "C5'" . DG  B 2 ? 0.1350 0.1004 0.1521 -0.0041 -0.0169 -0.0529 2  DG  B "C5'" 
186 C  "C4'" . DG  B 2 ? 0.1188 0.0766 0.1491 -0.0018 -0.0061 -0.0457 2  DG  B "C4'" 
187 O  "O4'" . DG  B 2 ? 0.1204 0.0662 0.1517 -0.0033 0.0024  -0.0278 2  DG  B "O4'" 
188 C  "C3'" . DG  B 2 ? 0.1257 0.0797 0.1230 0.0015  -0.0090 -0.0378 2  DG  B "C3'" 
189 O  "O3'" . DG  B 2 ? 0.1231 0.0839 0.1163 0.0025  -0.0130 -0.0360 2  DG  B "O3'" 
190 C  "C2'" . DG  B 2 ? 0.1389 0.0687 0.1228 -0.0026 -0.0021 -0.0352 2  DG  B "C2'" 
191 C  "C1'" . DG  B 2 ? 0.1233 0.0650 0.1288 -0.0088 -0.0019 -0.0396 2  DG  B "C1'" 
192 N  N9    . DG  B 2 ? 0.1179 0.0697 0.1108 -0.0069 -0.0097 -0.0223 2  DG  B N9    
193 C  C8    . DG  B 2 ? 0.1347 0.0805 0.1156 0.0110  -0.0087 -0.0157 2  DG  B C8    
194 N  N7    . DG  B 2 ? 0.1170 0.1089 0.1201 0.0016  0.0006  0.0023  2  DG  B N7    
195 C  C5    . DG  B 2 ? 0.0980 0.0765 0.1073 -0.0246 -0.0054 -0.0121 2  DG  B C5    
196 C  C6    . DG  B 2 ? 0.0993 0.0589 0.1157 -0.0269 0.0050  -0.0088 2  DG  B C6    
197 O  O6    . DG  B 2 ? 0.1127 0.0862 0.1338 -0.0330 0.0262  -0.0151 2  DG  B O6    
198 N  N1    . DG  B 2 ? 0.0924 0.0335 0.1237 -0.0199 0.0060  -0.0102 2  DG  B N1    
199 C  C2    . DG  B 2 ? 0.0885 0.0822 0.1104 -0.0134 0.0012  -0.0074 2  DG  B C2    
200 N  N2    . DG  B 2 ? 0.1068 0.0685 0.1069 -0.0072 -0.0246 -0.0455 2  DG  B N2    
201 N  N3    . DG  B 2 ? 0.0918 0.0855 0.1035 -0.0074 -0.0002 -0.0152 2  DG  B N3    
202 C  C4    . DG  B 2 ? 0.1081 0.0641 0.1081 -0.0141 -0.0067 -0.0209 2  DG  B C4    
203 P  P     . DC  B 3 ? 0.1414 0.0963 0.1009 0.0192  -0.0116 -0.0275 3  DC  B P     
204 O  OP1   . DC  B 3 ? 0.1551 0.1312 0.1035 -0.0014 0.0022  -0.0448 3  DC  B OP1   
205 O  OP2   . DC  B 3 ? 0.1836 0.1181 0.1324 0.0427  -0.0282 -0.0175 3  DC  B OP2   
206 O  "O5'" . DC  B 3 ? 0.1655 0.0840 0.0978 -0.0155 -0.0109 -0.0190 3  DC  B "O5'" 
207 C  "C5'" . DC  B 3 ? 0.1374 0.0905 0.0808 -0.0129 0.0097  -0.0273 3  DC  B "C5'" 
208 C  "C4'" . DC  B 3 ? 0.1001 0.1048 0.0906 -0.0066 0.0213  -0.0246 3  DC  B "C4'" 
209 O  "O4'" . DC  B 3 ? 0.0971 0.0970 0.0986 -0.0282 0.0197  -0.0471 3  DC  B "O4'" 
210 C  "C3'" . DC  B 3 ? 0.1122 0.0732 0.0858 -0.0131 0.0186  -0.0278 3  DC  B "C3'" 
211 O  "O3'" . DC  B 3 ? 0.0998 0.0778 0.1064 -0.0244 0.0128  -0.0145 3  DC  B "O3'" 
212 C  "C2'" . DC  B 3 ? 0.1089 0.0818 0.0966 -0.0344 0.0141  -0.0235 3  DC  B "C2'" 
213 C  "C1'" . DC  B 3 ? 0.0930 0.1070 0.0897 -0.0224 0.0209  -0.0247 3  DC  B "C1'" 
214 N  N1    . DC  B 3 ? 0.0848 0.0700 0.0856 -0.0253 0.0098  -0.0159 3  DC  B N1    
215 C  C2    . DC  B 3 ? 0.0855 0.0482 0.0937 -0.0298 0.0160  -0.0051 3  DC  B C2    
216 O  O2    . DC  B 3 ? 0.1114 0.0835 0.0867 -0.0009 0.0141  -0.0087 3  DC  B O2    
217 N  N3    . DC  B 3 ? 0.0925 0.0489 0.0922 -0.0181 0.0178  -0.0102 3  DC  B N3    
218 C  C4    . DC  B 3 ? 0.0793 0.0703 0.0918 -0.0327 0.0109  -0.0012 3  DC  B C4    
219 N  N4    . DC  B 3 ? 0.1239 0.0880 0.0866 -0.0184 0.0216  -0.0128 3  DC  B N4    
220 C  C5    . DC  B 3 ? 0.1052 0.0932 0.0851 -0.0040 0.0063  -0.0076 3  DC  B C5    
221 C  C6    . DC  B 3 ? 0.0916 0.0845 0.0908 -0.0158 0.0067  -0.0164 3  DC  B C6    
222 P  P     . DA  B 4 ? 0.0891 0.0743 0.1108 -0.0227 0.0155  -0.0006 4  DA  B P     
223 O  OP1   . DA  B 4 ? 0.1232 0.0811 0.1604 -0.0282 0.0156  0.0226  4  DA  B OP1   
224 O  OP2   . DA  B 4 ? 0.0898 0.0993 0.0876 -0.0201 0.0237  -0.0004 4  DA  B OP2   
225 O  "O5'" . DA  B 4 ? 0.0887 0.0893 0.1178 -0.0206 0.0174  -0.0232 4  DA  B "O5'" 
226 C  "C5'" . DA  B 4 ? 0.0954 0.0843 0.1056 -0.0247 0.0245  -0.0204 4  DA  B "C5'" 
227 C  "C4'" . DA  B 4 ? 0.0981 0.0506 0.0993 -0.0211 0.0238  -0.0023 4  DA  B "C4'" 
228 O  "O4'" . DA  B 4 ? 0.1178 0.0606 0.1092 -0.0323 0.0418  -0.0142 4  DA  B "O4'" 
229 C  "C3'" . DA  B 4 ? 0.0938 0.0586 0.0981 -0.0152 0.0205  -0.0076 4  DA  B "C3'" 
230 O  "O3'" . DA  B 4 ? 0.1013 0.0696 0.1205 -0.0268 0.0097  0.0203  4  DA  B "O3'" 
231 C  "C2'" . DA  B 4 ? 0.0712 0.0578 0.0935 -0.0154 0.0111  -0.0070 4  DA  B "C2'" 
232 C  "C1'" . DA  B 4 ? 0.0898 0.0433 0.0987 -0.0156 0.0231  -0.0071 4  DA  B "C1'" 
233 N  N9    . DA  B 4 ? 0.0804 0.0400 0.0989 -0.0166 0.0174  -0.0100 4  DA  B N9    
234 C  C8    . DA  B 4 ? 0.0772 0.0423 0.1066 -0.0225 0.0142  -0.0066 4  DA  B C8    
235 N  N7    . DA  B 4 ? 0.1005 0.0447 0.1068 -0.0149 0.0176  0.0060  4  DA  B N7    
236 C  C5    . DA  B 4 ? 0.0874 0.0534 0.0978 -0.0303 0.0142  -0.0011 4  DA  B C5    
237 C  C6    . DA  B 4 ? 0.0878 0.0768 0.0926 -0.0230 0.0057  -0.0047 4  DA  B C6    
238 N  N6    . DA  B 4 ? 0.1232 0.0822 0.0984 -0.0294 -0.0045 -0.0067 4  DA  B N6    
239 N  N1    . DA  B 4 ? 0.0927 0.0644 0.1167 -0.0281 0.0152  -0.0170 4  DA  B N1    
240 C  C2    . DA  B 4 ? 0.0928 0.0514 0.1186 -0.0100 0.0191  -0.0216 4  DA  B C2    
241 N  N3    . DA  B 4 ? 0.0951 0.0436 0.1148 -0.0110 0.0191  -0.0214 4  DA  B N3    
242 C  C4    . DA  B 4 ? 0.0760 0.0673 0.0917 -0.0159 0.0091  -0.0115 4  DA  B C4    
243 P  P     . DC  B 5 ? 0.1155 0.1075 0.1176 -0.0293 -0.0003 0.0108  5  DC  B P     
244 O  OP1   . DC  B 5 ? 0.1708 0.1626 0.1004 -0.0122 -0.0045 0.0170  5  DC  B OP1   
245 O  OP2   . DC  B 5 ? 0.1638 0.1092 0.1119 -0.0306 0.0244  -0.0229 5  DC  B OP2   
246 O  "O5'" . DC  B 5 ? 0.0996 0.0806 0.1446 -0.0263 0.0035  0.0184  5  DC  B "O5'" 
247 C  "C5'" . DC  B 5 ? 0.0974 0.0718 0.1345 -0.0154 -0.0129 0.0356  5  DC  B "C5'" 
248 C  "C4'" . DC  B 5 ? 0.1080 0.0713 0.1387 -0.0179 0.0000  0.0258  5  DC  B "C4'" 
249 O  "O4'" . DC  B 5 ? 0.1326 0.0721 0.1187 -0.0244 -0.0042 0.0140  5  DC  B "O4'" 
250 C  "C3'" . DC  B 5 ? 0.0935 0.0703 0.1308 -0.0084 0.0031  0.0127  5  DC  B "C3'" 
251 O  "O3'" . DC  B 5 ? 0.1025 0.0950 0.1750 -0.0009 -0.0056 0.0367  5  DC  B "O3'" 
252 C  "C2'" . DC  B 5 ? 0.1016 0.0650 0.1498 -0.0125 0.0024  0.0193  5  DC  B "C2'" 
253 C  "C1'" . DC  B 5 ? 0.0987 0.0748 0.1191 0.0020  0.0244  0.0185  5  DC  B "C1'" 
254 N  N1    . DC  B 5 ? 0.0922 0.0675 0.1034 0.0005  0.0284  0.0048  5  DC  B N1    
255 C  C2    . DC  B 5 ? 0.0678 0.0523 0.1006 -0.0190 0.0301  -0.0069 5  DC  B C2    
256 O  O2    . DC  B 5 ? 0.1211 0.0928 0.1272 0.0285  0.0561  0.0188  5  DC  B O2    
257 N  N3    . DC  B 5 ? 0.0871 0.0293 0.0958 -0.0216 0.0361  0.0028  5  DC  B N3    
258 C  C4    . DC  B 5 ? 0.0794 0.0565 0.0747 -0.0103 0.0122  -0.0049 5  DC  B C4    
259 N  N4    . DC  B 5 ? 0.1002 0.0530 0.0776 -0.0071 0.0137  -0.0024 5  DC  B N4    
260 C  C5    . DC  B 5 ? 0.0870 0.0652 0.0772 0.0004  0.0122  -0.0042 5  DC  B C5    
261 C  C6    . DC  B 5 ? 0.0785 0.0622 0.0707 -0.0145 0.0132  -0.0070 5  DC  B C6    
262 P  P     . DG  B 6 ? 0.1046 0.1510 0.1893 -0.0100 -0.0246 0.0542  6  DG  B P     
263 O  OP1   . DG  B 6 ? 0.1336 0.1851 0.2866 0.0062  -0.0503 0.1158  6  DG  B OP1   
264 O  OP2   . DG  B 6 ? 0.1665 0.2128 0.1334 -0.0312 -0.0387 0.0493  6  DG  B OP2   
265 O  "O5'" . DG  B 6 ? 0.1127 0.1187 0.1856 -0.0079 -0.0037 0.0341  6  DG  B "O5'" 
266 C  "C5'" . DG  B 6 ? 0.1218 0.1034 0.1927 0.0001  -0.0038 0.0281  6  DG  B "C5'" 
267 C  "C4'" . DG  B 6 ? 0.1270 0.0991 0.1615 0.0008  -0.0122 0.0171  6  DG  B "C4'" 
268 O  "O4'" . DG  B 6 ? 0.1035 0.0665 0.1663 -0.0104 -0.0053 0.0008  6  DG  B "O4'" 
269 C  "C3'" . DG  B 6 ? 0.1093 0.1251 0.1487 -0.0273 -0.0116 0.0256  6  DG  B "C3'" 
270 O  "O3'" . DG  B 6 ? 0.0916 0.1614 0.1903 -0.0130 0.0000  0.0560  6  DG  B "O3'" 
271 C  "C2'" . DG  B 6 ? 0.1092 0.1003 0.1338 -0.0376 0.0031  0.0008  6  DG  B "C2'" 
272 C  "C1'" . DG  B 6 ? 0.0928 0.0659 0.1326 -0.0336 0.0047  0.0134  6  DG  B "C1'" 
273 N  N9    . DG  B 6 ? 0.1036 0.0434 0.1059 -0.0204 0.0174  0.0035  6  DG  B N9    
274 C  C8    . DG  B 6 ? 0.1150 0.0482 0.1016 -0.0145 0.0182  -0.0001 6  DG  B C8    
275 N  N7    . DG  B 6 ? 0.1037 0.0465 0.1029 -0.0219 0.0278  0.0078  6  DG  B N7    
276 C  C5    . DG  B 6 ? 0.0848 0.0408 0.1013 -0.0283 0.0296  0.0101  6  DG  B C5    
277 C  C6    . DG  B 6 ? 0.0830 0.0419 0.0969 -0.0240 0.0310  0.0011  6  DG  B C6    
278 O  O6    . DG  B 6 ? 0.0808 0.0557 0.0875 -0.0200 0.0309  -0.0021 6  DG  B O6    
279 N  N1    . DG  B 6 ? 0.0829 0.0274 0.0973 -0.0114 0.0304  -0.0043 6  DG  B N1    
280 C  C2    . DG  B 6 ? 0.0883 0.0374 0.0997 -0.0112 0.0192  -0.0146 6  DG  B C2    
281 N  N2    . DG  B 6 ? 0.0834 0.0650 0.1106 0.0134  0.0309  -0.0107 6  DG  B N2    
282 N  N3    . DG  B 6 ? 0.0748 0.0576 0.1107 -0.0131 0.0226  0.0033  6  DG  B N3    
283 C  C4    . DG  B 6 ? 0.0866 0.0306 0.1028 -0.0251 0.0192  0.0001  6  DG  B C4    
284 P  P     . DC  B 7 ? 0.1266 0.2563 0.1924 -0.0549 -0.0184 0.0472  7  DC  B P     
285 O  OP1   . DC  B 7 ? 0.1185 0.3859 0.2869 0.0125  -0.0271 0.1543  7  DC  B OP1   
286 O  OP2   . DC  B 7 ? 0.2919 0.3717 0.1970 -0.1423 0.0160  -0.0337 7  DC  B OP2   
287 O  "O5'" . DC  B 7 ? 0.1120 0.2309 0.2086 -0.0490 0.0116  0.0281  7  DC  B "O5'" 
288 C  "C5'" . DC  B 7 ? 0.1149 0.1829 0.2077 -0.0095 -0.0089 0.0457  7  DC  B "C5'" 
289 C  "C4'" . DC  B 7 ? 0.1000 0.1302 0.2077 0.0158  0.0042  0.0279  7  DC  B "C4'" 
290 O  "O4'" . DC  B 7 ? 0.0949 0.0921 0.1731 0.0165  0.0334  0.0024  7  DC  B "O4'" 
291 C  "C3'" . DC  B 7 ? 0.0985 0.1482 0.1563 -0.0036 0.0017  0.0015  7  DC  B "C3'" 
292 O  "O3'" . DC  B 7 ? 0.1180 0.2159 0.1726 -0.0293 0.0194  0.0119  7  DC  B "O3'" 
293 C  "C2'" . DC  B 7 ? 0.1020 0.1342 0.1737 -0.0100 -0.0006 0.0026  7  DC  B "C2'" 
294 C  "C1'" . DC  B 7 ? 0.0925 0.0866 0.1396 -0.0058 0.0281  -0.0008 7  DC  B "C1'" 
295 N  N1    . DC  B 7 ? 0.0960 0.0746 0.1108 0.0005  0.0230  -0.0008 7  DC  B N1    
296 C  C2    . DC  B 7 ? 0.0954 0.0499 0.1107 -0.0139 0.0177  0.0135  7  DC  B C2    
297 O  O2    . DC  B 7 ? 0.0882 0.0912 0.1172 -0.0027 0.0194  -0.0144 7  DC  B O2    
298 N  N3    . DC  B 7 ? 0.0929 0.0493 0.1008 -0.0222 0.0138  -0.0071 7  DC  B N3    
299 C  C4    . DC  B 7 ? 0.0829 0.0395 0.1025 -0.0216 0.0035  -0.0102 7  DC  B C4    
300 N  N4    . DC  B 7 ? 0.0815 0.0619 0.0790 -0.0122 -0.0043 0.0033  7  DC  B N4    
301 C  C5    . DC  B 7 ? 0.0831 0.0601 0.1001 -0.0077 0.0114  -0.0060 7  DC  B C5    
302 C  C6    . DC  B 7 ? 0.0777 0.0667 0.1133 -0.0196 0.0130  0.0078  7  DC  B C6    
303 O  "O5'" . DG  C 1 ? 0.3068 0.1582 0.2253 0.0090  -0.0020 0.0139  1  DG  C "O5'" 
304 C  "C5'" . DG  C 1 ? 0.3167 0.1706 0.1576 0.0075  -0.0598 -0.0244 1  DG  C "C5'" 
305 C  "C4'" . DG  C 1 ? 0.2590 0.1550 0.1407 -0.0262 -0.0766 -0.0299 1  DG  C "C4'" 
306 O  "O4'" . DG  C 1 ? 0.2187 0.1278 0.1450 -0.0311 -0.0727 -0.0084 1  DG  C "O4'" 
307 C  "C3'" . DG  C 1 ? 0.2373 0.1617 0.1225 -0.0077 -0.0751 -0.0119 1  DG  C "C3'" 
308 O  "O3'" . DG  C 1 ? 0.2417 0.2288 0.1354 0.0161  -0.0990 -0.0514 1  DG  C "O3'" 
309 C  "C2'" . DG  C 1 ? 0.2089 0.1125 0.0990 0.0075  -0.0514 -0.0072 1  DG  C "C2'" 
310 C  "C1'" . DG  C 1 ? 0.1677 0.0990 0.1118 -0.0063 -0.0453 -0.0104 1  DG  C "C1'" 
311 N  N9    . DG  C 1 ? 0.1419 0.0645 0.0800 -0.0186 -0.0037 0.0013  1  DG  C N9    
312 C  C8    . DG  C 1 ? 0.1478 0.0961 0.0936 -0.0260 0.0144  -0.0063 1  DG  C C8    
313 N  N7    . DG  C 1 ? 0.1297 0.0902 0.0983 -0.0211 0.0109  -0.0304 1  DG  C N7    
314 C  C5    . DG  C 1 ? 0.1083 0.0775 0.0932 -0.0074 -0.0019 -0.0260 1  DG  C C5    
315 C  C6    . DG  C 1 ? 0.0708 0.0641 0.0976 -0.0179 0.0048  -0.0224 1  DG  C C6    
316 O  O6    . DG  C 1 ? 0.0766 0.0867 0.1070 -0.0003 0.0105  -0.0188 1  DG  C O6    
317 N  N1    . DG  C 1 ? 0.0652 0.0400 0.0930 -0.0111 0.0030  -0.0091 1  DG  C N1    
318 C  C2    . DG  C 1 ? 0.0688 0.0596 0.0770 -0.0057 -0.0038 -0.0067 1  DG  C C2    
319 N  N2    . DG  C 1 ? 0.0712 0.0616 0.0849 -0.0089 0.0044  -0.0143 1  DG  C N2    
320 N  N3    . DG  C 1 ? 0.0991 0.0548 0.0782 -0.0135 -0.0133 -0.0156 1  DG  C N3    
321 C  C4    . DG  C 1 ? 0.1203 0.0471 0.0789 -0.0044 -0.0045 -0.0075 1  DG  C C4    
322 P  P     . DC  C 2 ? 0.2941 0.2732 0.1524 0.0790  -0.1192 -0.0308 2  DC  C P     
323 O  OP1   . DC  C 2 ? 0.2964 0.4110 0.2256 0.1177  -0.1496 -0.1085 2  DC  C OP1   
324 O  OP2   . DC  C 2 ? 0.4046 0.1991 0.1832 0.0944  -0.0495 -0.0308 2  DC  C OP2   
325 O  "O5'" . DC  C 2 ? 0.2697 0.1766 0.1580 0.0486  -0.1036 -0.0109 2  DC  C "O5'" 
326 C  "C5'" . DC  C 2 ? 0.2165 0.1645 0.1576 0.0301  -0.1206 -0.0265 2  DC  C "C5'" 
327 C  "C4'" . DC  C 2 ? 0.1563 0.1157 0.1560 0.0219  -0.0899 -0.0271 2  DC  C "C4'" 
328 O  "O4'" . DC  C 2 ? 0.1383 0.0773 0.1332 0.0006  -0.0615 -0.0043 2  DC  C "O4'" 
329 C  "C3'" . DC  C 2 ? 0.1573 0.1147 0.1699 0.0320  -0.0642 -0.0127 2  DC  C "C3'" 
330 O  "O3'" A DC  C 2 ? 0.1491 0.1225 0.1797 0.0334  -0.0620 -0.0074 2  DC  C "O3'" 
331 O  "O3'" B DC  C 2 ? 0.1456 0.1317 0.1870 0.0214  -0.0685 -0.0374 2  DC  C "O3'" 
332 C  "C2'" . DC  C 2 ? 0.1450 0.0734 0.1753 0.0116  -0.0479 0.0091  2  DC  C "C2'" 
333 C  "C1'" . DC  C 2 ? 0.1199 0.0634 0.1264 -0.0081 -0.0375 -0.0054 2  DC  C "C1'" 
334 N  N1    . DC  C 2 ? 0.1248 0.0736 0.0993 0.0007  -0.0264 -0.0156 2  DC  C N1    
335 C  C2    . DC  C 2 ? 0.1051 0.0529 0.0884 -0.0321 -0.0194 -0.0126 2  DC  C C2    
336 O  O2    . DC  C 2 ? 0.0966 0.0744 0.0923 -0.0156 -0.0200 -0.0069 2  DC  C O2    
337 N  N3    . DC  C 2 ? 0.1109 0.0712 0.0713 -0.0195 -0.0179 -0.0324 2  DC  C N3    
338 C  C4    . DC  C 2 ? 0.1098 0.0635 0.0748 -0.0247 -0.0229 -0.0267 2  DC  C C4    
339 N  N4    . DC  C 2 ? 0.1177 0.0805 0.0838 -0.0005 -0.0065 -0.0024 2  DC  C N4    
340 C  C5    . DC  C 2 ? 0.1219 0.0917 0.0882 -0.0352 -0.0313 0.0066  2  DC  C C5    
341 C  C6    . DC  C 2 ? 0.1276 0.1105 0.0947 -0.0115 -0.0389 0.0015  2  DC  C C6    
342 P  P     A DG  C 3 ? 0.1222 0.1286 0.1658 0.0409  -0.0331 0.0212  3  DG  C P     
343 P  P     B DG  C 3 ? 0.1500 0.1303 0.1918 0.0242  -0.0589 -0.0272 3  DG  C P     
344 O  OP1   A DG  C 3 ? 0.1198 0.1533 0.1534 0.0484  -0.0599 0.0289  3  DG  C OP1   
345 O  OP1   B DG  C 3 ? 0.1394 0.1518 0.1929 0.0202  -0.0681 -0.0267 3  DG  C OP1   
346 O  OP2   A DG  C 3 ? 0.1794 0.1576 0.1901 0.0720  0.0081  0.0470  3  DG  C OP2   
347 O  OP2   B DG  C 3 ? 0.1766 0.1615 0.1913 0.0518  -0.0409 -0.0102 3  DG  C OP2   
348 O  "O5'" A DG  C 3 ? 0.0813 0.1056 0.1776 0.0147  -0.0194 0.0002  3  DG  C "O5'" 
349 O  "O5'" B DG  C 3 ? 0.1224 0.1109 0.1857 0.0193  -0.0373 -0.0278 3  DG  C "O5'" 
350 C  "C5'" A DG  C 3 ? 0.0851 0.1007 0.1546 0.0069  -0.0270 -0.0170 3  DG  C "C5'" 
351 C  "C5'" B DG  C 3 ? 0.0788 0.1136 0.1766 0.0072  -0.0253 -0.0426 3  DG  C "C5'" 
352 C  "C4'" A DG  C 3 ? 0.0819 0.1119 0.1672 0.0140  -0.0273 -0.0340 3  DG  C "C4'" 
353 C  "C4'" B DG  C 3 ? 0.0794 0.1101 0.1738 0.0154  -0.0242 -0.0488 3  DG  C "C4'" 
354 O  "O4'" A DG  C 3 ? 0.0847 0.1023 0.1524 0.0153  -0.0281 -0.0460 3  DG  C "O4'" 
355 O  "O4'" B DG  C 3 ? 0.0808 0.1017 0.1588 0.0199  -0.0270 -0.0396 3  DG  C "O4'" 
356 C  "C3'" A DG  C 3 ? 0.0903 0.1103 0.1769 0.0187  -0.0233 -0.0414 3  DG  C "C3'" 
357 C  "C3'" B DG  C 3 ? 0.0950 0.1152 0.1714 0.0187  -0.0233 -0.0602 3  DG  C "C3'" 
358 O  "O3'" A DG  C 3 ? 0.1211 0.1553 0.1822 0.0391  -0.0225 -0.0667 3  DG  C "O3'" 
359 O  "O3'" B DG  C 3 ? 0.1124 0.1429 0.1729 0.0505  -0.0217 -0.0793 3  DG  C "O3'" 
360 C  "C2'" A DG  C 3 ? 0.0955 0.1056 0.1894 0.0155  -0.0182 -0.0361 3  DG  C "C2'" 
361 C  "C2'" B DG  C 3 ? 0.0984 0.1049 0.1809 0.0167  -0.0243 -0.0378 3  DG  C "C2'" 
362 C  "C1'" . DG  C 3 ? 0.0837 0.1090 0.1760 0.0135  -0.0223 -0.0355 3  DG  C "C1'" 
363 N  N9    . DG  C 3 ? 0.0869 0.0913 0.1472 0.0057  -0.0375 -0.0425 3  DG  C N9    
364 C  C8    . DG  C 3 ? 0.1090 0.0945 0.1511 0.0060  -0.0415 -0.0325 3  DG  C C8    
365 N  N7    . DG  C 3 ? 0.1121 0.0841 0.1460 0.0014  -0.0346 -0.0159 3  DG  C N7    
366 C  C5    . DG  C 3 ? 0.1013 0.0600 0.1141 -0.0035 -0.0197 -0.0288 3  DG  C C5    
367 C  C6    . DG  C 3 ? 0.0899 0.0685 0.0949 -0.0118 -0.0092 -0.0169 3  DG  C C6    
368 O  O6    . DG  C 3 ? 0.1114 0.0835 0.0898 -0.0150 0.0029  -0.0068 3  DG  C O6    
369 N  N1    . DG  C 3 ? 0.0741 0.0554 0.0850 -0.0125 0.0014  -0.0268 3  DG  C N1    
370 C  C2    . DG  C 3 ? 0.0653 0.0576 0.0969 -0.0041 0.0056  -0.0331 3  DG  C C2    
371 N  N2    . DG  C 3 ? 0.0735 0.0690 0.0908 0.0067  0.0077  -0.0311 3  DG  C N2    
372 N  N3    . DG  C 3 ? 0.0637 0.0961 0.1208 0.0044  0.0013  -0.0251 3  DG  C N3    
373 C  C4    . DG  C 3 ? 0.0793 0.0770 0.1359 0.0024  -0.0135 -0.0283 3  DG  C C4    
374 C  "C4'" . XTR C 4 ? 0.0931 0.1234 0.1688 0.0140  0.0067  -0.0740 4  XTR C "C4'" 
375 C  "C7'" . XTR C 4 ? 0.1026 0.1032 0.1301 0.0043  0.0306  -0.0457 4  XTR C "C7'" 
376 C  "C6'" . XTR C 4 ? 0.0878 0.1226 0.1489 -0.0005 0.0138  -0.0660 4  XTR C "C6'" 
377 C  "C1'" . XTR C 4 ? 0.0798 0.1255 0.1216 0.0102  0.0054  -0.0279 4  XTR C "C1'" 
378 O  O4    . XTR C 4 ? 0.1258 0.0529 0.1403 0.0119  0.0251  0.0038  4  XTR C O4    
379 C  C4    . XTR C 4 ? 0.0799 0.0378 0.1261 -0.0327 -0.0119 -0.0158 4  XTR C C4    
380 C  C5    . XTR C 4 ? 0.0873 0.0807 0.1361 -0.0066 -0.0076 -0.0195 4  XTR C C5    
381 C  C5M   . XTR C 4 ? 0.0982 0.1465 0.1811 0.0265  0.0162  0.0407  4  XTR C C5M   
382 C  C6    . XTR C 4 ? 0.0941 0.0815 0.1247 0.0109  -0.0014 -0.0348 4  XTR C C6    
383 N  N3    . XTR C 4 ? 0.0778 0.0409 0.1233 -0.0131 0.0033  -0.0201 4  XTR C N3    
384 C  C2    . XTR C 4 ? 0.0901 0.0266 0.1242 0.0042  0.0124  -0.0195 4  XTR C C2    
385 O  O2    . XTR C 4 ? 0.0960 0.0688 0.1253 0.0108  -0.0117 -0.0298 4  XTR C O2    
386 N  N1    . XTR C 4 ? 0.0776 0.0754 0.1086 -0.0005 -0.0045 -0.0512 4  XTR C N1    
387 C  "C2'" . XTR C 4 ? 0.0911 0.1154 0.1203 0.0045  0.0184  -0.0329 4  XTR C "C2'" 
388 C  "C3'" . XTR C 4 ? 0.1031 0.1122 0.1199 0.0102  -0.0003 -0.0581 4  XTR C "C3'" 
389 P  P     A XTR C 4 ? 0.1265 0.1638 0.1845 0.0205  -0.0092 -0.0663 4  XTR C P     
390 P  P     B XTR C 4 ? 0.1040 0.0989 0.1962 0.0363  -0.0091 -0.0738 4  XTR C P     
391 O  OP1   A XTR C 4 ? 0.1093 0.1624 0.1769 0.0233  -0.0353 -0.0989 4  XTR C OP1   
392 O  OP1   B XTR C 4 ? 0.1363 0.1278 0.2346 0.0164  0.0146  -0.0727 4  XTR C OP1   
393 O  OP2   A XTR C 4 ? 0.2287 0.1633 0.1797 0.0212  0.0094  -0.0625 4  XTR C OP2   
394 O  OP2   B XTR C 4 ? 0.1347 0.1367 0.2330 0.0544  -0.0226 -0.0448 4  XTR C OP2   
395 O  "O5'" A XTR C 4 ? 0.0986 0.1436 0.1969 0.0242  -0.0069 -0.0657 4  XTR C "O5'" 
396 O  "O5'" B XTR C 4 ? 0.1122 0.1307 0.1829 0.0388  -0.0003 -0.0822 4  XTR C "O5'" 
397 C  "C5'" A XTR C 4 ? 0.0999 0.1435 0.1844 0.0198  -0.0046 -0.0732 4  XTR C "C5'" 
398 C  "C5'" B XTR C 4 ? 0.0969 0.1395 0.1744 0.0191  0.0065  -0.0772 4  XTR C "C5'" 
399 O  "O3'" . XTR C 4 ? 0.1176 0.1005 0.1103 0.0112  0.0107  -0.0496 4  XTR C "O3'" 
400 P  P     . DG  C 5 ? 0.1289 0.0976 0.1094 0.0282  0.0022  -0.0411 5  DG  C P     
401 O  OP1   . DG  C 5 ? 0.1418 0.1226 0.1154 0.0245  0.0047  -0.0656 5  DG  C OP1   
402 O  OP2   . DG  C 5 ? 0.1555 0.1138 0.1151 0.0424  -0.0100 -0.0318 5  DG  C OP2   
403 O  "O5'" . DG  C 5 ? 0.1341 0.0851 0.0720 0.0035  0.0078  -0.0210 5  DG  C "O5'" 
404 C  "C5'" . DG  C 5 ? 0.1153 0.0802 0.0745 -0.0119 0.0075  -0.0182 5  DG  C "C5'" 
405 C  "C4'" . DG  C 5 ? 0.1140 0.0736 0.0747 -0.0297 0.0032  -0.0201 5  DG  C "C4'" 
406 O  "O4'" . DG  C 5 ? 0.1215 0.0535 0.0827 -0.0139 0.0206  -0.0139 5  DG  C "O4'" 
407 C  "C3'" . DG  C 5 ? 0.1265 0.0622 0.0706 -0.0221 -0.0033 -0.0072 5  DG  C "C3'" 
408 O  "O3'" . DG  C 5 ? 0.1275 0.0731 0.0780 -0.0322 -0.0066 -0.0080 5  DG  C "O3'" 
409 C  "C2'" . DG  C 5 ? 0.1205 0.0618 0.0755 -0.0198 -0.0026 0.0058  5  DG  C "C2'" 
410 C  "C1'" . DG  C 5 ? 0.1133 0.0735 0.0759 -0.0148 0.0111  -0.0036 5  DG  C "C1'" 
411 N  N9    . DG  C 5 ? 0.1014 0.0443 0.0763 -0.0174 0.0073  -0.0183 5  DG  C N9    
412 C  C8    . DG  C 5 ? 0.1028 0.0712 0.0876 -0.0003 0.0136  -0.0208 5  DG  C C8    
413 N  N7    . DG  C 5 ? 0.0895 0.0655 0.0960 0.0012  0.0095  -0.0126 5  DG  C N7    
414 C  C5    . DG  C 5 ? 0.0833 0.0503 0.0784 -0.0103 0.0052  -0.0062 5  DG  C C5    
415 C  C6    . DG  C 5 ? 0.0770 0.0585 0.0742 -0.0126 -0.0017 0.0025  5  DG  C C6    
416 O  O6    . DG  C 5 ? 0.1041 0.0539 0.0834 -0.0029 -0.0091 0.0002  5  DG  C O6    
417 N  N1    . DG  C 5 ? 0.0828 0.0426 0.0624 -0.0094 0.0057  -0.0063 5  DG  C N1    
418 C  C2    . DG  C 5 ? 0.0796 0.0510 0.0733 -0.0110 -0.0023 -0.0004 5  DG  C C2    
419 N  N2    . DG  C 5 ? 0.0967 0.0571 0.0857 -0.0026 0.0063  -0.0180 5  DG  C N2    
420 N  N3    . DG  C 5 ? 0.0918 0.0398 0.0713 -0.0136 -0.0013 -0.0065 5  DG  C N3    
421 C  C4    . DG  C 5 ? 0.0828 0.0601 0.0702 -0.0152 -0.0033 -0.0094 5  DG  C C4    
422 P  P     . DC  C 6 ? 0.1348 0.0705 0.0798 -0.0401 0.0020  -0.0147 6  DC  C P     
423 O  OP1   . DC  C 6 ? 0.1650 0.0943 0.0764 -0.0420 0.0125  -0.0118 6  DC  C OP1   
424 O  OP2   . DC  C 6 ? 0.1372 0.0791 0.0956 -0.0127 0.0096  -0.0167 6  DC  C OP2   
425 O  "O5'" . DC  C 6 ? 0.1325 0.0819 0.0654 -0.0358 -0.0135 0.0159  6  DC  C "O5'" 
426 C  "C5'" . DC  C 6 ? 0.1356 0.0868 0.0698 -0.0320 -0.0157 0.0173  6  DC  C "C5'" 
427 C  "C4'" . DC  C 6 ? 0.1270 0.0765 0.0679 -0.0283 -0.0237 0.0070  6  DC  C "C4'" 
428 O  "O4'" . DC  C 6 ? 0.1370 0.0635 0.0661 -0.0144 -0.0122 0.0056  6  DC  C "O4'" 
429 C  "C3'" . DC  C 6 ? 0.1160 0.0703 0.0756 -0.0229 -0.0181 0.0074  6  DC  C "C3'" 
430 O  "O3'" . DC  C 6 ? 0.1138 0.0897 0.0819 -0.0249 -0.0167 0.0016  6  DC  C "O3'" 
431 C  "C2'" . DC  C 6 ? 0.1280 0.0683 0.0729 -0.0430 -0.0249 0.0077  6  DC  C "C2'" 
432 C  "C1'" . DC  C 6 ? 0.1120 0.0849 0.0665 -0.0185 -0.0024 0.0025  6  DC  C "C1'" 
433 N  N1    . DC  C 6 ? 0.1181 0.0440 0.0621 -0.0008 -0.0066 -0.0057 6  DC  C N1    
434 C  C2    . DC  C 6 ? 0.1103 0.0575 0.0612 -0.0374 0.0093  0.0110  6  DC  C C2    
435 O  O2    . DC  C 6 ? 0.1253 0.0769 0.0733 0.0115  -0.0046 -0.0029 6  DC  C O2    
436 N  N3    . DC  C 6 ? 0.1157 0.0334 0.0551 -0.0119 0.0059  0.0022  6  DC  C N3    
437 C  C4    . DC  C 6 ? 0.1080 0.0242 0.0884 -0.0334 0.0050  -0.0205 6  DC  C C4    
438 N  N4    . DC  C 6 ? 0.1201 0.0631 0.0939 -0.0177 -0.0100 -0.0198 6  DC  C N4    
439 C  C5    . DC  C 6 ? 0.0952 0.0703 0.0931 -0.0362 0.0068  -0.0270 6  DC  C C5    
440 C  C6    . DC  C 6 ? 0.1043 0.0855 0.0864 -0.0098 0.0029  -0.0007 6  DC  C C6    
441 P  P     . DG  C 7 ? 0.1285 0.0948 0.0934 -0.0316 -0.0341 0.0049  7  DG  C P     
442 O  OP1   . DG  C 7 ? 0.1260 0.1070 0.1274 -0.0281 -0.0495 0.0097  7  DG  C OP1   
443 O  OP2   . DG  C 7 ? 0.1786 0.1022 0.0800 -0.0451 -0.0466 0.0140  7  DG  C OP2   
444 O  "O5'" . DG  C 7 ? 0.1294 0.0914 0.0730 -0.0390 -0.0359 0.0083  7  DG  C "O5'" 
445 C  "C5'" . DG  C 7 ? 0.1358 0.0969 0.0714 -0.0239 -0.0253 -0.0008 7  DG  C "C5'" 
446 C  "C4'" . DG  C 7 ? 0.1444 0.0853 0.0893 -0.0377 -0.0361 0.0086  7  DG  C "C4'" 
447 O  "O4'" . DG  C 7 ? 0.1407 0.0645 0.0851 -0.0371 -0.0435 -0.0009 7  DG  C "O4'" 
448 C  "C3'" . DG  C 7 ? 0.1666 0.0616 0.1164 -0.0670 -0.0416 0.0048  7  DG  C "C3'" 
449 O  "O3'" . DG  C 7 ? 0.1934 0.1271 0.1550 -0.1048 -0.0371 0.0214  7  DG  C "O3'" 
450 C  "C2'" . DG  C 7 ? 0.1863 0.0550 0.0902 -0.0476 -0.0339 0.0036  7  DG  C "C2'" 
451 C  "C1'" . DG  C 7 ? 0.1536 0.0569 0.0806 -0.0378 -0.0289 0.0084  7  DG  C "C1'" 
452 N  N9    . DG  C 7 ? 0.2000 0.0448 0.0658 -0.0483 -0.0281 -0.0040 7  DG  C N9    
453 C  C8    . DG  C 7 ? 0.1898 0.0652 0.0720 -0.0420 -0.0368 0.0047  7  DG  C C8    
454 N  N7    . DG  C 7 ? 0.2204 0.0869 0.0689 -0.0560 -0.0374 0.0114  7  DG  C N7    
455 C  C5    . DG  C 7 ? 0.2122 0.0823 0.0588 -0.0618 -0.0227 0.0145  7  DG  C C5    
456 C  C6    . DG  C 7 ? 0.2064 0.0944 0.0535 -0.0596 0.0080  -0.0059 7  DG  C C6    
457 O  O6    . DG  C 7 ? 0.2743 0.1397 0.0687 -0.1026 -0.0071 0.0300  7  DG  C O6    
458 N  N1    . DG  C 7 ? 0.1726 0.1025 0.0623 -0.0635 0.0120  -0.0035 7  DG  C N1    
459 C  C2    . DG  C 7 ? 0.1533 0.0735 0.0527 -0.0368 0.0042  -0.0121 7  DG  C C2    
460 N  N2    . DG  C 7 ? 0.1164 0.0776 0.0703 -0.0338 0.0033  -0.0080 7  DG  C N2    
461 N  N3    . DG  C 7 ? 0.1544 0.0819 0.0507 -0.0494 0.0054  -0.0141 7  DG  C N3    
462 C  C4    . DG  C 7 ? 0.1784 0.0724 0.0520 -0.0481 -0.0085 -0.0019 7  DG  C C4    
463 O  "O5'" . DC  D 1 ? 0.1555 0.1590 0.1840 0.0213  0.0346  -0.0042 1  DC  D "O5'" 
464 C  "C5'" . DC  D 1 ? 0.1485 0.1746 0.1533 -0.0018 0.0100  0.0063  1  DC  D "C5'" 
465 C  "C4'" . DC  D 1 ? 0.1524 0.1325 0.1273 -0.0196 0.0000  -0.0111 1  DC  D "C4'" 
466 O  "O4'" . DC  D 1 ? 0.1534 0.1211 0.1272 -0.0170 -0.0012 -0.0032 1  DC  D "O4'" 
467 C  "C3'" . DC  D 1 ? 0.1620 0.0827 0.1295 -0.0177 -0.0102 0.0123  1  DC  D "C3'" 
468 O  "O3'" . DC  D 1 ? 0.2185 0.0866 0.1353 -0.0130 -0.0134 0.0219  1  DC  D "O3'" 
469 C  "C2'" . DC  D 1 ? 0.1532 0.0804 0.1259 -0.0084 -0.0014 0.0079  1  DC  D "C2'" 
470 C  "C1'" . DC  D 1 ? 0.1481 0.1068 0.1286 -0.0079 -0.0024 0.0010  1  DC  D "C1'" 
471 N  N1    . DC  D 1 ? 0.1451 0.1318 0.1312 -0.0042 0.0033  0.0162  1  DC  D N1    
472 C  C2    . DC  D 1 ? 0.1535 0.1537 0.1741 -0.0072 0.0138  0.0362  1  DC  D C2    
473 O  O2    . DC  D 1 ? 0.1551 0.2362 0.2912 0.0349  0.0544  0.1155  1  DC  D O2    
474 N  N3    . DC  D 1 ? 0.1615 0.1621 0.1659 -0.0060 0.0264  0.0335  1  DC  D N3    
475 C  C4    . DC  D 1 ? 0.1750 0.1337 0.1441 -0.0029 0.0144  0.0122  1  DC  D C4    
476 N  N4    . DC  D 1 ? 0.2024 0.1087 0.1298 -0.0067 0.0208  -0.0072 1  DC  D N4    
477 C  C5    . DC  D 1 ? 0.1589 0.1272 0.1468 -0.0122 -0.0115 0.0190  1  DC  D C5    
478 C  C6    . DC  D 1 ? 0.1568 0.1214 0.1582 0.0046  0.0056  0.0227  1  DC  D C6    
479 P  P     . DG  D 2 ? 0.2084 0.0927 0.1410 -0.0174 -0.0037 0.0263  2  DG  D P     
480 O  OP1   . DG  D 2 ? 0.2055 0.1403 0.2322 -0.0307 -0.0499 0.1059  2  DG  D OP1   
481 O  OP2   . DG  D 2 ? 0.2508 0.0943 0.1346 0.0064  -0.0073 0.0186  2  DG  D OP2   
482 O  "O5'" . DG  D 2 ? 0.2085 0.0997 0.1202 -0.0047 0.0143  0.0188  2  DG  D "O5'" 
483 C  "C5'" . DG  D 2 ? 0.2027 0.0993 0.1273 -0.0116 0.0235  0.0108  2  DG  D "C5'" 
484 C  "C4'" . DG  D 2 ? 0.1598 0.0849 0.1143 -0.0214 0.0357  0.0015  2  DG  D "C4'" 
485 O  "O4'" . DG  D 2 ? 0.1432 0.0663 0.1076 -0.0197 0.0305  -0.0149 2  DG  D "O4'" 
486 C  "C3'" . DG  D 2 ? 0.1488 0.1052 0.0958 -0.0085 0.0247  -0.0129 2  DG  D "C3'" 
487 O  "O3'" . DG  D 2 ? 0.1294 0.0956 0.0964 -0.0259 0.0359  -0.0156 2  DG  D "O3'" 
488 C  "C2'" . DG  D 2 ? 0.1273 0.0701 0.1043 0.0062  0.0158  -0.0252 2  DG  D "C2'" 
489 C  "C1'" . DG  D 2 ? 0.1109 0.0654 0.0905 -0.0117 0.0045  -0.0021 2  DG  D "C1'" 
490 N  N9    . DG  D 2 ? 0.1264 0.0526 0.0699 0.0007  0.0067  0.0061  2  DG  D N9    
491 C  C8    . DG  D 2 ? 0.1192 0.0926 0.0635 0.0034  0.0009  -0.0121 2  DG  D C8    
492 N  N7    . DG  D 2 ? 0.1245 0.0676 0.0668 0.0037  0.0102  0.0072  2  DG  D N7    
493 C  C5    . DG  D 2 ? 0.1185 0.0405 0.0669 -0.0068 0.0017  0.0032  2  DG  D C5    
494 C  C6    . DG  D 2 ? 0.1338 0.0315 0.0632 0.0010  -0.0061 -0.0133 2  DG  D C6    
495 O  O6    . DG  D 2 ? 0.1336 0.0650 0.0660 0.0026  0.0041  -0.0021 2  DG  D O6    
496 N  N1    . DG  D 2 ? 0.1309 0.0284 0.0629 -0.0084 -0.0005 -0.0043 2  DG  D N1    
497 C  C2    . DG  D 2 ? 0.1276 0.0398 0.0678 -0.0085 -0.0022 0.0049  2  DG  D C2    
498 N  N2    . DG  D 2 ? 0.1317 0.0512 0.0719 -0.0207 -0.0085 0.0168  2  DG  D N2    
499 N  N3    . DG  D 2 ? 0.1228 0.0375 0.0703 -0.0058 0.0006  0.0033  2  DG  D N3    
500 C  C4    . DG  D 2 ? 0.1240 0.0471 0.0676 -0.0066 -0.0025 -0.0028 2  DG  D C4    
501 P  P     . DC  D 3 ? 0.1275 0.1038 0.1081 -0.0195 0.0451  -0.0177 3  DC  D P     
502 O  OP1   . DC  D 3 ? 0.1350 0.1967 0.1562 -0.0249 0.0891  -0.0766 3  DC  D OP1   
503 O  OP2   . DC  D 3 ? 0.2172 0.1057 0.0980 -0.0077 0.0108  -0.0285 3  DC  D OP2   
504 O  "O5'" . DC  D 3 ? 0.0818 0.0819 0.1193 -0.0010 0.0195  -0.0042 3  DC  D "O5'" 
505 C  "C5'" . DC  D 3 ? 0.0812 0.0571 0.1209 0.0074  0.0131  -0.0227 3  DC  D "C5'" 
506 C  "C4'" . DC  D 3 ? 0.0899 0.0620 0.1038 -0.0001 -0.0069 -0.0171 3  DC  D "C4'" 
507 O  "O4'" . DC  D 3 ? 0.0933 0.0546 0.1049 -0.0178 0.0094  -0.0295 3  DC  D "O4'" 
508 C  "C3'" . DC  D 3 ? 0.1062 0.0535 0.0790 -0.0007 0.0133  -0.0150 3  DC  D "C3'" 
509 O  "O3'" . DC  D 3 ? 0.0956 0.0676 0.0913 0.0111  0.0267  0.0008  3  DC  D "O3'" 
510 C  "C2'" . DC  D 3 ? 0.1017 0.0375 0.0770 -0.0087 0.0002  -0.0120 3  DC  D "C2'" 
511 C  "C1'" . DC  D 3 ? 0.0942 0.0511 0.1000 -0.0069 0.0035  -0.0305 3  DC  D "C1'" 
512 N  N1    . DC  D 3 ? 0.0943 0.0647 0.0799 -0.0027 0.0054  -0.0174 3  DC  D N1    
513 C  C2    . DC  D 3 ? 0.1038 0.0297 0.0791 -0.0198 0.0141  -0.0076 3  DC  D C2    
514 O  O2    . DC  D 3 ? 0.1113 0.0535 0.0785 0.0050  0.0066  -0.0271 3  DC  D O2    
515 N  N3    . DC  D 3 ? 0.0947 0.0309 0.0771 -0.0227 0.0118  -0.0123 3  DC  D N3    
516 C  C4    . DC  D 3 ? 0.0924 0.0612 0.0802 -0.0237 0.0040  -0.0191 3  DC  D C4    
517 N  N4    . DC  D 3 ? 0.1143 0.0959 0.0894 0.0098  0.0086  0.0042  3  DC  D N4    
518 C  C5    . DC  D 3 ? 0.1055 0.1062 0.0815 0.0090  0.0015  -0.0091 3  DC  D C5    
519 C  C6    . DC  D 3 ? 0.0935 0.1030 0.0820 -0.0035 -0.0052 -0.0254 3  DC  D C6    
520 P  P     . DA  D 4 ? 0.0863 0.0557 0.0880 -0.0093 0.0219  -0.0058 4  DA  D P     
521 O  OP1   . DA  D 4 ? 0.0829 0.0776 0.1018 -0.0108 0.0297  -0.0072 4  DA  D OP1   
522 O  OP2   . DA  D 4 ? 0.1051 0.0536 0.0903 -0.0132 0.0172  -0.0032 4  DA  D OP2   
523 O  "O5'" . DA  D 4 ? 0.1018 0.0486 0.0932 -0.0043 0.0133  -0.0075 4  DA  D "O5'" 
524 C  "C5'" . DA  D 4 ? 0.0879 0.0593 0.0931 -0.0209 0.0123  0.0012  4  DA  D "C5'" 
525 C  "C4'" . DA  D 4 ? 0.0813 0.0560 0.0972 -0.0204 0.0165  -0.0104 4  DA  D "C4'" 
526 O  "O4'" . DA  D 4 ? 0.0835 0.0518 0.1085 -0.0178 0.0181  0.0011  4  DA  D "O4'" 
527 C  "C3'" . DA  D 4 ? 0.0801 0.0612 0.0934 -0.0137 0.0058  0.0071  4  DA  D "C3'" 
528 O  "O3'" . DA  D 4 ? 0.0728 0.0746 0.0884 -0.0249 0.0024  -0.0002 4  DA  D "O3'" 
529 C  "C2'" . DA  D 4 ? 0.0797 0.0553 0.0807 -0.0182 0.0065  0.0170  4  DA  D "C2'" 
530 C  "C1'" . DA  D 4 ? 0.0749 0.0620 0.0902 -0.0171 0.0120  0.0117  4  DA  D "C1'" 
531 N  N9    . DA  D 4 ? 0.0744 0.0584 0.0753 -0.0118 0.0109  -0.0053 4  DA  D N9    
532 C  C8    . DA  D 4 ? 0.0711 0.0715 0.0797 -0.0210 0.0107  -0.0085 4  DA  D C8    
533 N  N7    . DA  D 4 ? 0.0878 0.0667 0.0764 -0.0029 0.0069  -0.0121 4  DA  D N7    
534 C  C5    . DA  D 4 ? 0.0737 0.0567 0.0756 -0.0110 0.0101  -0.0060 4  DA  D C5    
535 C  C6    . DA  D 4 ? 0.0733 0.0554 0.0808 -0.0098 0.0057  -0.0046 4  DA  D C6    
536 N  N6    . DA  D 4 ? 0.0939 0.0512 0.0997 -0.0042 -0.0137 -0.0209 4  DA  D N6    
537 N  N1    . DA  D 4 ? 0.0955 0.0518 0.0809 -0.0072 0.0168  -0.0196 4  DA  D N1    
538 C  C2    . DA  D 4 ? 0.0969 0.0471 0.0730 -0.0146 0.0212  -0.0103 4  DA  D C2    
539 N  N3    . DA  D 4 ? 0.0971 0.0462 0.0758 -0.0086 0.0138  -0.0099 4  DA  D N3    
540 C  C4    . DA  D 4 ? 0.0737 0.0347 0.0806 -0.0168 0.0130  -0.0048 4  DA  D C4    
541 P  P     . DC  D 5 ? 0.0738 0.0913 0.1072 -0.0192 -0.0008 0.0240  5  DC  D P     
542 O  OP1   . DC  D 5 ? 0.0777 0.1495 0.1298 -0.0152 -0.0163 0.0462  5  DC  D OP1   
543 O  OP2   . DC  D 5 ? 0.0835 0.0773 0.1410 0.0014  0.0086  0.0023  5  DC  D OP2   
544 O  "O5'" . DC  D 5 ? 0.0741 0.0832 0.0862 -0.0255 -0.0043 0.0077  5  DC  D "O5'" 
545 C  "C5'" . DC  D 5 ? 0.0857 0.0836 0.0831 -0.0309 -0.0043 0.0110  5  DC  D "C5'" 
546 C  "C4'" . DC  D 5 ? 0.0834 0.0758 0.0934 -0.0242 0.0046  0.0040  5  DC  D "C4'" 
547 O  "O4'" . DC  D 5 ? 0.0929 0.0626 0.1137 -0.0268 -0.0148 0.0043  5  DC  D "O4'" 
548 C  "C3'" . DC  D 5 ? 0.0770 0.0692 0.1002 -0.0151 0.0196  0.0086  5  DC  D "C3'" 
549 O  "O3'" . DC  D 5 ? 0.0902 0.0845 0.1005 -0.0196 0.0141  0.0060  5  DC  D "O3'" 
550 C  "C2'" . DC  D 5 ? 0.0845 0.0718 0.0975 -0.0287 0.0239  0.0065  5  DC  D "C2'" 
551 C  "C1'" . DC  D 5 ? 0.0705 0.0805 0.0862 -0.0159 0.0163  -0.0038 5  DC  D "C1'" 
552 N  N1    . DC  D 5 ? 0.0733 0.0703 0.0774 -0.0128 0.0115  -0.0211 5  DC  D N1    
553 C  C2    . DC  D 5 ? 0.0634 0.0591 0.0905 -0.0217 0.0156  -0.0197 5  DC  D C2    
554 O  O2    . DC  D 5 ? 0.0817 0.0831 0.0927 -0.0026 0.0193  -0.0199 5  DC  D O2    
555 N  N3    . DC  D 5 ? 0.0619 0.0427 0.0950 -0.0203 0.0144  -0.0134 5  DC  D N3    
556 C  C4    . DC  D 5 ? 0.0756 0.0444 0.0890 -0.0168 0.0106  -0.0284 5  DC  D C4    
557 N  N4    . DC  D 5 ? 0.0830 0.1356 0.0942 -0.0014 0.0122  -0.0097 5  DC  D N4    
558 C  C5    . DC  D 5 ? 0.0709 0.0713 0.0785 -0.0205 0.0146  -0.0365 5  DC  D C5    
559 C  C6    . DC  D 5 ? 0.0593 0.0673 0.0875 -0.0267 0.0151  -0.0214 5  DC  D C6    
560 P  P     . DG  D 6 ? 0.0857 0.0980 0.0883 -0.0223 0.0063  0.0120  6  DG  D P     
561 O  OP1   . DG  D 6 ? 0.1065 0.1267 0.0948 -0.0376 -0.0103 0.0017  6  DG  D OP1   
562 O  OP2   . DG  D 6 ? 0.0868 0.0982 0.1149 -0.0077 0.0092  0.0157  6  DG  D OP2   
563 O  "O5'" . DG  D 6 ? 0.0814 0.0714 0.0940 -0.0162 0.0045  0.0066  6  DG  D "O5'" 
564 C  "C5'" . DG  D 6 ? 0.0830 0.1130 0.0867 -0.0120 -0.0022 -0.0102 6  DG  D "C5'" 
565 C  "C4'" . DG  D 6 ? 0.0778 0.0854 0.0755 -0.0073 0.0048  0.0049  6  DG  D "C4'" 
566 O  "O4'" . DG  D 6 ? 0.0756 0.0543 0.0831 -0.0099 -0.0003 0.0017  6  DG  D "O4'" 
567 C  "C3'" . DG  D 6 ? 0.0703 0.0838 0.0958 -0.0022 0.0010  0.0205  6  DG  D "C3'" 
568 O  "O3'" . DG  D 6 ? 0.0807 0.1246 0.1087 -0.0258 0.0023  0.0246  6  DG  D "O3'" 
569 C  "C2'" . DG  D 6 ? 0.0923 0.0533 0.0992 -0.0108 0.0043  0.0151  6  DG  D "C2'" 
570 C  "C1'" . DG  D 6 ? 0.0661 0.0609 0.0788 -0.0112 0.0036  -0.0022 6  DG  D "C1'" 
571 N  N9    . DG  D 6 ? 0.0603 0.0424 0.0849 -0.0082 0.0078  -0.0002 6  DG  D N9    
572 C  C8    . DG  D 6 ? 0.0581 0.0769 0.0800 -0.0129 0.0034  -0.0145 6  DG  D C8    
573 N  N7    . DG  D 6 ? 0.0640 0.0732 0.0686 -0.0174 -0.0008 -0.0241 6  DG  D N7    
574 C  C5    . DG  D 6 ? 0.0617 0.0428 0.0777 -0.0269 0.0059  -0.0102 6  DG  D C5    
575 C  C6    . DG  D 6 ? 0.0736 0.0652 0.0745 -0.0168 0.0005  -0.0054 6  DG  D C6    
576 O  O6    . DG  D 6 ? 0.0898 0.0834 0.0705 -0.0258 0.0037  -0.0121 6  DG  D O6    
577 N  N1    . DG  D 6 ? 0.0769 0.0547 0.0695 -0.0140 -0.0081 -0.0186 6  DG  D N1    
578 C  C2    . DG  D 6 ? 0.0787 0.0493 0.0768 -0.0023 -0.0034 -0.0165 6  DG  D C2    
579 N  N2    . DG  D 6 ? 0.0761 0.0602 0.0823 -0.0012 -0.0016 0.0002  6  DG  D N2    
580 N  N3    . DG  D 6 ? 0.0674 0.0398 0.0788 -0.0063 0.0060  -0.0050 6  DG  D N3    
581 C  C4    . DG  D 6 ? 0.0726 0.0309 0.0808 -0.0085 0.0078  -0.0016 6  DG  D C4    
582 P  P     . DC  D 7 ? 0.1266 0.1338 0.1357 -0.0399 0.0051  0.0403  7  DC  D P     
583 O  OP1   . DC  D 7 ? 0.1703 0.2633 0.1215 -0.0479 -0.0038 0.0625  7  DC  D OP1   
584 O  OP2   . DC  D 7 ? 0.1550 0.1258 0.2234 -0.0177 0.0305  0.0345  7  DC  D OP2   
585 O  "O5'" . DC  D 7 ? 0.1227 0.1547 0.1430 -0.0499 0.0313  0.0122  7  DC  D "O5'" 
586 C  "C5'" . DC  D 7 ? 0.1488 0.1892 0.1272 -0.0376 0.0276  -0.0313 7  DC  D "C5'" 
587 C  "C4'" . DC  D 7 ? 0.1499 0.1473 0.1187 -0.0292 0.0403  -0.0022 7  DC  D "C4'" 
588 O  "O4'" . DC  D 7 ? 0.1832 0.1015 0.1241 -0.0298 0.0507  -0.0109 7  DC  D "O4'" 
589 C  "C3'" . DC  D 7 ? 0.1347 0.1666 0.1371 -0.0368 0.0325  0.0138  7  DC  D "C3'" 
590 O  "O3'" . DC  D 7 ? 0.1352 0.2773 0.1908 -0.0146 0.0272  -0.0590 7  DC  D "O3'" 
591 C  "C2'" . DC  D 7 ? 0.1120 0.1505 0.1509 -0.0510 0.0342  0.0020  7  DC  D "C2'" 
592 C  "C1'" . DC  D 7 ? 0.1256 0.1267 0.1177 -0.0066 0.0250  -0.0009 7  DC  D "C1'" 
593 N  N1    . DC  D 7 ? 0.0883 0.0818 0.0939 -0.0185 -0.0070 0.0053  7  DC  D N1    
594 C  C2    . DC  D 7 ? 0.0662 0.0686 0.0978 -0.0143 -0.0033 0.0022  7  DC  D C2    
595 O  O2    . DC  D 7 ? 0.0805 0.0914 0.0921 0.0048  0.0072  -0.0015 7  DC  D O2    
596 N  N3    . DC  D 7 ? 0.0629 0.0589 0.0994 -0.0230 -0.0003 -0.0079 7  DC  D N3    
597 C  C4    . DC  D 7 ? 0.0728 0.0579 0.0901 -0.0151 -0.0010 -0.0068 7  DC  D C4    
598 N  N4    . DC  D 7 ? 0.0735 0.0578 0.1056 -0.0234 0.0042  -0.0108 7  DC  D N4    
599 C  C5    . DC  D 7 ? 0.0837 0.0613 0.0952 -0.0285 -0.0124 -0.0104 7  DC  D C5    
600 C  C6    . DC  D 7 ? 0.0911 0.0695 0.0882 -0.0236 -0.0099 0.0090  7  DC  D C6    
601 CO CO    A NCO E . ? 0.1060 0.1225 0.1631 0.0176  -0.0223 0.0013  63 NCO A CO    
602 CO CO    B NCO E . ? 0.1608 0.1853 0.1689 0.0056  0.0036  0.0078  63 NCO A CO    
603 N  N1    A NCO E . ? 0.1413 0.1577 0.1689 -0.0070 0.0059  0.0052  63 NCO A N1    
604 N  N1    B NCO E . ? 0.1707 0.1699 0.1699 0.0001  0.0013  0.0008  63 NCO A N1    
605 N  N2    A NCO E . ? 0.1509 0.1544 0.1505 0.0033  -0.0056 0.0015  63 NCO A N2    
606 N  N2    B NCO E . ? 0.1639 0.1641 0.1704 -0.0007 0.0005  0.0014  63 NCO A N2    
607 N  N3    A NCO E . ? 0.1346 0.1456 0.1590 0.0000  -0.0003 0.0068  63 NCO A N3    
608 N  N3    B NCO E . ? 0.1651 0.1640 0.1638 0.0039  -0.0019 -0.0006 63 NCO A N3    
609 N  N4    A NCO E . ? 0.1613 0.1529 0.1547 0.0057  -0.0006 -0.0047 63 NCO A N4    
610 N  N4    B NCO E . ? 0.1677 0.1675 0.1699 0.0010  0.0016  0.0024  63 NCO A N4    
611 N  N5    A NCO E . ? 0.1576 0.1335 0.1515 0.0086  -0.0075 0.0074  63 NCO A N5    
612 N  N5    B NCO E . ? 0.1701 0.1666 0.1681 -0.0008 -0.0011 0.0003  63 NCO A N5    
613 N  N6    A NCO E . ? 0.1484 0.1376 0.1663 0.0132  0.0009  0.0132  63 NCO A N6    
614 N  N6    B NCO E . ? 0.1640 0.1686 0.1667 -0.0007 -0.0002 -0.0015 63 NCO A N6    
615 CO CO    . NCO F . ? 0.0836 0.0636 0.1017 -0.0224 0.0093  -0.0120 61 NCO B CO    
616 N  N1    . NCO F . ? 0.0926 0.0767 0.0973 -0.0116 0.0040  0.0027  61 NCO B N1    
617 N  N2    . NCO F . ? 0.1033 0.0935 0.1075 -0.0146 -0.0041 -0.0126 61 NCO B N2    
618 N  N3    . NCO F . ? 0.0938 0.0874 0.0920 -0.0098 0.0018  -0.0127 61 NCO B N3    
619 N  N4    . NCO F . ? 0.0762 0.0781 0.0829 -0.0101 0.0023  -0.0041 61 NCO B N4    
620 N  N5    . NCO F . ? 0.0979 0.0738 0.1047 -0.0079 0.0025  -0.0103 61 NCO B N5    
621 N  N6    . NCO F . ? 0.0871 0.0912 0.0912 -0.0178 -0.0032 0.0034  61 NCO B N6    
622 CO CO    . NCO G . ? 0.1173 0.1501 0.1613 0.0005  -0.0345 -0.0058 65 NCO B CO    
623 N  N1    . NCO G . ? 0.1509 0.1293 0.1244 -0.0095 -0.0177 -0.0036 65 NCO B N1    
624 N  N2    . NCO G . ? 0.1446 0.1472 0.1521 -0.0066 -0.0060 -0.0013 65 NCO B N2    
625 N  N3    . NCO G . ? 0.1484 0.1535 0.1544 -0.0033 -0.0055 0.0004  65 NCO B N3    
626 N  N4    . NCO G . ? 0.1337 0.1280 0.1321 0.0091  -0.0039 0.0023  65 NCO B N4    
627 N  N5    . NCO G . ? 0.1490 0.1319 0.1345 -0.0021 -0.0009 0.0032  65 NCO B N5    
628 N  N6    . NCO G . ? 0.1484 0.1489 0.1484 -0.0006 -0.0117 0.0048  65 NCO B N6    
629 CO CO    . NCO H . ? 0.2065 0.1268 0.0813 -0.0425 -0.0188 -0.0143 64 NCO C CO    
630 N  N1    . NCO H . ? 0.1429 0.1328 0.1261 -0.0028 -0.0039 -0.0078 64 NCO C N1    
631 N  N2    . NCO H . ? 0.1617 0.1475 0.1364 0.0032  -0.0063 -0.0093 64 NCO C N2    
632 N  N3    . NCO H . ? 0.1710 0.1633 0.1395 0.0040  0.0052  -0.0194 64 NCO C N3    
633 N  N4    . NCO H . ? 0.1597 0.1545 0.1513 0.0048  0.0050  -0.0071 64 NCO C N4    
634 N  N5    . NCO H . ? 0.1719 0.1508 0.1460 0.0031  -0.0049 0.0061  64 NCO C N5    
635 N  N6    . NCO H . ? 0.1623 0.1423 0.1587 0.0103  0.0031  0.0022  64 NCO C N6    
636 CO CO    . NCO I . ? 0.1213 0.0744 0.0817 -0.0433 0.0068  -0.0151 66 NCO C CO    
637 N  N1    . NCO I . ? 0.0982 0.0987 0.0917 0.0003  0.0013  -0.0032 66 NCO C N1    
638 N  N2    . NCO I . ? 0.0931 0.0936 0.0925 -0.0017 0.0033  -0.0018 66 NCO C N2    
639 N  N3    . NCO I . ? 0.0935 0.0941 0.0920 -0.0026 0.0037  -0.0010 66 NCO C N3    
640 N  N4    . NCO I . ? 0.0975 0.1070 0.1001 -0.0028 -0.0014 -0.0015 66 NCO C N4    
641 N  N5    . NCO I . ? 0.1002 0.0978 0.0937 0.0015  0.0001  0.0007  66 NCO C N5    
642 N  N6    . NCO I . ? 0.0952 0.0948 0.0972 -0.0030 0.0027  -0.0015 66 NCO C N6    
643 CO CO    . NCO J . ? 0.1976 0.2411 0.1722 -0.0351 -0.0165 -0.0369 67 NCO C CO    
644 N  N1    . NCO J . ? 0.1784 0.1772 0.1729 0.0027  -0.0038 -0.0006 67 NCO C N1    
645 N  N2    . NCO J . ? 0.1761 0.1728 0.1722 0.0007  0.0046  -0.0012 67 NCO C N2    
646 CO CO    . NCO K . ? 0.1251 0.0704 0.0780 -0.0087 -0.0130 0.0066  62 NCO D CO    
647 N  N1    . NCO K . ? 0.1116 0.0888 0.1073 -0.0001 0.0018  0.0098  62 NCO D N1    
648 N  N2    . NCO K . ? 0.1158 0.1020 0.0984 -0.0077 -0.0064 0.0078  62 NCO D N2    
649 N  N3    . NCO K . ? 0.1169 0.1090 0.1115 -0.0091 -0.0066 0.0025  62 NCO D N3    
650 N  N4    . NCO K . ? 0.1185 0.0923 0.1059 -0.0032 -0.0012 0.0090  62 NCO D N4    
651 N  N5    . NCO K . ? 0.1133 0.0922 0.1055 0.0010  0.0018  -0.0038 62 NCO D N5    
652 N  N6    . NCO K . ? 0.1401 0.1011 0.1089 0.0085  -0.0042 -0.0030 62 NCO D N6    
# 
